data_3KP8
# 
_entry.id   3KP8 
# 
_audit_conform.dict_name       mmcif_pdbx.dic 
_audit_conform.dict_version    5.399 
_audit_conform.dict_location   http://mmcif.pdb.org/dictionaries/ascii/mmcif_pdbx.dic 
# 
loop_
_database_2.database_id 
_database_2.database_code 
_database_2.pdbx_database_accession 
_database_2.pdbx_DOI 
PDB   3KP8         pdb_00003kp8 10.2210/pdb3kp8/pdb 
RCSB  RCSB056274   ?            ?                   
WWPDB D_1000056274 ?            ?                   
# 
loop_
_pdbx_audit_revision_history.ordinal 
_pdbx_audit_revision_history.data_content_type 
_pdbx_audit_revision_history.major_revision 
_pdbx_audit_revision_history.minor_revision 
_pdbx_audit_revision_history.revision_date 
1 'Structure model' 1 0 2010-03-02 
2 'Structure model' 1 1 2011-07-13 
3 'Structure model' 1 2 2024-11-20 
# 
_pdbx_audit_revision_details.ordinal             1 
_pdbx_audit_revision_details.revision_ordinal    1 
_pdbx_audit_revision_details.data_content_type   'Structure model' 
_pdbx_audit_revision_details.provider            repository 
_pdbx_audit_revision_details.type                'Initial release' 
_pdbx_audit_revision_details.description         ? 
_pdbx_audit_revision_details.details             ? 
# 
loop_
_pdbx_audit_revision_group.ordinal 
_pdbx_audit_revision_group.revision_ordinal 
_pdbx_audit_revision_group.data_content_type 
_pdbx_audit_revision_group.group 
1 2 'Structure model' 'Version format compliance' 
2 3 'Structure model' 'Data collection'           
3 3 'Structure model' 'Database references'       
4 3 'Structure model' 'Structure summary'         
# 
loop_
_pdbx_audit_revision_category.ordinal 
_pdbx_audit_revision_category.revision_ordinal 
_pdbx_audit_revision_category.data_content_type 
_pdbx_audit_revision_category.category 
1 3 'Structure model' chem_comp_atom            
2 3 'Structure model' chem_comp_bond            
3 3 'Structure model' database_2                
4 3 'Structure model' pdbx_entry_details        
5 3 'Structure model' pdbx_modification_feature 
6 3 'Structure model' struct_ref_seq_dif        
# 
loop_
_pdbx_audit_revision_item.ordinal 
_pdbx_audit_revision_item.revision_ordinal 
_pdbx_audit_revision_item.data_content_type 
_pdbx_audit_revision_item.item 
1 3 'Structure model' '_database_2.pdbx_DOI'                
2 3 'Structure model' '_database_2.pdbx_database_accession' 
3 3 'Structure model' '_struct_ref_seq_dif.details'         
# 
_pdbx_database_status.status_code                     REL 
_pdbx_database_status.entry_id                        3KP8 
_pdbx_database_status.recvd_initial_deposition_date   2009-11-15 
_pdbx_database_status.deposit_site                    RCSB 
_pdbx_database_status.process_site                    RCSB 
_pdbx_database_status.status_code_sf                  REL 
_pdbx_database_status.status_code_mr                  ? 
_pdbx_database_status.SG_entry                        ? 
_pdbx_database_status.pdb_format_compatible           Y 
_pdbx_database_status.status_code_cs                  ? 
_pdbx_database_status.status_code_nmr_data            ? 
_pdbx_database_status.methods_development_category    ? 
# 
_pdbx_database_related.db_name        PDB 
_pdbx_database_related.db_id          3KP9 
_pdbx_database_related.details        'Structure of a bacterial homolog of vitamin K epoxide reductase' 
_pdbx_database_related.content_type   unspecified 
# 
loop_
_audit_author.name 
_audit_author.pdbx_ordinal 
'Li, W.'         1 
'Schulman, S.'   2 
'Dutton, R.J.'   3 
'Boyd, D.'       4 
'Beckwith, J.'   5 
'Rapoport, T.A.' 6 
# 
_citation.id                        primary 
_citation.title                     'Structure of a bacterial homologue of vitamin K epoxide reductase.' 
_citation.journal_abbrev            Nature 
_citation.journal_volume            463 
_citation.page_first                507 
_citation.page_last                 512 
_citation.year                      2010 
_citation.journal_id_ASTM           NATUAS 
_citation.country                   UK 
_citation.journal_id_ISSN           0028-0836 
_citation.journal_id_CSD            0006 
_citation.book_publisher            ? 
_citation.pdbx_database_id_PubMed   20110994 
_citation.pdbx_database_id_DOI      10.1038/nature08720 
# 
loop_
_citation_author.citation_id 
_citation_author.name 
_citation_author.ordinal 
_citation_author.identifier_ORCID 
primary 'Li, W.'         1 ? 
primary 'Schulman, S.'   2 ? 
primary 'Dutton, R.J.'   3 ? 
primary 'Boyd, D.'       4 ? 
primary 'Beckwith, J.'   5 ? 
primary 'Rapoport, T.A.' 6 ? 
# 
loop_
_entity.id 
_entity.type 
_entity.src_method 
_entity.pdbx_description 
_entity.formula_weight 
_entity.pdbx_number_of_molecules 
_entity.pdbx_ec 
_entity.pdbx_mutation 
_entity.pdbx_fragment 
_entity.details 
1 polymer man 'VKORC1/thioredoxin domain protein' 11570.846 1  ? ? 'residues 186-283' ? 
2 water   nat water                               18.015    53 ? ? ?                  ? 
# 
_entity_poly.entity_id                      1 
_entity_poly.type                           'polypeptide(L)' 
_entity_poly.nstd_linkage                   no 
_entity_poly.nstd_monomer                   no 
_entity_poly.pdbx_seq_one_letter_code       
;SPLAVGLAAHLRQIGGTMYGAYWCPHCQDQKELFGAAFDQVPYVECSPNGPGTPQAQECTEAGITSYPTWIINGRTYTGV
RSLEALAVASGYPLEEGRLEHHHHHH
;
_entity_poly.pdbx_seq_one_letter_code_can   
;SPLAVGLAAHLRQIGGTMYGAYWCPHCQDQKELFGAAFDQVPYVECSPNGPGTPQAQECTEAGITSYPTWIINGRTYTGV
RSLEALAVASGYPLEEGRLEHHHHHH
;
_entity_poly.pdbx_strand_id                 A 
_entity_poly.pdbx_target_identifier         ? 
# 
_pdbx_entity_nonpoly.entity_id   2 
_pdbx_entity_nonpoly.name        water 
_pdbx_entity_nonpoly.comp_id     HOH 
# 
loop_
_entity_poly_seq.entity_id 
_entity_poly_seq.num 
_entity_poly_seq.mon_id 
_entity_poly_seq.hetero 
1 1   SER n 
1 2   PRO n 
1 3   LEU n 
1 4   ALA n 
1 5   VAL n 
1 6   GLY n 
1 7   LEU n 
1 8   ALA n 
1 9   ALA n 
1 10  HIS n 
1 11  LEU n 
1 12  ARG n 
1 13  GLN n 
1 14  ILE n 
1 15  GLY n 
1 16  GLY n 
1 17  THR n 
1 18  MET n 
1 19  TYR n 
1 20  GLY n 
1 21  ALA n 
1 22  TYR n 
1 23  TRP n 
1 24  CYS n 
1 25  PRO n 
1 26  HIS n 
1 27  CYS n 
1 28  GLN n 
1 29  ASP n 
1 30  GLN n 
1 31  LYS n 
1 32  GLU n 
1 33  LEU n 
1 34  PHE n 
1 35  GLY n 
1 36  ALA n 
1 37  ALA n 
1 38  PHE n 
1 39  ASP n 
1 40  GLN n 
1 41  VAL n 
1 42  PRO n 
1 43  TYR n 
1 44  VAL n 
1 45  GLU n 
1 46  CYS n 
1 47  SER n 
1 48  PRO n 
1 49  ASN n 
1 50  GLY n 
1 51  PRO n 
1 52  GLY n 
1 53  THR n 
1 54  PRO n 
1 55  GLN n 
1 56  ALA n 
1 57  GLN n 
1 58  GLU n 
1 59  CYS n 
1 60  THR n 
1 61  GLU n 
1 62  ALA n 
1 63  GLY n 
1 64  ILE n 
1 65  THR n 
1 66  SER n 
1 67  TYR n 
1 68  PRO n 
1 69  THR n 
1 70  TRP n 
1 71  ILE n 
1 72  ILE n 
1 73  ASN n 
1 74  GLY n 
1 75  ARG n 
1 76  THR n 
1 77  TYR n 
1 78  THR n 
1 79  GLY n 
1 80  VAL n 
1 81  ARG n 
1 82  SER n 
1 83  LEU n 
1 84  GLU n 
1 85  ALA n 
1 86  LEU n 
1 87  ALA n 
1 88  VAL n 
1 89  ALA n 
1 90  SER n 
1 91  GLY n 
1 92  TYR n 
1 93  PRO n 
1 94  LEU n 
1 95  GLU n 
1 96  GLU n 
1 97  GLY n 
1 98  ARG n 
1 99  LEU n 
1 100 GLU n 
1 101 HIS n 
1 102 HIS n 
1 103 HIS n 
1 104 HIS n 
1 105 HIS n 
1 106 HIS n 
# 
_entity_src_gen.entity_id                          1 
_entity_src_gen.pdbx_src_id                        1 
_entity_src_gen.pdbx_alt_source_flag               sample 
_entity_src_gen.pdbx_seq_type                      ? 
_entity_src_gen.pdbx_beg_seq_num                   ? 
_entity_src_gen.pdbx_end_seq_num                   ? 
_entity_src_gen.gene_src_common_name               ? 
_entity_src_gen.gene_src_genus                     ? 
_entity_src_gen.pdbx_gene_src_gene                 CYB_2278 
_entity_src_gen.gene_src_species                   ? 
_entity_src_gen.gene_src_strain                    "JA-2-3B'a(2-13)" 
_entity_src_gen.gene_src_tissue                    ? 
_entity_src_gen.gene_src_tissue_fraction           ? 
_entity_src_gen.gene_src_details                   ? 
_entity_src_gen.pdbx_gene_src_fragment             ? 
_entity_src_gen.pdbx_gene_src_scientific_name      'Synechococcus sp.' 
_entity_src_gen.pdbx_gene_src_ncbi_taxonomy_id     321332 
_entity_src_gen.pdbx_gene_src_variant              ? 
_entity_src_gen.pdbx_gene_src_cell_line            ? 
_entity_src_gen.pdbx_gene_src_atcc                 ? 
_entity_src_gen.pdbx_gene_src_organ                ? 
_entity_src_gen.pdbx_gene_src_organelle            ? 
_entity_src_gen.pdbx_gene_src_cell                 ? 
_entity_src_gen.pdbx_gene_src_cellular_location    ? 
_entity_src_gen.host_org_common_name               ? 
_entity_src_gen.pdbx_host_org_scientific_name      'Escherichia coli' 
_entity_src_gen.pdbx_host_org_ncbi_taxonomy_id     562 
_entity_src_gen.host_org_genus                     ? 
_entity_src_gen.pdbx_host_org_gene                 ? 
_entity_src_gen.pdbx_host_org_organ                ? 
_entity_src_gen.host_org_species                   ? 
_entity_src_gen.pdbx_host_org_tissue               ? 
_entity_src_gen.pdbx_host_org_tissue_fraction      ? 
_entity_src_gen.pdbx_host_org_strain               ? 
_entity_src_gen.pdbx_host_org_variant              ? 
_entity_src_gen.pdbx_host_org_cell_line            ? 
_entity_src_gen.pdbx_host_org_atcc                 ? 
_entity_src_gen.pdbx_host_org_culture_collection   ? 
_entity_src_gen.pdbx_host_org_cell                 ? 
_entity_src_gen.pdbx_host_org_organelle            ? 
_entity_src_gen.pdbx_host_org_cellular_location    ? 
_entity_src_gen.pdbx_host_org_vector_type          ? 
_entity_src_gen.pdbx_host_org_vector               ? 
_entity_src_gen.host_org_details                   ? 
_entity_src_gen.expression_system_id               ? 
_entity_src_gen.plasmid_name                       ? 
_entity_src_gen.plasmid_details                    ? 
_entity_src_gen.pdbx_description                   ? 
# 
loop_
_chem_comp.id 
_chem_comp.type 
_chem_comp.mon_nstd_flag 
_chem_comp.name 
_chem_comp.pdbx_synonyms 
_chem_comp.formula 
_chem_comp.formula_weight 
ALA 'L-peptide linking' y ALANINE         ? 'C3 H7 N O2'     89.093  
ARG 'L-peptide linking' y ARGININE        ? 'C6 H15 N4 O2 1' 175.209 
ASN 'L-peptide linking' y ASPARAGINE      ? 'C4 H8 N2 O3'    132.118 
ASP 'L-peptide linking' y 'ASPARTIC ACID' ? 'C4 H7 N O4'     133.103 
CYS 'L-peptide linking' y CYSTEINE        ? 'C3 H7 N O2 S'   121.158 
GLN 'L-peptide linking' y GLUTAMINE       ? 'C5 H10 N2 O3'   146.144 
GLU 'L-peptide linking' y 'GLUTAMIC ACID' ? 'C5 H9 N O4'     147.129 
GLY 'peptide linking'   y GLYCINE         ? 'C2 H5 N O2'     75.067  
HIS 'L-peptide linking' y HISTIDINE       ? 'C6 H10 N3 O2 1' 156.162 
HOH non-polymer         . WATER           ? 'H2 O'           18.015  
ILE 'L-peptide linking' y ISOLEUCINE      ? 'C6 H13 N O2'    131.173 
LEU 'L-peptide linking' y LEUCINE         ? 'C6 H13 N O2'    131.173 
LYS 'L-peptide linking' y LYSINE          ? 'C6 H15 N2 O2 1' 147.195 
MET 'L-peptide linking' y METHIONINE      ? 'C5 H11 N O2 S'  149.211 
PHE 'L-peptide linking' y PHENYLALANINE   ? 'C9 H11 N O2'    165.189 
PRO 'L-peptide linking' y PROLINE         ? 'C5 H9 N O2'     115.130 
SER 'L-peptide linking' y SERINE          ? 'C3 H7 N O3'     105.093 
THR 'L-peptide linking' y THREONINE       ? 'C4 H9 N O3'     119.119 
TRP 'L-peptide linking' y TRYPTOPHAN      ? 'C11 H12 N2 O2'  204.225 
TYR 'L-peptide linking' y TYROSINE        ? 'C9 H11 N O3'    181.189 
VAL 'L-peptide linking' y VALINE          ? 'C5 H11 N O2'    117.146 
# 
loop_
_pdbx_poly_seq_scheme.asym_id 
_pdbx_poly_seq_scheme.entity_id 
_pdbx_poly_seq_scheme.seq_id 
_pdbx_poly_seq_scheme.mon_id 
_pdbx_poly_seq_scheme.ndb_seq_num 
_pdbx_poly_seq_scheme.pdb_seq_num 
_pdbx_poly_seq_scheme.auth_seq_num 
_pdbx_poly_seq_scheme.pdb_mon_id 
_pdbx_poly_seq_scheme.auth_mon_id 
_pdbx_poly_seq_scheme.pdb_strand_id 
_pdbx_poly_seq_scheme.pdb_ins_code 
_pdbx_poly_seq_scheme.hetero 
A 1 1   SER 1   186 186 SER SER A . n 
A 1 2   PRO 2   187 187 PRO PRO A . n 
A 1 3   LEU 3   188 188 LEU LEU A . n 
A 1 4   ALA 4   189 189 ALA ALA A . n 
A 1 5   VAL 5   190 190 VAL VAL A . n 
A 1 6   GLY 6   191 191 GLY GLY A . n 
A 1 7   LEU 7   192 192 LEU LEU A . n 
A 1 8   ALA 8   193 193 ALA ALA A . n 
A 1 9   ALA 9   194 194 ALA ALA A . n 
A 1 10  HIS 10  195 195 HIS HIS A . n 
A 1 11  LEU 11  196 196 LEU LEU A . n 
A 1 12  ARG 12  197 197 ARG ARG A . n 
A 1 13  GLN 13  198 198 GLN GLN A . n 
A 1 14  ILE 14  199 199 ILE ILE A . n 
A 1 15  GLY 15  200 200 GLY GLY A . n 
A 1 16  GLY 16  201 201 GLY GLY A . n 
A 1 17  THR 17  202 202 THR THR A . n 
A 1 18  MET 18  203 203 MET MET A . n 
A 1 19  TYR 19  204 204 TYR TYR A . n 
A 1 20  GLY 20  205 205 GLY GLY A . n 
A 1 21  ALA 21  206 206 ALA ALA A . n 
A 1 22  TYR 22  207 207 TYR TYR A . n 
A 1 23  TRP 23  208 208 TRP TRP A . n 
A 1 24  CYS 24  209 209 CYS CYS A . n 
A 1 25  PRO 25  210 210 PRO PRO A . n 
A 1 26  HIS 26  211 211 HIS HIS A . n 
A 1 27  CYS 27  212 212 CYS CYS A . n 
A 1 28  GLN 28  213 213 GLN GLN A . n 
A 1 29  ASP 29  214 214 ASP ASP A . n 
A 1 30  GLN 30  215 215 GLN GLN A . n 
A 1 31  LYS 31  216 216 LYS LYS A . n 
A 1 32  GLU 32  217 217 GLU GLU A . n 
A 1 33  LEU 33  218 218 LEU LEU A . n 
A 1 34  PHE 34  219 219 PHE PHE A . n 
A 1 35  GLY 35  220 220 GLY GLY A . n 
A 1 36  ALA 36  221 221 ALA ALA A . n 
A 1 37  ALA 37  222 222 ALA ALA A . n 
A 1 38  PHE 38  223 223 PHE PHE A . n 
A 1 39  ASP 39  224 224 ASP ASP A . n 
A 1 40  GLN 40  225 225 GLN GLN A . n 
A 1 41  VAL 41  226 226 VAL VAL A . n 
A 1 42  PRO 42  227 227 PRO PRO A . n 
A 1 43  TYR 43  228 228 TYR TYR A . n 
A 1 44  VAL 44  229 229 VAL VAL A . n 
A 1 45  GLU 45  230 230 GLU GLU A . n 
A 1 46  CYS 46  231 231 CYS CYS A . n 
A 1 47  SER 47  232 232 SER SER A . n 
A 1 48  PRO 48  233 233 PRO PRO A . n 
A 1 49  ASN 49  234 234 ASN ASN A . n 
A 1 50  GLY 50  235 235 GLY GLY A . n 
A 1 51  PRO 51  236 236 PRO PRO A . n 
A 1 52  GLY 52  237 237 GLY GLY A . n 
A 1 53  THR 53  238 238 THR THR A . n 
A 1 54  PRO 54  239 239 PRO PRO A . n 
A 1 55  GLN 55  240 240 GLN GLN A . n 
A 1 56  ALA 56  241 241 ALA ALA A . n 
A 1 57  GLN 57  242 242 GLN GLN A . n 
A 1 58  GLU 58  243 243 GLU GLU A . n 
A 1 59  CYS 59  244 244 CYS CYS A . n 
A 1 60  THR 60  245 245 THR THR A . n 
A 1 61  GLU 61  246 246 GLU GLU A . n 
A 1 62  ALA 62  247 247 ALA ALA A . n 
A 1 63  GLY 63  248 248 GLY GLY A . n 
A 1 64  ILE 64  249 249 ILE ILE A . n 
A 1 65  THR 65  250 250 THR THR A . n 
A 1 66  SER 66  251 251 SER SER A . n 
A 1 67  TYR 67  252 252 TYR TYR A . n 
A 1 68  PRO 68  253 253 PRO PRO A . n 
A 1 69  THR 69  254 254 THR THR A . n 
A 1 70  TRP 70  255 255 TRP TRP A . n 
A 1 71  ILE 71  256 256 ILE ILE A . n 
A 1 72  ILE 72  257 257 ILE ILE A . n 
A 1 73  ASN 73  258 258 ASN ASN A . n 
A 1 74  GLY 74  259 259 GLY GLY A . n 
A 1 75  ARG 75  260 260 ARG ARG A . n 
A 1 76  THR 76  261 261 THR THR A . n 
A 1 77  TYR 77  262 262 TYR TYR A . n 
A 1 78  THR 78  263 263 THR THR A . n 
A 1 79  GLY 79  264 264 GLY GLY A . n 
A 1 80  VAL 80  265 265 VAL VAL A . n 
A 1 81  ARG 81  266 266 ARG ARG A . n 
A 1 82  SER 82  267 267 SER SER A . n 
A 1 83  LEU 83  268 268 LEU LEU A . n 
A 1 84  GLU 84  269 269 GLU GLU A . n 
A 1 85  ALA 85  270 270 ALA ALA A . n 
A 1 86  LEU 86  271 271 LEU LEU A . n 
A 1 87  ALA 87  272 272 ALA ALA A . n 
A 1 88  VAL 88  273 273 VAL VAL A . n 
A 1 89  ALA 89  274 274 ALA ALA A . n 
A 1 90  SER 90  275 275 SER SER A . n 
A 1 91  GLY 91  276 276 GLY GLY A . n 
A 1 92  TYR 92  277 277 TYR TYR A . n 
A 1 93  PRO 93  278 278 PRO PRO A . n 
A 1 94  LEU 94  279 279 LEU LEU A . n 
A 1 95  GLU 95  280 ?   ?   ?   A . n 
A 1 96  GLU 96  281 ?   ?   ?   A . n 
A 1 97  GLY 97  282 ?   ?   ?   A . n 
A 1 98  ARG 98  283 ?   ?   ?   A . n 
A 1 99  LEU 99  284 ?   ?   ?   A . n 
A 1 100 GLU 100 285 ?   ?   ?   A . n 
A 1 101 HIS 101 286 ?   ?   ?   A . n 
A 1 102 HIS 102 287 ?   ?   ?   A . n 
A 1 103 HIS 103 288 ?   ?   ?   A . n 
A 1 104 HIS 104 289 ?   ?   ?   A . n 
A 1 105 HIS 105 290 ?   ?   ?   A . n 
A 1 106 HIS 106 291 ?   ?   ?   A . n 
# 
loop_
_pdbx_nonpoly_scheme.asym_id 
_pdbx_nonpoly_scheme.entity_id 
_pdbx_nonpoly_scheme.mon_id 
_pdbx_nonpoly_scheme.ndb_seq_num 
_pdbx_nonpoly_scheme.pdb_seq_num 
_pdbx_nonpoly_scheme.auth_seq_num 
_pdbx_nonpoly_scheme.pdb_mon_id 
_pdbx_nonpoly_scheme.auth_mon_id 
_pdbx_nonpoly_scheme.pdb_strand_id 
_pdbx_nonpoly_scheme.pdb_ins_code 
B 2 HOH 1  1  1  HOH HOH A . 
B 2 HOH 2  2  2  HOH HOH A . 
B 2 HOH 3  3  3  HOH HOH A . 
B 2 HOH 4  4  4  HOH HOH A . 
B 2 HOH 5  5  5  HOH HOH A . 
B 2 HOH 6  6  6  HOH HOH A . 
B 2 HOH 7  7  7  HOH HOH A . 
B 2 HOH 8  8  8  HOH HOH A . 
B 2 HOH 9  9  9  HOH HOH A . 
B 2 HOH 10 10 10 HOH HOH A . 
B 2 HOH 11 11 11 HOH HOH A . 
B 2 HOH 12 12 12 HOH HOH A . 
B 2 HOH 13 13 13 HOH HOH A . 
B 2 HOH 14 14 14 HOH HOH A . 
B 2 HOH 15 15 15 HOH HOH A . 
B 2 HOH 16 16 16 HOH HOH A . 
B 2 HOH 17 17 17 HOH HOH A . 
B 2 HOH 18 18 18 HOH HOH A . 
B 2 HOH 19 19 19 HOH HOH A . 
B 2 HOH 20 20 20 HOH HOH A . 
B 2 HOH 21 21 21 HOH HOH A . 
B 2 HOH 22 22 22 HOH HOH A . 
B 2 HOH 23 23 23 HOH HOH A . 
B 2 HOH 24 24 24 HOH HOH A . 
B 2 HOH 25 25 25 HOH HOH A . 
B 2 HOH 26 26 26 HOH HOH A . 
B 2 HOH 27 27 27 HOH HOH A . 
B 2 HOH 28 28 28 HOH HOH A . 
B 2 HOH 29 29 29 HOH HOH A . 
B 2 HOH 30 30 30 HOH HOH A . 
B 2 HOH 31 31 31 HOH HOH A . 
B 2 HOH 32 32 32 HOH HOH A . 
B 2 HOH 33 33 33 HOH HOH A . 
B 2 HOH 34 34 34 HOH HOH A . 
B 2 HOH 35 35 35 HOH HOH A . 
B 2 HOH 36 36 36 HOH HOH A . 
B 2 HOH 37 37 37 HOH HOH A . 
B 2 HOH 38 38 38 HOH HOH A . 
B 2 HOH 39 39 39 HOH HOH A . 
B 2 HOH 40 40 40 HOH HOH A . 
B 2 HOH 41 41 41 HOH HOH A . 
B 2 HOH 42 42 42 HOH HOH A . 
B 2 HOH 43 43 43 HOH HOH A . 
B 2 HOH 44 45 45 HOH HOH A . 
B 2 HOH 45 46 46 HOH HOH A . 
B 2 HOH 46 47 47 HOH HOH A . 
B 2 HOH 47 48 48 HOH HOH A . 
B 2 HOH 48 49 49 HOH HOH A . 
B 2 HOH 49 50 50 HOH HOH A . 
B 2 HOH 50 52 52 HOH HOH A . 
B 2 HOH 51 53 53 HOH HOH A . 
B 2 HOH 52 54 54 HOH HOH A . 
B 2 HOH 53 55 55 HOH HOH A . 
# 
loop_
_software.name 
_software.classification 
_software.version 
_software.citation_id 
_software.pdbx_ordinal 
HKL-2000 'data collection' .        ? 1 
SHELXS   phasing           .        ? 2 
REFMAC   refinement        5.5.0070 ? 3 
HKL-2000 'data reduction'  .        ? 4 
HKL-2000 'data scaling'    .        ? 5 
# 
_cell.entry_id           3KP8 
_cell.length_a           57.088 
_cell.length_b           57.088 
_cell.length_c           57.830 
_cell.angle_alpha        90.00 
_cell.angle_beta         90.00 
_cell.angle_gamma        90.00 
_cell.Z_PDB              8 
_cell.pdbx_unique_axis   ? 
_cell.length_a_esd       ? 
_cell.length_b_esd       ? 
_cell.length_c_esd       ? 
_cell.angle_alpha_esd    ? 
_cell.angle_beta_esd     ? 
_cell.angle_gamma_esd    ? 
# 
_symmetry.entry_id                         3KP8 
_symmetry.space_group_name_H-M             'P 42 21 2' 
_symmetry.pdbx_full_space_group_name_H-M   ? 
_symmetry.cell_setting                     ? 
_symmetry.Int_Tables_number                94 
_symmetry.space_group_name_Hall            ? 
# 
_exptl.entry_id          3KP8 
_exptl.method            'X-RAY DIFFRACTION' 
_exptl.crystals_number   1 
# 
_exptl_crystal.id                    1 
_exptl_crystal.density_meas          ? 
_exptl_crystal.density_Matthews      2.04 
_exptl_crystal.density_percent_sol   39.59 
_exptl_crystal.description           ? 
_exptl_crystal.F_000                 ? 
_exptl_crystal.preparation           ? 
# 
_exptl_crystal_grow.crystal_id      1 
_exptl_crystal_grow.method          EVAPORATION 
_exptl_crystal_grow.temp            298 
_exptl_crystal_grow.temp_details    ? 
_exptl_crystal_grow.pH              7.8 
_exptl_crystal_grow.pdbx_details    '0.6M sodium potassium tartrate, 10% PEG MME 5000, pH 7.8, EVAPORATION, temperature 298K' 
_exptl_crystal_grow.pdbx_pH_range   ? 
# 
_diffrn.id                     1 
_diffrn.ambient_temp           200 
_diffrn.ambient_temp_details   ? 
_diffrn.crystal_id             1 
# 
_diffrn_detector.diffrn_id              1 
_diffrn_detector.detector               CCD 
_diffrn_detector.type                   'ADSC QUANTUM 315' 
_diffrn_detector.pdbx_collection_date   2008-11-20 
_diffrn_detector.details                ? 
# 
_diffrn_radiation.diffrn_id                        1 
_diffrn_radiation.wavelength_id                    1 
_diffrn_radiation.pdbx_monochromatic_or_laue_m_l   M 
_diffrn_radiation.monochromator                    ? 
_diffrn_radiation.pdbx_diffrn_protocol             'SINGLE WAVELENGTH' 
_diffrn_radiation.pdbx_scattering_type             x-ray 
# 
_diffrn_radiation_wavelength.id           1 
_diffrn_radiation_wavelength.wavelength   . 
_diffrn_radiation_wavelength.wt           1.0 
# 
_diffrn_source.diffrn_id                   1 
_diffrn_source.source                      SYNCHROTRON 
_diffrn_source.type                        'APS BEAMLINE 24-ID-C' 
_diffrn_source.pdbx_synchrotron_site       APS 
_diffrn_source.pdbx_synchrotron_beamline   24-ID-C 
_diffrn_source.pdbx_wavelength             ? 
_diffrn_source.pdbx_wavelength_list        ? 
# 
_reflns.entry_id                     3KP8 
_reflns.observed_criterion_sigma_I   1.0 
_reflns.observed_criterion_sigma_F   1.0 
_reflns.d_resolution_low             50 
_reflns.d_resolution_high            1.66 
_reflns.number_obs                   11819 
_reflns.number_all                   11831 
_reflns.percent_possible_obs         99.9 
_reflns.pdbx_Rmerge_I_obs            ? 
_reflns.pdbx_Rsym_value              ? 
_reflns.pdbx_netI_over_sigmaI        ? 
_reflns.B_iso_Wilson_estimate        ? 
_reflns.pdbx_redundancy              ? 
_reflns.R_free_details               ? 
_reflns.limit_h_max                  ? 
_reflns.limit_h_min                  ? 
_reflns.limit_k_max                  ? 
_reflns.limit_k_min                  ? 
_reflns.limit_l_max                  ? 
_reflns.limit_l_min                  ? 
_reflns.observed_criterion_F_max     ? 
_reflns.observed_criterion_F_min     ? 
_reflns.pdbx_chi_squared             ? 
_reflns.pdbx_scaling_rejects         ? 
_reflns.pdbx_diffrn_id               1 
_reflns.pdbx_ordinal                 1 
# 
_refine.entry_id                                 3KP8 
_refine.ls_number_reflns_obs                     11208 
_refine.ls_number_reflns_all                     11819 
_refine.pdbx_ls_sigma_I                          ? 
_refine.pdbx_ls_sigma_F                          1.5 
_refine.pdbx_data_cutoff_high_absF               ? 
_refine.pdbx_data_cutoff_low_absF                ? 
_refine.pdbx_data_cutoff_high_rms_absF           ? 
_refine.ls_d_res_low                             33.10 
_refine.ls_d_res_high                            1.66 
_refine.ls_percent_reflns_obs                    99.87 
_refine.ls_R_factor_obs                          0.19527 
_refine.ls_R_factor_all                          ? 
_refine.ls_R_factor_R_work                       0.19441 
_refine.ls_R_factor_R_free                       0.21214 
_refine.ls_R_factor_R_free_error                 ? 
_refine.ls_R_factor_R_free_error_details         ? 
_refine.ls_percent_reflns_R_free                 4.8 
_refine.ls_number_reflns_R_free                  565 
_refine.ls_number_parameters                     ? 
_refine.ls_number_restraints                     ? 
_refine.occupancy_min                            ? 
_refine.occupancy_max                            ? 
_refine.correlation_coeff_Fo_to_Fc               0.954 
_refine.correlation_coeff_Fo_to_Fc_free          0.954 
_refine.B_iso_mean                               19.564 
_refine.aniso_B[1][1]                            0.52 
_refine.aniso_B[2][2]                            0.52 
_refine.aniso_B[3][3]                            -1.03 
_refine.aniso_B[1][2]                            0.00 
_refine.aniso_B[1][3]                            0.00 
_refine.aniso_B[2][3]                            0.00 
_refine.solvent_model_details                    MASK 
_refine.solvent_model_param_ksol                 ? 
_refine.solvent_model_param_bsol                 ? 
_refine.pdbx_solvent_vdw_probe_radii             1.40 
_refine.pdbx_solvent_ion_probe_radii             0.80 
_refine.pdbx_solvent_shrinkage_radii             0.80 
_refine.pdbx_ls_cross_valid_method               THROUGHOUT 
_refine.details                                  'HYDROGENS HAVE BEEN ADDED IN THE RIDING POSITIONS' 
_refine.pdbx_starting_model                      ? 
_refine.pdbx_method_to_determine_struct          SAD 
_refine.pdbx_isotropic_thermal_model             ? 
_refine.pdbx_stereochemistry_target_values       'MAXIMUM LIKELIHOOD' 
_refine.pdbx_stereochem_target_val_spec_case     ? 
_refine.pdbx_R_Free_selection_details            RANDOM 
_refine.pdbx_overall_ESU_R                       0.136 
_refine.pdbx_overall_ESU_R_Free                  0.093 
_refine.overall_SU_ML                            0.060 
_refine.overall_SU_B                             3.862 
_refine.ls_redundancy_reflns_obs                 ? 
_refine.B_iso_min                                ? 
_refine.B_iso_max                                ? 
_refine.overall_SU_R_Cruickshank_DPI             ? 
_refine.overall_SU_R_free                        ? 
_refine.ls_wR_factor_R_free                      ? 
_refine.ls_wR_factor_R_work                      ? 
_refine.overall_FOM_free_R_set                   ? 
_refine.overall_FOM_work_R_set                   ? 
_refine.pdbx_overall_phase_error                 ? 
_refine.pdbx_refine_id                           'X-RAY DIFFRACTION' 
_refine.pdbx_diffrn_id                           1 
_refine.pdbx_TLS_residual_ADP_flag               ? 
_refine.pdbx_overall_SU_R_free_Cruickshank_DPI   ? 
_refine.pdbx_overall_SU_R_Blow_DPI               ? 
_refine.pdbx_overall_SU_R_free_Blow_DPI          ? 
# 
_refine_hist.pdbx_refine_id                   'X-RAY DIFFRACTION' 
_refine_hist.cycle_id                         LAST 
_refine_hist.pdbx_number_atoms_protein        704 
_refine_hist.pdbx_number_atoms_nucleic_acid   0 
_refine_hist.pdbx_number_atoms_ligand         0 
_refine_hist.number_atoms_solvent             53 
_refine_hist.number_atoms_total               757 
_refine_hist.d_res_high                       1.66 
_refine_hist.d_res_low                        33.10 
# 
loop_
_refine_ls_restr.type 
_refine_ls_restr.dev_ideal 
_refine_ls_restr.dev_ideal_target 
_refine_ls_restr.weight 
_refine_ls_restr.number 
_refine_ls_restr.pdbx_refine_id 
_refine_ls_restr.pdbx_restraint_function 
r_bond_refined_d             0.009  0.022  ? 726 'X-RAY DIFFRACTION' ? 
r_bond_other_d               ?      ?      ? ?   'X-RAY DIFFRACTION' ? 
r_angle_refined_deg          1.136  1.952  ? 995 'X-RAY DIFFRACTION' ? 
r_angle_other_deg            ?      ?      ? ?   'X-RAY DIFFRACTION' ? 
r_dihedral_angle_1_deg       4.943  5.000  ? 93  'X-RAY DIFFRACTION' ? 
r_dihedral_angle_2_deg       37.684 24.000 ? 30  'X-RAY DIFFRACTION' ? 
r_dihedral_angle_3_deg       11.942 15.000 ? 97  'X-RAY DIFFRACTION' ? 
r_dihedral_angle_4_deg       21.850 15.000 ? 3   'X-RAY DIFFRACTION' ? 
r_chiral_restr               0.072  0.200  ? 106 'X-RAY DIFFRACTION' ? 
r_gen_planes_refined         0.005  0.022  ? 573 'X-RAY DIFFRACTION' ? 
r_gen_planes_other           ?      ?      ? ?   'X-RAY DIFFRACTION' ? 
r_nbd_refined                ?      ?      ? ?   'X-RAY DIFFRACTION' ? 
r_nbd_other                  ?      ?      ? ?   'X-RAY DIFFRACTION' ? 
r_nbtor_refined              ?      ?      ? ?   'X-RAY DIFFRACTION' ? 
r_nbtor_other                ?      ?      ? ?   'X-RAY DIFFRACTION' ? 
r_xyhbond_nbd_refined        ?      ?      ? ?   'X-RAY DIFFRACTION' ? 
r_xyhbond_nbd_other          ?      ?      ? ?   'X-RAY DIFFRACTION' ? 
r_metal_ion_refined          ?      ?      ? ?   'X-RAY DIFFRACTION' ? 
r_metal_ion_other            ?      ?      ? ?   'X-RAY DIFFRACTION' ? 
r_symmetry_vdw_refined       ?      ?      ? ?   'X-RAY DIFFRACTION' ? 
r_symmetry_vdw_other         ?      ?      ? ?   'X-RAY DIFFRACTION' ? 
r_symmetry_hbond_refined     ?      ?      ? ?   'X-RAY DIFFRACTION' ? 
r_symmetry_hbond_other       ?      ?      ? ?   'X-RAY DIFFRACTION' ? 
r_symmetry_metal_ion_refined ?      ?      ? ?   'X-RAY DIFFRACTION' ? 
r_symmetry_metal_ion_other   ?      ?      ? ?   'X-RAY DIFFRACTION' ? 
r_mcbond_it                  0.767  1.500  ? 466 'X-RAY DIFFRACTION' ? 
r_mcbond_other               ?      ?      ? ?   'X-RAY DIFFRACTION' ? 
r_mcangle_it                 1.389  2.000  ? 745 'X-RAY DIFFRACTION' ? 
r_scbond_it                  1.909  3.000  ? 260 'X-RAY DIFFRACTION' ? 
r_scangle_it                 2.997  4.500  ? 250 'X-RAY DIFFRACTION' ? 
r_rigid_bond_restr           1.071  3.000  ? 726 'X-RAY DIFFRACTION' ? 
r_sphericity_free            3.720  3.000  ? 53  'X-RAY DIFFRACTION' ? 
r_sphericity_bonded          2.252  3.000  ? 704 'X-RAY DIFFRACTION' ? 
# 
_refine_ls_shell.pdbx_total_number_of_bins_used   20 
_refine_ls_shell.d_res_high                       1.66 
_refine_ls_shell.d_res_low                        1.704 
_refine_ls_shell.number_reflns_R_work             807 
_refine_ls_shell.R_factor_R_work                  0.243 
_refine_ls_shell.percent_reflns_obs               100.00 
_refine_ls_shell.R_factor_R_free                  0.337 
_refine_ls_shell.R_factor_R_free_error            ? 
_refine_ls_shell.percent_reflns_R_free            ? 
_refine_ls_shell.number_reflns_R_free             42 
_refine_ls_shell.number_reflns_all                ? 
_refine_ls_shell.R_factor_all                     ? 
_refine_ls_shell.number_reflns_obs                ? 
_refine_ls_shell.redundancy_reflns_obs            ? 
_refine_ls_shell.pdbx_refine_id                   'X-RAY DIFFRACTION' 
# 
_struct.entry_id                  3KP8 
_struct.title                     'The thioredoxin-like domain of a VKOR homolog from Synechococcus sp.' 
_struct.pdbx_model_details        ? 
_struct.pdbx_CASP_flag            ? 
_struct.pdbx_model_type_details   ? 
# 
_struct_keywords.entry_id        3KP8 
_struct_keywords.pdbx_keywords   OXIDOREDUCTASE 
_struct_keywords.text            'Blood Coagulation, Disulfide formation, Redox partner, OXIDOREDUCTASE' 
# 
loop_
_struct_asym.id 
_struct_asym.pdbx_blank_PDB_chainid_flag 
_struct_asym.pdbx_modified 
_struct_asym.entity_id 
_struct_asym.details 
A N N 1 ? 
B N N 2 ? 
# 
_struct_ref.id                         1 
_struct_ref.db_name                    UNP 
_struct_ref.db_code                    Q2JJF6_SYNJB 
_struct_ref.pdbx_db_accession          Q2JJF6 
_struct_ref.entity_id                  1 
_struct_ref.pdbx_seq_one_letter_code   
;SPLAVGLAAHLRQIGGTMYGAYWCPHCQDQKELFGAAFDQVPYVECSPNGPGTPQAQECTEAGITSYPTWIINGRTYTGV
RSLEALAVASGYPLEEGR
;
_struct_ref.pdbx_align_begin           186 
_struct_ref.pdbx_db_isoform            ? 
# 
_struct_ref_seq.align_id                      1 
_struct_ref_seq.ref_id                        1 
_struct_ref_seq.pdbx_PDB_id_code              3KP8 
_struct_ref_seq.pdbx_strand_id                A 
_struct_ref_seq.seq_align_beg                 1 
_struct_ref_seq.pdbx_seq_align_beg_ins_code   ? 
_struct_ref_seq.seq_align_end                 98 
_struct_ref_seq.pdbx_seq_align_end_ins_code   ? 
_struct_ref_seq.pdbx_db_accession             Q2JJF6 
_struct_ref_seq.db_align_beg                  186 
_struct_ref_seq.pdbx_db_align_beg_ins_code    ? 
_struct_ref_seq.db_align_end                  283 
_struct_ref_seq.pdbx_db_align_end_ins_code    ? 
_struct_ref_seq.pdbx_auth_seq_align_beg       186 
_struct_ref_seq.pdbx_auth_seq_align_end       283 
# 
loop_
_struct_ref_seq_dif.align_id 
_struct_ref_seq_dif.pdbx_pdb_id_code 
_struct_ref_seq_dif.mon_id 
_struct_ref_seq_dif.pdbx_pdb_strand_id 
_struct_ref_seq_dif.seq_num 
_struct_ref_seq_dif.pdbx_pdb_ins_code 
_struct_ref_seq_dif.pdbx_seq_db_name 
_struct_ref_seq_dif.pdbx_seq_db_accession_code 
_struct_ref_seq_dif.db_mon_id 
_struct_ref_seq_dif.pdbx_seq_db_seq_num 
_struct_ref_seq_dif.details 
_struct_ref_seq_dif.pdbx_auth_seq_num 
_struct_ref_seq_dif.pdbx_ordinal 
1 3KP8 LEU A 99  ? UNP Q2JJF6 ? ? 'expression tag' 284 1 
1 3KP8 GLU A 100 ? UNP Q2JJF6 ? ? 'expression tag' 285 2 
1 3KP8 HIS A 101 ? UNP Q2JJF6 ? ? 'expression tag' 286 3 
1 3KP8 HIS A 102 ? UNP Q2JJF6 ? ? 'expression tag' 287 4 
1 3KP8 HIS A 103 ? UNP Q2JJF6 ? ? 'expression tag' 288 5 
1 3KP8 HIS A 104 ? UNP Q2JJF6 ? ? 'expression tag' 289 6 
1 3KP8 HIS A 105 ? UNP Q2JJF6 ? ? 'expression tag' 290 7 
1 3KP8 HIS A 106 ? UNP Q2JJF6 ? ? 'expression tag' 291 8 
# 
_pdbx_struct_assembly.id                   1 
_pdbx_struct_assembly.details              author_and_software_defined_assembly 
_pdbx_struct_assembly.method_details       PISA 
_pdbx_struct_assembly.oligomeric_details   monomeric 
_pdbx_struct_assembly.oligomeric_count     1 
# 
_pdbx_struct_assembly_gen.assembly_id       1 
_pdbx_struct_assembly_gen.oper_expression   1 
_pdbx_struct_assembly_gen.asym_id_list      A,B 
# 
_pdbx_struct_oper_list.id                   1 
_pdbx_struct_oper_list.type                 'identity operation' 
_pdbx_struct_oper_list.name                 1_555 
_pdbx_struct_oper_list.symmetry_operation   x,y,z 
_pdbx_struct_oper_list.matrix[1][1]         1.0000000000 
_pdbx_struct_oper_list.matrix[1][2]         0.0000000000 
_pdbx_struct_oper_list.matrix[1][3]         0.0000000000 
_pdbx_struct_oper_list.vector[1]            0.0000000000 
_pdbx_struct_oper_list.matrix[2][1]         0.0000000000 
_pdbx_struct_oper_list.matrix[2][2]         1.0000000000 
_pdbx_struct_oper_list.matrix[2][3]         0.0000000000 
_pdbx_struct_oper_list.vector[2]            0.0000000000 
_pdbx_struct_oper_list.matrix[3][1]         0.0000000000 
_pdbx_struct_oper_list.matrix[3][2]         0.0000000000 
_pdbx_struct_oper_list.matrix[3][3]         1.0000000000 
_pdbx_struct_oper_list.vector[3]            0.0000000000 
# 
_struct_biol.id        1 
_struct_biol.details   ? 
# 
loop_
_struct_conf.conf_type_id 
_struct_conf.id 
_struct_conf.pdbx_PDB_helix_id 
_struct_conf.beg_label_comp_id 
_struct_conf.beg_label_asym_id 
_struct_conf.beg_label_seq_id 
_struct_conf.pdbx_beg_PDB_ins_code 
_struct_conf.end_label_comp_id 
_struct_conf.end_label_asym_id 
_struct_conf.end_label_seq_id 
_struct_conf.pdbx_end_PDB_ins_code 
_struct_conf.beg_auth_comp_id 
_struct_conf.beg_auth_asym_id 
_struct_conf.beg_auth_seq_id 
_struct_conf.end_auth_comp_id 
_struct_conf.end_auth_asym_id 
_struct_conf.end_auth_seq_id 
_struct_conf.pdbx_PDB_helix_class 
_struct_conf.details 
_struct_conf.pdbx_PDB_helix_length 
HELX_P HELX_P1 1 SER A 1  ? GLY A 15 ? SER A 186 GLY A 200 1 ? 15 
HELX_P HELX_P2 2 CYS A 24 ? GLY A 35 ? CYS A 209 GLY A 220 1 ? 12 
HELX_P HELX_P3 3 ALA A 36 ? VAL A 41 ? ALA A 221 VAL A 226 5 ? 6  
HELX_P HELX_P4 4 ALA A 56 ? ALA A 62 ? ALA A 241 ALA A 247 1 ? 7  
HELX_P HELX_P5 5 SER A 82 ? GLY A 91 ? SER A 267 GLY A 276 1 ? 10 
# 
_struct_conf_type.id          HELX_P 
_struct_conf_type.criteria    ? 
_struct_conf_type.reference   ? 
# 
_struct_conn.id                            disulf1 
_struct_conn.conn_type_id                  disulf 
_struct_conn.pdbx_leaving_atom_flag        ? 
_struct_conn.pdbx_PDB_id                   ? 
_struct_conn.ptnr1_label_asym_id           A 
_struct_conn.ptnr1_label_comp_id           CYS 
_struct_conn.ptnr1_label_seq_id            46 
_struct_conn.ptnr1_label_atom_id           SG 
_struct_conn.pdbx_ptnr1_label_alt_id       ? 
_struct_conn.pdbx_ptnr1_PDB_ins_code       ? 
_struct_conn.pdbx_ptnr1_standard_comp_id   ? 
_struct_conn.ptnr1_symmetry                1_555 
_struct_conn.ptnr2_label_asym_id           A 
_struct_conn.ptnr2_label_comp_id           CYS 
_struct_conn.ptnr2_label_seq_id            59 
_struct_conn.ptnr2_label_atom_id           SG 
_struct_conn.pdbx_ptnr2_label_alt_id       ? 
_struct_conn.pdbx_ptnr2_PDB_ins_code       ? 
_struct_conn.ptnr1_auth_asym_id            A 
_struct_conn.ptnr1_auth_comp_id            CYS 
_struct_conn.ptnr1_auth_seq_id             231 
_struct_conn.ptnr2_auth_asym_id            A 
_struct_conn.ptnr2_auth_comp_id            CYS 
_struct_conn.ptnr2_auth_seq_id             244 
_struct_conn.ptnr2_symmetry                1_555 
_struct_conn.pdbx_ptnr3_label_atom_id      ? 
_struct_conn.pdbx_ptnr3_label_seq_id       ? 
_struct_conn.pdbx_ptnr3_label_comp_id      ? 
_struct_conn.pdbx_ptnr3_label_asym_id      ? 
_struct_conn.pdbx_ptnr3_label_alt_id       ? 
_struct_conn.pdbx_ptnr3_PDB_ins_code       ? 
_struct_conn.details                       ? 
_struct_conn.pdbx_dist_value               2.063 
_struct_conn.pdbx_value_order              ? 
_struct_conn.pdbx_role                     ? 
# 
_struct_conn_type.id          disulf 
_struct_conn_type.criteria    ? 
_struct_conn_type.reference   ? 
# 
_pdbx_modification_feature.ordinal                            1 
_pdbx_modification_feature.label_comp_id                      CYS 
_pdbx_modification_feature.label_asym_id                      A 
_pdbx_modification_feature.label_seq_id                       46 
_pdbx_modification_feature.label_alt_id                       ? 
_pdbx_modification_feature.modified_residue_label_comp_id     CYS 
_pdbx_modification_feature.modified_residue_label_asym_id     A 
_pdbx_modification_feature.modified_residue_label_seq_id      59 
_pdbx_modification_feature.modified_residue_label_alt_id      ? 
_pdbx_modification_feature.auth_comp_id                       CYS 
_pdbx_modification_feature.auth_asym_id                       A 
_pdbx_modification_feature.auth_seq_id                        231 
_pdbx_modification_feature.PDB_ins_code                       ? 
_pdbx_modification_feature.symmetry                           1_555 
_pdbx_modification_feature.modified_residue_auth_comp_id      CYS 
_pdbx_modification_feature.modified_residue_auth_asym_id      A 
_pdbx_modification_feature.modified_residue_auth_seq_id       244 
_pdbx_modification_feature.modified_residue_PDB_ins_code      ? 
_pdbx_modification_feature.modified_residue_symmetry          1_555 
_pdbx_modification_feature.comp_id_linking_atom               SG 
_pdbx_modification_feature.modified_residue_id_linking_atom   SG 
_pdbx_modification_feature.modified_residue_id                . 
_pdbx_modification_feature.ref_pcm_id                         . 
_pdbx_modification_feature.ref_comp_id                        . 
_pdbx_modification_feature.type                               None 
_pdbx_modification_feature.category                           'Disulfide bridge' 
# 
_struct_mon_prot_cis.pdbx_id                1 
_struct_mon_prot_cis.label_comp_id          TYR 
_struct_mon_prot_cis.label_seq_id           67 
_struct_mon_prot_cis.label_asym_id          A 
_struct_mon_prot_cis.label_alt_id           . 
_struct_mon_prot_cis.pdbx_PDB_ins_code      ? 
_struct_mon_prot_cis.auth_comp_id           TYR 
_struct_mon_prot_cis.auth_seq_id            252 
_struct_mon_prot_cis.auth_asym_id           A 
_struct_mon_prot_cis.pdbx_label_comp_id_2   PRO 
_struct_mon_prot_cis.pdbx_label_seq_id_2    68 
_struct_mon_prot_cis.pdbx_label_asym_id_2   A 
_struct_mon_prot_cis.pdbx_PDB_ins_code_2    ? 
_struct_mon_prot_cis.pdbx_auth_comp_id_2    PRO 
_struct_mon_prot_cis.pdbx_auth_seq_id_2     253 
_struct_mon_prot_cis.pdbx_auth_asym_id_2    A 
_struct_mon_prot_cis.pdbx_PDB_model_num     1 
_struct_mon_prot_cis.pdbx_omega_angle       -7.66 
# 
_struct_sheet.id               A 
_struct_sheet.type             ? 
_struct_sheet.number_strands   4 
_struct_sheet.details          ? 
# 
loop_
_struct_sheet_order.sheet_id 
_struct_sheet_order.range_id_1 
_struct_sheet_order.range_id_2 
_struct_sheet_order.offset 
_struct_sheet_order.sense 
A 1 2 ? parallel      
A 2 3 ? anti-parallel 
A 3 4 ? anti-parallel 
# 
loop_
_struct_sheet_range.sheet_id 
_struct_sheet_range.id 
_struct_sheet_range.beg_label_comp_id 
_struct_sheet_range.beg_label_asym_id 
_struct_sheet_range.beg_label_seq_id 
_struct_sheet_range.pdbx_beg_PDB_ins_code 
_struct_sheet_range.end_label_comp_id 
_struct_sheet_range.end_label_asym_id 
_struct_sheet_range.end_label_seq_id 
_struct_sheet_range.pdbx_end_PDB_ins_code 
_struct_sheet_range.beg_auth_comp_id 
_struct_sheet_range.beg_auth_asym_id 
_struct_sheet_range.beg_auth_seq_id 
_struct_sheet_range.end_auth_comp_id 
_struct_sheet_range.end_auth_asym_id 
_struct_sheet_range.end_auth_seq_id 
A 1 TYR A 43 ? GLU A 45 ? TYR A 228 GLU A 230 
A 2 THR A 17 ? GLY A 20 ? THR A 202 GLY A 205 
A 3 THR A 69 ? ILE A 72 ? THR A 254 ILE A 257 
A 4 ARG A 75 ? THR A 78 ? ARG A 260 THR A 263 
# 
loop_
_pdbx_struct_sheet_hbond.sheet_id 
_pdbx_struct_sheet_hbond.range_id_1 
_pdbx_struct_sheet_hbond.range_id_2 
_pdbx_struct_sheet_hbond.range_1_label_atom_id 
_pdbx_struct_sheet_hbond.range_1_label_comp_id 
_pdbx_struct_sheet_hbond.range_1_label_asym_id 
_pdbx_struct_sheet_hbond.range_1_label_seq_id 
_pdbx_struct_sheet_hbond.range_1_PDB_ins_code 
_pdbx_struct_sheet_hbond.range_1_auth_atom_id 
_pdbx_struct_sheet_hbond.range_1_auth_comp_id 
_pdbx_struct_sheet_hbond.range_1_auth_asym_id 
_pdbx_struct_sheet_hbond.range_1_auth_seq_id 
_pdbx_struct_sheet_hbond.range_2_label_atom_id 
_pdbx_struct_sheet_hbond.range_2_label_comp_id 
_pdbx_struct_sheet_hbond.range_2_label_asym_id 
_pdbx_struct_sheet_hbond.range_2_label_seq_id 
_pdbx_struct_sheet_hbond.range_2_PDB_ins_code 
_pdbx_struct_sheet_hbond.range_2_auth_atom_id 
_pdbx_struct_sheet_hbond.range_2_auth_comp_id 
_pdbx_struct_sheet_hbond.range_2_auth_asym_id 
_pdbx_struct_sheet_hbond.range_2_auth_seq_id 
A 1 2 O VAL A 44 ? O VAL A 229 N MET A 18 ? N MET A 203 
A 2 3 N TYR A 19 ? N TYR A 204 O THR A 69 ? O THR A 254 
A 3 4 N TRP A 70 ? N TRP A 255 O TYR A 77 ? O TYR A 262 
# 
_pdbx_entry_details.entry_id                   3KP8 
_pdbx_entry_details.compound_details           ? 
_pdbx_entry_details.source_details             ? 
_pdbx_entry_details.nonpolymer_details         ? 
_pdbx_entry_details.sequence_details           ? 
_pdbx_entry_details.has_ligand_of_interest     ? 
_pdbx_entry_details.has_protein_modification   Y 
# 
loop_
_pdbx_struct_special_symmetry.id 
_pdbx_struct_special_symmetry.PDB_model_num 
_pdbx_struct_special_symmetry.auth_asym_id 
_pdbx_struct_special_symmetry.auth_comp_id 
_pdbx_struct_special_symmetry.auth_seq_id 
_pdbx_struct_special_symmetry.PDB_ins_code 
_pdbx_struct_special_symmetry.label_asym_id 
_pdbx_struct_special_symmetry.label_comp_id 
_pdbx_struct_special_symmetry.label_seq_id 
1 1 A HOH 19 ? B HOH . 
2 1 A HOH 50 ? B HOH . 
# 
loop_
_pdbx_unobs_or_zero_occ_residues.id 
_pdbx_unobs_or_zero_occ_residues.PDB_model_num 
_pdbx_unobs_or_zero_occ_residues.polymer_flag 
_pdbx_unobs_or_zero_occ_residues.occupancy_flag 
_pdbx_unobs_or_zero_occ_residues.auth_asym_id 
_pdbx_unobs_or_zero_occ_residues.auth_comp_id 
_pdbx_unobs_or_zero_occ_residues.auth_seq_id 
_pdbx_unobs_or_zero_occ_residues.PDB_ins_code 
_pdbx_unobs_or_zero_occ_residues.label_asym_id 
_pdbx_unobs_or_zero_occ_residues.label_comp_id 
_pdbx_unobs_or_zero_occ_residues.label_seq_id 
1  1 Y 1 A GLU 280 ? A GLU 95  
2  1 Y 1 A GLU 281 ? A GLU 96  
3  1 Y 1 A GLY 282 ? A GLY 97  
4  1 Y 1 A ARG 283 ? A ARG 98  
5  1 Y 1 A LEU 284 ? A LEU 99  
6  1 Y 1 A GLU 285 ? A GLU 100 
7  1 Y 1 A HIS 286 ? A HIS 101 
8  1 Y 1 A HIS 287 ? A HIS 102 
9  1 Y 1 A HIS 288 ? A HIS 103 
10 1 Y 1 A HIS 289 ? A HIS 104 
11 1 Y 1 A HIS 290 ? A HIS 105 
12 1 Y 1 A HIS 291 ? A HIS 106 
# 
loop_
_chem_comp_atom.comp_id 
_chem_comp_atom.atom_id 
_chem_comp_atom.type_symbol 
_chem_comp_atom.pdbx_aromatic_flag 
_chem_comp_atom.pdbx_stereo_config 
_chem_comp_atom.pdbx_ordinal 
ALA N    N N N 1   
ALA CA   C N S 2   
ALA C    C N N 3   
ALA O    O N N 4   
ALA CB   C N N 5   
ALA OXT  O N N 6   
ALA H    H N N 7   
ALA H2   H N N 8   
ALA HA   H N N 9   
ALA HB1  H N N 10  
ALA HB2  H N N 11  
ALA HB3  H N N 12  
ALA HXT  H N N 13  
ARG N    N N N 14  
ARG CA   C N S 15  
ARG C    C N N 16  
ARG O    O N N 17  
ARG CB   C N N 18  
ARG CG   C N N 19  
ARG CD   C N N 20  
ARG NE   N N N 21  
ARG CZ   C N N 22  
ARG NH1  N N N 23  
ARG NH2  N N N 24  
ARG OXT  O N N 25  
ARG H    H N N 26  
ARG H2   H N N 27  
ARG HA   H N N 28  
ARG HB2  H N N 29  
ARG HB3  H N N 30  
ARG HG2  H N N 31  
ARG HG3  H N N 32  
ARG HD2  H N N 33  
ARG HD3  H N N 34  
ARG HE   H N N 35  
ARG HH11 H N N 36  
ARG HH12 H N N 37  
ARG HH21 H N N 38  
ARG HH22 H N N 39  
ARG HXT  H N N 40  
ASN N    N N N 41  
ASN CA   C N S 42  
ASN C    C N N 43  
ASN O    O N N 44  
ASN CB   C N N 45  
ASN CG   C N N 46  
ASN OD1  O N N 47  
ASN ND2  N N N 48  
ASN OXT  O N N 49  
ASN H    H N N 50  
ASN H2   H N N 51  
ASN HA   H N N 52  
ASN HB2  H N N 53  
ASN HB3  H N N 54  
ASN HD21 H N N 55  
ASN HD22 H N N 56  
ASN HXT  H N N 57  
ASP N    N N N 58  
ASP CA   C N S 59  
ASP C    C N N 60  
ASP O    O N N 61  
ASP CB   C N N 62  
ASP CG   C N N 63  
ASP OD1  O N N 64  
ASP OD2  O N N 65  
ASP OXT  O N N 66  
ASP H    H N N 67  
ASP H2   H N N 68  
ASP HA   H N N 69  
ASP HB2  H N N 70  
ASP HB3  H N N 71  
ASP HD2  H N N 72  
ASP HXT  H N N 73  
CYS N    N N N 74  
CYS CA   C N R 75  
CYS C    C N N 76  
CYS O    O N N 77  
CYS CB   C N N 78  
CYS SG   S N N 79  
CYS OXT  O N N 80  
CYS H    H N N 81  
CYS H2   H N N 82  
CYS HA   H N N 83  
CYS HB2  H N N 84  
CYS HB3  H N N 85  
CYS HG   H N N 86  
CYS HXT  H N N 87  
GLN N    N N N 88  
GLN CA   C N S 89  
GLN C    C N N 90  
GLN O    O N N 91  
GLN CB   C N N 92  
GLN CG   C N N 93  
GLN CD   C N N 94  
GLN OE1  O N N 95  
GLN NE2  N N N 96  
GLN OXT  O N N 97  
GLN H    H N N 98  
GLN H2   H N N 99  
GLN HA   H N N 100 
GLN HB2  H N N 101 
GLN HB3  H N N 102 
GLN HG2  H N N 103 
GLN HG3  H N N 104 
GLN HE21 H N N 105 
GLN HE22 H N N 106 
GLN HXT  H N N 107 
GLU N    N N N 108 
GLU CA   C N S 109 
GLU C    C N N 110 
GLU O    O N N 111 
GLU CB   C N N 112 
GLU CG   C N N 113 
GLU CD   C N N 114 
GLU OE1  O N N 115 
GLU OE2  O N N 116 
GLU OXT  O N N 117 
GLU H    H N N 118 
GLU H2   H N N 119 
GLU HA   H N N 120 
GLU HB2  H N N 121 
GLU HB3  H N N 122 
GLU HG2  H N N 123 
GLU HG3  H N N 124 
GLU HE2  H N N 125 
GLU HXT  H N N 126 
GLY N    N N N 127 
GLY CA   C N N 128 
GLY C    C N N 129 
GLY O    O N N 130 
GLY OXT  O N N 131 
GLY H    H N N 132 
GLY H2   H N N 133 
GLY HA2  H N N 134 
GLY HA3  H N N 135 
GLY HXT  H N N 136 
HIS N    N N N 137 
HIS CA   C N S 138 
HIS C    C N N 139 
HIS O    O N N 140 
HIS CB   C N N 141 
HIS CG   C Y N 142 
HIS ND1  N Y N 143 
HIS CD2  C Y N 144 
HIS CE1  C Y N 145 
HIS NE2  N Y N 146 
HIS OXT  O N N 147 
HIS H    H N N 148 
HIS H2   H N N 149 
HIS HA   H N N 150 
HIS HB2  H N N 151 
HIS HB3  H N N 152 
HIS HD1  H N N 153 
HIS HD2  H N N 154 
HIS HE1  H N N 155 
HIS HE2  H N N 156 
HIS HXT  H N N 157 
HOH O    O N N 158 
HOH H1   H N N 159 
HOH H2   H N N 160 
ILE N    N N N 161 
ILE CA   C N S 162 
ILE C    C N N 163 
ILE O    O N N 164 
ILE CB   C N S 165 
ILE CG1  C N N 166 
ILE CG2  C N N 167 
ILE CD1  C N N 168 
ILE OXT  O N N 169 
ILE H    H N N 170 
ILE H2   H N N 171 
ILE HA   H N N 172 
ILE HB   H N N 173 
ILE HG12 H N N 174 
ILE HG13 H N N 175 
ILE HG21 H N N 176 
ILE HG22 H N N 177 
ILE HG23 H N N 178 
ILE HD11 H N N 179 
ILE HD12 H N N 180 
ILE HD13 H N N 181 
ILE HXT  H N N 182 
LEU N    N N N 183 
LEU CA   C N S 184 
LEU C    C N N 185 
LEU O    O N N 186 
LEU CB   C N N 187 
LEU CG   C N N 188 
LEU CD1  C N N 189 
LEU CD2  C N N 190 
LEU OXT  O N N 191 
LEU H    H N N 192 
LEU H2   H N N 193 
LEU HA   H N N 194 
LEU HB2  H N N 195 
LEU HB3  H N N 196 
LEU HG   H N N 197 
LEU HD11 H N N 198 
LEU HD12 H N N 199 
LEU HD13 H N N 200 
LEU HD21 H N N 201 
LEU HD22 H N N 202 
LEU HD23 H N N 203 
LEU HXT  H N N 204 
LYS N    N N N 205 
LYS CA   C N S 206 
LYS C    C N N 207 
LYS O    O N N 208 
LYS CB   C N N 209 
LYS CG   C N N 210 
LYS CD   C N N 211 
LYS CE   C N N 212 
LYS NZ   N N N 213 
LYS OXT  O N N 214 
LYS H    H N N 215 
LYS H2   H N N 216 
LYS HA   H N N 217 
LYS HB2  H N N 218 
LYS HB3  H N N 219 
LYS HG2  H N N 220 
LYS HG3  H N N 221 
LYS HD2  H N N 222 
LYS HD3  H N N 223 
LYS HE2  H N N 224 
LYS HE3  H N N 225 
LYS HZ1  H N N 226 
LYS HZ2  H N N 227 
LYS HZ3  H N N 228 
LYS HXT  H N N 229 
MET N    N N N 230 
MET CA   C N S 231 
MET C    C N N 232 
MET O    O N N 233 
MET CB   C N N 234 
MET CG   C N N 235 
MET SD   S N N 236 
MET CE   C N N 237 
MET OXT  O N N 238 
MET H    H N N 239 
MET H2   H N N 240 
MET HA   H N N 241 
MET HB2  H N N 242 
MET HB3  H N N 243 
MET HG2  H N N 244 
MET HG3  H N N 245 
MET HE1  H N N 246 
MET HE2  H N N 247 
MET HE3  H N N 248 
MET HXT  H N N 249 
PHE N    N N N 250 
PHE CA   C N S 251 
PHE C    C N N 252 
PHE O    O N N 253 
PHE CB   C N N 254 
PHE CG   C Y N 255 
PHE CD1  C Y N 256 
PHE CD2  C Y N 257 
PHE CE1  C Y N 258 
PHE CE2  C Y N 259 
PHE CZ   C Y N 260 
PHE OXT  O N N 261 
PHE H    H N N 262 
PHE H2   H N N 263 
PHE HA   H N N 264 
PHE HB2  H N N 265 
PHE HB3  H N N 266 
PHE HD1  H N N 267 
PHE HD2  H N N 268 
PHE HE1  H N N 269 
PHE HE2  H N N 270 
PHE HZ   H N N 271 
PHE HXT  H N N 272 
PRO N    N N N 273 
PRO CA   C N S 274 
PRO C    C N N 275 
PRO O    O N N 276 
PRO CB   C N N 277 
PRO CG   C N N 278 
PRO CD   C N N 279 
PRO OXT  O N N 280 
PRO H    H N N 281 
PRO HA   H N N 282 
PRO HB2  H N N 283 
PRO HB3  H N N 284 
PRO HG2  H N N 285 
PRO HG3  H N N 286 
PRO HD2  H N N 287 
PRO HD3  H N N 288 
PRO HXT  H N N 289 
SER N    N N N 290 
SER CA   C N S 291 
SER C    C N N 292 
SER O    O N N 293 
SER CB   C N N 294 
SER OG   O N N 295 
SER OXT  O N N 296 
SER H    H N N 297 
SER H2   H N N 298 
SER HA   H N N 299 
SER HB2  H N N 300 
SER HB3  H N N 301 
SER HG   H N N 302 
SER HXT  H N N 303 
THR N    N N N 304 
THR CA   C N S 305 
THR C    C N N 306 
THR O    O N N 307 
THR CB   C N R 308 
THR OG1  O N N 309 
THR CG2  C N N 310 
THR OXT  O N N 311 
THR H    H N N 312 
THR H2   H N N 313 
THR HA   H N N 314 
THR HB   H N N 315 
THR HG1  H N N 316 
THR HG21 H N N 317 
THR HG22 H N N 318 
THR HG23 H N N 319 
THR HXT  H N N 320 
TRP N    N N N 321 
TRP CA   C N S 322 
TRP C    C N N 323 
TRP O    O N N 324 
TRP CB   C N N 325 
TRP CG   C Y N 326 
TRP CD1  C Y N 327 
TRP CD2  C Y N 328 
TRP NE1  N Y N 329 
TRP CE2  C Y N 330 
TRP CE3  C Y N 331 
TRP CZ2  C Y N 332 
TRP CZ3  C Y N 333 
TRP CH2  C Y N 334 
TRP OXT  O N N 335 
TRP H    H N N 336 
TRP H2   H N N 337 
TRP HA   H N N 338 
TRP HB2  H N N 339 
TRP HB3  H N N 340 
TRP HD1  H N N 341 
TRP HE1  H N N 342 
TRP HE3  H N N 343 
TRP HZ2  H N N 344 
TRP HZ3  H N N 345 
TRP HH2  H N N 346 
TRP HXT  H N N 347 
TYR N    N N N 348 
TYR CA   C N S 349 
TYR C    C N N 350 
TYR O    O N N 351 
TYR CB   C N N 352 
TYR CG   C Y N 353 
TYR CD1  C Y N 354 
TYR CD2  C Y N 355 
TYR CE1  C Y N 356 
TYR CE2  C Y N 357 
TYR CZ   C Y N 358 
TYR OH   O N N 359 
TYR OXT  O N N 360 
TYR H    H N N 361 
TYR H2   H N N 362 
TYR HA   H N N 363 
TYR HB2  H N N 364 
TYR HB3  H N N 365 
TYR HD1  H N N 366 
TYR HD2  H N N 367 
TYR HE1  H N N 368 
TYR HE2  H N N 369 
TYR HH   H N N 370 
TYR HXT  H N N 371 
VAL N    N N N 372 
VAL CA   C N S 373 
VAL C    C N N 374 
VAL O    O N N 375 
VAL CB   C N N 376 
VAL CG1  C N N 377 
VAL CG2  C N N 378 
VAL OXT  O N N 379 
VAL H    H N N 380 
VAL H2   H N N 381 
VAL HA   H N N 382 
VAL HB   H N N 383 
VAL HG11 H N N 384 
VAL HG12 H N N 385 
VAL HG13 H N N 386 
VAL HG21 H N N 387 
VAL HG22 H N N 388 
VAL HG23 H N N 389 
VAL HXT  H N N 390 
# 
loop_
_chem_comp_bond.comp_id 
_chem_comp_bond.atom_id_1 
_chem_comp_bond.atom_id_2 
_chem_comp_bond.value_order 
_chem_comp_bond.pdbx_aromatic_flag 
_chem_comp_bond.pdbx_stereo_config 
_chem_comp_bond.pdbx_ordinal 
ALA N   CA   sing N N 1   
ALA N   H    sing N N 2   
ALA N   H2   sing N N 3   
ALA CA  C    sing N N 4   
ALA CA  CB   sing N N 5   
ALA CA  HA   sing N N 6   
ALA C   O    doub N N 7   
ALA C   OXT  sing N N 8   
ALA CB  HB1  sing N N 9   
ALA CB  HB2  sing N N 10  
ALA CB  HB3  sing N N 11  
ALA OXT HXT  sing N N 12  
ARG N   CA   sing N N 13  
ARG N   H    sing N N 14  
ARG N   H2   sing N N 15  
ARG CA  C    sing N N 16  
ARG CA  CB   sing N N 17  
ARG CA  HA   sing N N 18  
ARG C   O    doub N N 19  
ARG C   OXT  sing N N 20  
ARG CB  CG   sing N N 21  
ARG CB  HB2  sing N N 22  
ARG CB  HB3  sing N N 23  
ARG CG  CD   sing N N 24  
ARG CG  HG2  sing N N 25  
ARG CG  HG3  sing N N 26  
ARG CD  NE   sing N N 27  
ARG CD  HD2  sing N N 28  
ARG CD  HD3  sing N N 29  
ARG NE  CZ   sing N N 30  
ARG NE  HE   sing N N 31  
ARG CZ  NH1  sing N N 32  
ARG CZ  NH2  doub N N 33  
ARG NH1 HH11 sing N N 34  
ARG NH1 HH12 sing N N 35  
ARG NH2 HH21 sing N N 36  
ARG NH2 HH22 sing N N 37  
ARG OXT HXT  sing N N 38  
ASN N   CA   sing N N 39  
ASN N   H    sing N N 40  
ASN N   H2   sing N N 41  
ASN CA  C    sing N N 42  
ASN CA  CB   sing N N 43  
ASN CA  HA   sing N N 44  
ASN C   O    doub N N 45  
ASN C   OXT  sing N N 46  
ASN CB  CG   sing N N 47  
ASN CB  HB2  sing N N 48  
ASN CB  HB3  sing N N 49  
ASN CG  OD1  doub N N 50  
ASN CG  ND2  sing N N 51  
ASN ND2 HD21 sing N N 52  
ASN ND2 HD22 sing N N 53  
ASN OXT HXT  sing N N 54  
ASP N   CA   sing N N 55  
ASP N   H    sing N N 56  
ASP N   H2   sing N N 57  
ASP CA  C    sing N N 58  
ASP CA  CB   sing N N 59  
ASP CA  HA   sing N N 60  
ASP C   O    doub N N 61  
ASP C   OXT  sing N N 62  
ASP CB  CG   sing N N 63  
ASP CB  HB2  sing N N 64  
ASP CB  HB3  sing N N 65  
ASP CG  OD1  doub N N 66  
ASP CG  OD2  sing N N 67  
ASP OD2 HD2  sing N N 68  
ASP OXT HXT  sing N N 69  
CYS N   CA   sing N N 70  
CYS N   H    sing N N 71  
CYS N   H2   sing N N 72  
CYS CA  C    sing N N 73  
CYS CA  CB   sing N N 74  
CYS CA  HA   sing N N 75  
CYS C   O    doub N N 76  
CYS C   OXT  sing N N 77  
CYS CB  SG   sing N N 78  
CYS CB  HB2  sing N N 79  
CYS CB  HB3  sing N N 80  
CYS SG  HG   sing N N 81  
CYS OXT HXT  sing N N 82  
GLN N   CA   sing N N 83  
GLN N   H    sing N N 84  
GLN N   H2   sing N N 85  
GLN CA  C    sing N N 86  
GLN CA  CB   sing N N 87  
GLN CA  HA   sing N N 88  
GLN C   O    doub N N 89  
GLN C   OXT  sing N N 90  
GLN CB  CG   sing N N 91  
GLN CB  HB2  sing N N 92  
GLN CB  HB3  sing N N 93  
GLN CG  CD   sing N N 94  
GLN CG  HG2  sing N N 95  
GLN CG  HG3  sing N N 96  
GLN CD  OE1  doub N N 97  
GLN CD  NE2  sing N N 98  
GLN NE2 HE21 sing N N 99  
GLN NE2 HE22 sing N N 100 
GLN OXT HXT  sing N N 101 
GLU N   CA   sing N N 102 
GLU N   H    sing N N 103 
GLU N   H2   sing N N 104 
GLU CA  C    sing N N 105 
GLU CA  CB   sing N N 106 
GLU CA  HA   sing N N 107 
GLU C   O    doub N N 108 
GLU C   OXT  sing N N 109 
GLU CB  CG   sing N N 110 
GLU CB  HB2  sing N N 111 
GLU CB  HB3  sing N N 112 
GLU CG  CD   sing N N 113 
GLU CG  HG2  sing N N 114 
GLU CG  HG3  sing N N 115 
GLU CD  OE1  doub N N 116 
GLU CD  OE2  sing N N 117 
GLU OE2 HE2  sing N N 118 
GLU OXT HXT  sing N N 119 
GLY N   CA   sing N N 120 
GLY N   H    sing N N 121 
GLY N   H2   sing N N 122 
GLY CA  C    sing N N 123 
GLY CA  HA2  sing N N 124 
GLY CA  HA3  sing N N 125 
GLY C   O    doub N N 126 
GLY C   OXT  sing N N 127 
GLY OXT HXT  sing N N 128 
HIS N   CA   sing N N 129 
HIS N   H    sing N N 130 
HIS N   H2   sing N N 131 
HIS CA  C    sing N N 132 
HIS CA  CB   sing N N 133 
HIS CA  HA   sing N N 134 
HIS C   O    doub N N 135 
HIS C   OXT  sing N N 136 
HIS CB  CG   sing N N 137 
HIS CB  HB2  sing N N 138 
HIS CB  HB3  sing N N 139 
HIS CG  ND1  sing Y N 140 
HIS CG  CD2  doub Y N 141 
HIS ND1 CE1  doub Y N 142 
HIS ND1 HD1  sing N N 143 
HIS CD2 NE2  sing Y N 144 
HIS CD2 HD2  sing N N 145 
HIS CE1 NE2  sing Y N 146 
HIS CE1 HE1  sing N N 147 
HIS NE2 HE2  sing N N 148 
HIS OXT HXT  sing N N 149 
HOH O   H1   sing N N 150 
HOH O   H2   sing N N 151 
ILE N   CA   sing N N 152 
ILE N   H    sing N N 153 
ILE N   H2   sing N N 154 
ILE CA  C    sing N N 155 
ILE CA  CB   sing N N 156 
ILE CA  HA   sing N N 157 
ILE C   O    doub N N 158 
ILE C   OXT  sing N N 159 
ILE CB  CG1  sing N N 160 
ILE CB  CG2  sing N N 161 
ILE CB  HB   sing N N 162 
ILE CG1 CD1  sing N N 163 
ILE CG1 HG12 sing N N 164 
ILE CG1 HG13 sing N N 165 
ILE CG2 HG21 sing N N 166 
ILE CG2 HG22 sing N N 167 
ILE CG2 HG23 sing N N 168 
ILE CD1 HD11 sing N N 169 
ILE CD1 HD12 sing N N 170 
ILE CD1 HD13 sing N N 171 
ILE OXT HXT  sing N N 172 
LEU N   CA   sing N N 173 
LEU N   H    sing N N 174 
LEU N   H2   sing N N 175 
LEU CA  C    sing N N 176 
LEU CA  CB   sing N N 177 
LEU CA  HA   sing N N 178 
LEU C   O    doub N N 179 
LEU C   OXT  sing N N 180 
LEU CB  CG   sing N N 181 
LEU CB  HB2  sing N N 182 
LEU CB  HB3  sing N N 183 
LEU CG  CD1  sing N N 184 
LEU CG  CD2  sing N N 185 
LEU CG  HG   sing N N 186 
LEU CD1 HD11 sing N N 187 
LEU CD1 HD12 sing N N 188 
LEU CD1 HD13 sing N N 189 
LEU CD2 HD21 sing N N 190 
LEU CD2 HD22 sing N N 191 
LEU CD2 HD23 sing N N 192 
LEU OXT HXT  sing N N 193 
LYS N   CA   sing N N 194 
LYS N   H    sing N N 195 
LYS N   H2   sing N N 196 
LYS CA  C    sing N N 197 
LYS CA  CB   sing N N 198 
LYS CA  HA   sing N N 199 
LYS C   O    doub N N 200 
LYS C   OXT  sing N N 201 
LYS CB  CG   sing N N 202 
LYS CB  HB2  sing N N 203 
LYS CB  HB3  sing N N 204 
LYS CG  CD   sing N N 205 
LYS CG  HG2  sing N N 206 
LYS CG  HG3  sing N N 207 
LYS CD  CE   sing N N 208 
LYS CD  HD2  sing N N 209 
LYS CD  HD3  sing N N 210 
LYS CE  NZ   sing N N 211 
LYS CE  HE2  sing N N 212 
LYS CE  HE3  sing N N 213 
LYS NZ  HZ1  sing N N 214 
LYS NZ  HZ2  sing N N 215 
LYS NZ  HZ3  sing N N 216 
LYS OXT HXT  sing N N 217 
MET N   CA   sing N N 218 
MET N   H    sing N N 219 
MET N   H2   sing N N 220 
MET CA  C    sing N N 221 
MET CA  CB   sing N N 222 
MET CA  HA   sing N N 223 
MET C   O    doub N N 224 
MET C   OXT  sing N N 225 
MET CB  CG   sing N N 226 
MET CB  HB2  sing N N 227 
MET CB  HB3  sing N N 228 
MET CG  SD   sing N N 229 
MET CG  HG2  sing N N 230 
MET CG  HG3  sing N N 231 
MET SD  CE   sing N N 232 
MET CE  HE1  sing N N 233 
MET CE  HE2  sing N N 234 
MET CE  HE3  sing N N 235 
MET OXT HXT  sing N N 236 
PHE N   CA   sing N N 237 
PHE N   H    sing N N 238 
PHE N   H2   sing N N 239 
PHE CA  C    sing N N 240 
PHE CA  CB   sing N N 241 
PHE CA  HA   sing N N 242 
PHE C   O    doub N N 243 
PHE C   OXT  sing N N 244 
PHE CB  CG   sing N N 245 
PHE CB  HB2  sing N N 246 
PHE CB  HB3  sing N N 247 
PHE CG  CD1  doub Y N 248 
PHE CG  CD2  sing Y N 249 
PHE CD1 CE1  sing Y N 250 
PHE CD1 HD1  sing N N 251 
PHE CD2 CE2  doub Y N 252 
PHE CD2 HD2  sing N N 253 
PHE CE1 CZ   doub Y N 254 
PHE CE1 HE1  sing N N 255 
PHE CE2 CZ   sing Y N 256 
PHE CE2 HE2  sing N N 257 
PHE CZ  HZ   sing N N 258 
PHE OXT HXT  sing N N 259 
PRO N   CA   sing N N 260 
PRO N   CD   sing N N 261 
PRO N   H    sing N N 262 
PRO CA  C    sing N N 263 
PRO CA  CB   sing N N 264 
PRO CA  HA   sing N N 265 
PRO C   O    doub N N 266 
PRO C   OXT  sing N N 267 
PRO CB  CG   sing N N 268 
PRO CB  HB2  sing N N 269 
PRO CB  HB3  sing N N 270 
PRO CG  CD   sing N N 271 
PRO CG  HG2  sing N N 272 
PRO CG  HG3  sing N N 273 
PRO CD  HD2  sing N N 274 
PRO CD  HD3  sing N N 275 
PRO OXT HXT  sing N N 276 
SER N   CA   sing N N 277 
SER N   H    sing N N 278 
SER N   H2   sing N N 279 
SER CA  C    sing N N 280 
SER CA  CB   sing N N 281 
SER CA  HA   sing N N 282 
SER C   O    doub N N 283 
SER C   OXT  sing N N 284 
SER CB  OG   sing N N 285 
SER CB  HB2  sing N N 286 
SER CB  HB3  sing N N 287 
SER OG  HG   sing N N 288 
SER OXT HXT  sing N N 289 
THR N   CA   sing N N 290 
THR N   H    sing N N 291 
THR N   H2   sing N N 292 
THR CA  C    sing N N 293 
THR CA  CB   sing N N 294 
THR CA  HA   sing N N 295 
THR C   O    doub N N 296 
THR C   OXT  sing N N 297 
THR CB  OG1  sing N N 298 
THR CB  CG2  sing N N 299 
THR CB  HB   sing N N 300 
THR OG1 HG1  sing N N 301 
THR CG2 HG21 sing N N 302 
THR CG2 HG22 sing N N 303 
THR CG2 HG23 sing N N 304 
THR OXT HXT  sing N N 305 
TRP N   CA   sing N N 306 
TRP N   H    sing N N 307 
TRP N   H2   sing N N 308 
TRP CA  C    sing N N 309 
TRP CA  CB   sing N N 310 
TRP CA  HA   sing N N 311 
TRP C   O    doub N N 312 
TRP C   OXT  sing N N 313 
TRP CB  CG   sing N N 314 
TRP CB  HB2  sing N N 315 
TRP CB  HB3  sing N N 316 
TRP CG  CD1  doub Y N 317 
TRP CG  CD2  sing Y N 318 
TRP CD1 NE1  sing Y N 319 
TRP CD1 HD1  sing N N 320 
TRP CD2 CE2  doub Y N 321 
TRP CD2 CE3  sing Y N 322 
TRP NE1 CE2  sing Y N 323 
TRP NE1 HE1  sing N N 324 
TRP CE2 CZ2  sing Y N 325 
TRP CE3 CZ3  doub Y N 326 
TRP CE3 HE3  sing N N 327 
TRP CZ2 CH2  doub Y N 328 
TRP CZ2 HZ2  sing N N 329 
TRP CZ3 CH2  sing Y N 330 
TRP CZ3 HZ3  sing N N 331 
TRP CH2 HH2  sing N N 332 
TRP OXT HXT  sing N N 333 
TYR N   CA   sing N N 334 
TYR N   H    sing N N 335 
TYR N   H2   sing N N 336 
TYR CA  C    sing N N 337 
TYR CA  CB   sing N N 338 
TYR CA  HA   sing N N 339 
TYR C   O    doub N N 340 
TYR C   OXT  sing N N 341 
TYR CB  CG   sing N N 342 
TYR CB  HB2  sing N N 343 
TYR CB  HB3  sing N N 344 
TYR CG  CD1  doub Y N 345 
TYR CG  CD2  sing Y N 346 
TYR CD1 CE1  sing Y N 347 
TYR CD1 HD1  sing N N 348 
TYR CD2 CE2  doub Y N 349 
TYR CD2 HD2  sing N N 350 
TYR CE1 CZ   doub Y N 351 
TYR CE1 HE1  sing N N 352 
TYR CE2 CZ   sing Y N 353 
TYR CE2 HE2  sing N N 354 
TYR CZ  OH   sing N N 355 
TYR OH  HH   sing N N 356 
TYR OXT HXT  sing N N 357 
VAL N   CA   sing N N 358 
VAL N   H    sing N N 359 
VAL N   H2   sing N N 360 
VAL CA  C    sing N N 361 
VAL CA  CB   sing N N 362 
VAL CA  HA   sing N N 363 
VAL C   O    doub N N 364 
VAL C   OXT  sing N N 365 
VAL CB  CG1  sing N N 366 
VAL CB  CG2  sing N N 367 
VAL CB  HB   sing N N 368 
VAL CG1 HG11 sing N N 369 
VAL CG1 HG12 sing N N 370 
VAL CG1 HG13 sing N N 371 
VAL CG2 HG21 sing N N 372 
VAL CG2 HG22 sing N N 373 
VAL CG2 HG23 sing N N 374 
VAL OXT HXT  sing N N 375 
# 
_atom_sites.entry_id                    3KP8 
_atom_sites.fract_transf_matrix[1][1]   0.00997565 
_atom_sites.fract_transf_matrix[1][2]   -0.01428700 
_atom_sites.fract_transf_matrix[1][3]   -0.00179258 
_atom_sites.fract_transf_matrix[2][1]   -0.01330146 
_atom_sites.fract_transf_matrix[2][2]   -0.00997865 
_atom_sites.fract_transf_matrix[2][3]   0.00550843 
_atom_sites.fract_transf_matrix[3][1]   -0.00544305 
_atom_sites.fract_transf_matrix[3][2]   -0.00175297 
_atom_sites.fract_transf_matrix[3][3]   -0.01631912 
_atom_sites.fract_transf_vector[1]      0.199863 
_atom_sites.fract_transf_vector[2]      0.427800 
_atom_sites.fract_transf_vector[3]      0.453798 
# 
loop_
_atom_type.symbol 
C 
N 
O 
S 
# 
loop_
_atom_site.group_PDB 
_atom_site.id 
_atom_site.type_symbol 
_atom_site.label_atom_id 
_atom_site.label_alt_id 
_atom_site.label_comp_id 
_atom_site.label_asym_id 
_atom_site.label_entity_id 
_atom_site.label_seq_id 
_atom_site.pdbx_PDB_ins_code 
_atom_site.Cartn_x 
_atom_site.Cartn_y 
_atom_site.Cartn_z 
_atom_site.occupancy 
_atom_site.B_iso_or_equiv 
_atom_site.pdbx_formal_charge 
_atom_site.auth_seq_id 
_atom_site.auth_comp_id 
_atom_site.auth_asym_id 
_atom_site.auth_atom_id 
_atom_site.pdbx_PDB_model_num 
ATOM   1   N N   . SER A 1 1  ? 13.977  8.532   5.475   1.00 26.33 ? 186 SER A N   1 
ATOM   2   C CA  . SER A 1 1  ? 13.602  8.155   6.866   1.00 25.77 ? 186 SER A CA  1 
ATOM   3   C C   . SER A 1 1  ? 14.064  6.726   7.213   1.00 25.32 ? 186 SER A C   1 
ATOM   4   O O   . SER A 1 1  ? 13.751  5.780   6.479   1.00 25.36 ? 186 SER A O   1 
ATOM   5   C CB  . SER A 1 1  ? 12.086  8.298   7.036   1.00 26.02 ? 186 SER A CB  1 
ATOM   6   O OG  . SER A 1 1  ? 11.605  7.606   8.172   1.00 26.20 ? 186 SER A OG  1 
ATOM   7   N N   . PRO A 1 2  ? 14.816  6.560   8.323   1.00 24.68 ? 187 PRO A N   1 
ATOM   8   C CA  . PRO A 1 2  ? 15.182  5.206   8.744   1.00 23.75 ? 187 PRO A CA  1 
ATOM   9   C C   . PRO A 1 2  ? 13.968  4.342   9.060   1.00 22.57 ? 187 PRO A C   1 
ATOM   10  O O   . PRO A 1 2  ? 13.964  3.159   8.710   1.00 22.45 ? 187 PRO A O   1 
ATOM   11  C CB  . PRO A 1 2  ? 16.005  5.424   10.019  1.00 24.25 ? 187 PRO A CB  1 
ATOM   12  C CG  . PRO A 1 2  ? 16.451  6.805   9.965   1.00 24.67 ? 187 PRO A CG  1 
ATOM   13  C CD  . PRO A 1 2  ? 15.432  7.584   9.186   1.00 25.03 ? 187 PRO A CD  1 
ATOM   14  N N   . LEU A 1 3  ? 12.953  4.917   9.711   1.00 20.90 ? 188 LEU A N   1 
ATOM   15  C CA  . LEU A 1 3  ? 11.710  4.175   9.952   1.00 19.97 ? 188 LEU A CA  1 
ATOM   16  C C   . LEU A 1 3  ? 11.101  3.758   8.620   1.00 18.66 ? 188 LEU A C   1 
ATOM   17  O O   . LEU A 1 3  ? 10.731  2.608   8.458   1.00 18.42 ? 188 LEU A O   1 
ATOM   18  C CB  . LEU A 1 3  ? 10.676  4.957   10.788  1.00 19.97 ? 188 LEU A CB  1 
ATOM   19  C CG  . LEU A 1 3  ? 9.247   4.358   10.841  1.00 19.74 ? 188 LEU A CG  1 
ATOM   20  C CD1 . LEU A 1 3  ? 9.188   2.929   11.436  1.00 19.84 ? 188 LEU A CD1 1 
ATOM   21  C CD2 . LEU A 1 3  ? 8.271   5.268   11.576  1.00 20.65 ? 188 LEU A CD2 1 
ATOM   22  N N   . ALA A 1 4  ? 11.015  4.694   7.677   1.00 18.22 ? 189 ALA A N   1 
ATOM   23  C CA  . ALA A 1 4  ? 10.392  4.405   6.385   1.00 17.15 ? 189 ALA A CA  1 
ATOM   24  C C   . ALA A 1 4  ? 11.108  3.289   5.627   1.00 16.79 ? 189 ALA A C   1 
ATOM   25  O O   . ALA A 1 4  ? 10.457  2.393   5.103   1.00 16.75 ? 189 ALA A O   1 
ATOM   26  C CB  . ALA A 1 4  ? 10.290  5.653   5.527   1.00 17.36 ? 189 ALA A CB  1 
ATOM   27  N N   . VAL A 1 5  ? 12.438  3.342   5.579   1.00 16.88 ? 190 VAL A N   1 
ATOM   28  C CA  . VAL A 1 5  ? 13.229  2.306   4.884   1.00 16.76 ? 190 VAL A CA  1 
ATOM   29  C C   . VAL A 1 5  ? 13.117  0.956   5.589   1.00 16.30 ? 190 VAL A C   1 
ATOM   30  O O   . VAL A 1 5  ? 12.917  -0.076  4.945   1.00 16.80 ? 190 VAL A O   1 
ATOM   31  C CB  . VAL A 1 5  ? 14.717  2.726   4.715   1.00 17.00 ? 190 VAL A CB  1 
ATOM   32  C CG1 . VAL A 1 5  ? 15.526  1.624   4.029   1.00 18.23 ? 190 VAL A CG1 1 
ATOM   33  C CG2 . VAL A 1 5  ? 14.805  3.988   3.900   1.00 17.77 ? 190 VAL A CG2 1 
ATOM   34  N N   . GLY A 1 6  ? 13.233  0.966   6.913   1.00 16.07 ? 191 GLY A N   1 
ATOM   35  C CA  . GLY A 1 6  ? 13.126  -0.269  7.694   1.00 15.50 ? 191 GLY A CA  1 
ATOM   36  C C   . GLY A 1 6  ? 11.760  -0.920  7.565   1.00 14.89 ? 191 GLY A C   1 
ATOM   37  O O   . GLY A 1 6  ? 11.649  -2.133  7.348   1.00 14.72 ? 191 GLY A O   1 
ATOM   38  N N   . LEU A 1 7  ? 10.714  -0.106  7.688   1.00 14.03 ? 192 LEU A N   1 
ATOM   39  C CA  . LEU A 1 7  ? 9.359   -0.593  7.566   1.00 13.47 ? 192 LEU A CA  1 
ATOM   40  C C   . LEU A 1 7  ? 9.099   -1.106  6.148   1.00 13.41 ? 192 LEU A C   1 
ATOM   41  O O   . LEU A 1 7  ? 8.463   -2.146  5.977   1.00 13.32 ? 192 LEU A O   1 
ATOM   42  C CB  . LEU A 1 7  ? 8.363   0.520   7.926   1.00 13.57 ? 192 LEU A CB  1 
ATOM   43  C CG  . LEU A 1 7  ? 6.870   0.262   7.749   1.00 13.74 ? 192 LEU A CG  1 
ATOM   44  C CD1 . LEU A 1 7  ? 6.385   -0.904  8.610   1.00 14.45 ? 192 LEU A CD1 1 
ATOM   45  C CD2 . LEU A 1 7  ? 6.082   1.554   8.052   1.00 13.17 ? 192 LEU A CD2 1 
ATOM   46  N N   . ALA A 1 8  ? 9.564   -0.362  5.140   1.00 13.52 ? 193 ALA A N   1 
ATOM   47  C CA  . ALA A 1 8  ? 9.359   -0.786  3.749   1.00 13.06 ? 193 ALA A CA  1 
ATOM   48  C C   . ALA A 1 8  ? 9.986   -2.155  3.479   1.00 13.25 ? 193 ALA A C   1 
ATOM   49  O O   . ALA A 1 8  ? 9.336   -3.039  2.900   1.00 13.83 ? 193 ALA A O   1 
ATOM   50  C CB  . ALA A 1 8  ? 9.868   0.266   2.760   1.00 12.77 ? 193 ALA A CB  1 
ATOM   51  N N   . ALA A 1 9  ? 11.229  -2.341  3.928   1.00 13.50 ? 194 ALA A N   1 
ATOM   52  C CA  . ALA A 1 9  ? 11.902  -3.648  3.838   1.00 13.34 ? 194 ALA A CA  1 
ATOM   53  C C   . ALA A 1 9  ? 11.097  -4.734  4.539   1.00 13.64 ? 194 ALA A C   1 
ATOM   54  O O   . ALA A 1 9  ? 10.927  -5.823  4.017   1.00 13.93 ? 194 ALA A O   1 
ATOM   55  C CB  . ALA A 1 9  ? 13.290  -3.572  4.430   1.00 13.46 ? 194 ALA A CB  1 
ATOM   56  N N   . HIS A 1 10 ? 10.597  -4.428  5.731   1.00 13.92 ? 195 HIS A N   1 
ATOM   57  C CA  . HIS A 1 10 ? 9.793   -5.382  6.480   1.00 14.42 ? 195 HIS A CA  1 
ATOM   58  C C   . HIS A 1 10 ? 8.509   -5.778  5.752   1.00 14.25 ? 195 HIS A C   1 
ATOM   59  O O   . HIS A 1 10 ? 8.192   -6.961  5.640   1.00 14.07 ? 195 HIS A O   1 
ATOM   60  C CB  . HIS A 1 10 ? 9.484   -4.829  7.868   1.00 14.92 ? 195 HIS A CB  1 
ATOM   61  C CG  . HIS A 1 10 ? 8.691   -5.763  8.719   1.00 16.09 ? 195 HIS A CG  1 
ATOM   62  N ND1 . HIS A 1 10 ? 9.181   -6.979  9.148   1.00 18.70 ? 195 HIS A ND1 1 
ATOM   63  C CD2 . HIS A 1 10 ? 7.436   -5.663  9.214   1.00 16.88 ? 195 HIS A CD2 1 
ATOM   64  C CE1 . HIS A 1 10 ? 8.260   -7.584  9.877   1.00 18.60 ? 195 HIS A CE1 1 
ATOM   65  N NE2 . HIS A 1 10 ? 7.191   -6.808  9.929   1.00 18.26 ? 195 HIS A NE2 1 
ATOM   66  N N   . LEU A 1 11 ? 7.788   -4.785  5.232   1.00 13.88 ? 196 LEU A N   1 
ATOM   67  C CA  . LEU A 1 11 ? 6.604   -5.049  4.441   1.00 13.70 ? 196 LEU A CA  1 
ATOM   68  C C   . LEU A 1 11 ? 6.942   -5.924  3.227   1.00 13.80 ? 196 LEU A C   1 
ATOM   69  O O   . LEU A 1 11 ? 6.212   -6.874  2.922   1.00 13.94 ? 196 LEU A O   1 
ATOM   70  C CB  . LEU A 1 11 ? 5.916   -3.737  4.037   1.00 13.37 ? 196 LEU A CB  1 
ATOM   71  C CG  . LEU A 1 11 ? 5.224   -2.971  5.178   1.00 13.16 ? 196 LEU A CG  1 
ATOM   72  C CD1 . LEU A 1 11 ? 4.926   -1.545  4.760   1.00 13.94 ? 196 LEU A CD1 1 
ATOM   73  C CD2 . LEU A 1 11 ? 3.934   -3.664  5.633   1.00 13.87 ? 196 LEU A CD2 1 
ATOM   74  N N   . ARG A 1 12 ? 8.056   -5.626  2.551   1.00 13.67 ? 197 ARG A N   1 
ATOM   75  C CA  . ARG A 1 12 ? 8.471   -6.441  1.406   1.00 14.43 ? 197 ARG A CA  1 
ATOM   76  C C   . ARG A 1 12 ? 8.706   -7.891  1.831   1.00 15.14 ? 197 ARG A C   1 
ATOM   77  O O   . ARG A 1 12 ? 8.241   -8.832  1.176   1.00 15.75 ? 197 ARG A O   1 
ATOM   78  C CB  . ARG A 1 12 ? 9.730   -5.862  0.752   1.00 14.32 ? 197 ARG A CB  1 
ATOM   79  C CG  . ARG A 1 12 ? 10.254  -6.717  -0.403  1.00 14.46 ? 197 ARG A CG  1 
ATOM   80  C CD  . ARG A 1 12 ? 11.526  -6.120  -1.050  1.00 14.34 ? 197 ARG A CD  1 
ATOM   81  N NE  . ARG A 1 12 ? 12.524  -5.657  -0.082  1.00 15.41 ? 197 ARG A NE  1 
ATOM   82  C CZ  . ARG A 1 12 ? 13.310  -6.456  0.636   1.00 15.85 ? 197 ARG A CZ  1 
ATOM   83  N NH1 . ARG A 1 12 ? 13.237  -7.780  0.502   1.00 16.17 ? 197 ARG A NH1 1 
ATOM   84  N NH2 . ARG A 1 12 ? 14.166  -5.924  1.496   1.00 17.97 ? 197 ARG A NH2 1 
ATOM   85  N N   . GLN A 1 13 ? 9.413   -8.053  2.945   1.00 15.82 ? 198 GLN A N   1 
ATOM   86  C CA  . GLN A 1 13 ? 9.811   -9.372  3.438   1.00 17.23 ? 198 GLN A CA  1 
ATOM   87  C C   . GLN A 1 13 ? 8.621   -10.237 3.857   1.00 18.04 ? 198 GLN A C   1 
ATOM   88  O O   . GLN A 1 13 ? 8.646   -11.465 3.665   1.00 19.56 ? 198 GLN A O   1 
ATOM   89  C CB  . GLN A 1 13 ? 10.841  -9.222  4.562   1.00 17.35 ? 198 GLN A CB  1 
ATOM   90  C CG  . GLN A 1 13 ? 12.190  -8.668  4.079   1.00 18.03 ? 198 GLN A CG  1 
ATOM   91  C CD  . GLN A 1 13 ? 13.085  -8.149  5.195   1.00 20.54 ? 198 GLN A CD  1 
ATOM   92  O OE1 . GLN A 1 13 ? 12.658  -7.996  6.344   1.00 21.62 ? 198 GLN A OE1 1 
ATOM   93  N NE2 . GLN A 1 13 ? 14.333  -7.847  4.850   1.00 21.15 ? 198 GLN A NE2 1 
ATOM   94  N N   . ILE A 1 14 ? 7.574   -9.616  4.392   1.00 18.15 ? 199 ILE A N   1 
ATOM   95  C CA  . ILE A 1 14 ? 6.362   -10.354 4.798   1.00 18.38 ? 199 ILE A CA  1 
ATOM   96  C C   . ILE A 1 14 ? 5.251   -10.370 3.727   1.00 18.98 ? 199 ILE A C   1 
ATOM   97  O O   . ILE A 1 14 ? 4.176   -10.954 3.930   1.00 19.81 ? 199 ILE A O   1 
ATOM   98  C CB  . ILE A 1 14 ? 5.817   -9.866  6.177   1.00 18.18 ? 199 ILE A CB  1 
ATOM   99  C CG1 . ILE A 1 14 ? 5.181   -8.469  6.076   1.00 18.15 ? 199 ILE A CG1 1 
ATOM   100 C CG2 . ILE A 1 14 ? 6.930   -9.912  7.231   1.00 18.75 ? 199 ILE A CG2 1 
ATOM   101 C CD1 . ILE A 1 14 ? 4.296   -8.105  7.274   1.00 19.01 ? 199 ILE A CD1 1 
ATOM   102 N N   . GLY A 1 15 ? 5.536   -9.744  2.587   1.00 18.92 ? 200 GLY A N   1 
ATOM   103 C CA  . GLY A 1 15 ? 4.576   -9.593  1.492   1.00 19.02 ? 200 GLY A CA  1 
ATOM   104 C C   . GLY A 1 15 ? 3.394   -8.676  1.755   1.00 18.94 ? 200 GLY A C   1 
ATOM   105 O O   . GLY A 1 15 ? 2.328   -8.852  1.153   1.00 19.40 ? 200 GLY A O   1 
ATOM   106 N N   . GLY A 1 16 ? 3.572   -7.706  2.654   1.00 18.50 ? 201 GLY A N   1 
ATOM   107 C CA  . GLY A 1 16 ? 2.535   -6.709  2.951   1.00 17.89 ? 201 GLY A CA  1 
ATOM   108 C C   . GLY A 1 16 ? 2.370   -5.811  1.744   1.00 17.74 ? 201 GLY A C   1 
ATOM   109 O O   . GLY A 1 16 ? 3.318   -5.136  1.341   1.00 18.20 ? 201 GLY A O   1 
ATOM   110 N N   . THR A 1 17 ? 1.169   -5.785  1.178   1.00 16.98 ? 202 THR A N   1 
ATOM   111 C CA  . THR A 1 17 ? 0.984   -5.232  -0.169  1.00 16.34 ? 202 THR A CA  1 
ATOM   112 C C   . THR A 1 17 ? -0.025  -4.094  -0.185  1.00 15.68 ? 202 THR A C   1 
ATOM   113 O O   . THR A 1 17 ? -1.088  -4.185  0.431   1.00 15.57 ? 202 THR A O   1 
ATOM   114 C CB  . THR A 1 17 ? 0.522   -6.345  -1.149  1.00 16.71 ? 202 THR A CB  1 
ATOM   115 O OG1 . THR A 1 17 ? 1.485   -7.410  -1.154  1.00 18.72 ? 202 THR A OG1 1 
ATOM   116 C CG2 . THR A 1 17 ? 0.339   -5.807  -2.581  1.00 16.92 ? 202 THR A CG2 1 
ATOM   117 N N   . MET A 1 18 ? 0.318   -3.017  -0.892  1.00 14.42 ? 203 MET A N   1 
ATOM   118 C CA  . MET A 1 18 ? -0.620  -1.917  -1.085  1.00 14.20 ? 203 MET A CA  1 
ATOM   119 C C   . MET A 1 18 ? -1.240  -2.014  -2.477  1.00 14.02 ? 203 MET A C   1 
ATOM   120 O O   . MET A 1 18 ? -0.527  -2.186  -3.464  1.00 13.65 ? 203 MET A O   1 
ATOM   121 C CB  . MET A 1 18 ? 0.073   -0.568  -0.905  1.00 14.48 ? 203 MET A CB  1 
ATOM   122 C CG  . MET A 1 18 ? -0.828  0.625   -1.190  1.00 16.13 ? 203 MET A CG  1 
ATOM   123 S SD  . MET A 1 18 ? 0.058   2.183   -1.001  1.00 18.89 ? 203 MET A SD  1 
ATOM   124 C CE  . MET A 1 18 ? -0.659  3.194   -2.284  1.00 19.06 ? 203 MET A CE  1 
ATOM   125 N N   . TYR A 1 19 ? -2.566  -1.933  -2.530  1.00 13.46 ? 204 TYR A N   1 
ATOM   126 C CA  . TYR A 1 19 ? -3.323  -1.880  -3.784  1.00 14.07 ? 204 TYR A CA  1 
ATOM   127 C C   . TYR A 1 19 ? -3.821  -0.453  -3.971  1.00 14.05 ? 204 TYR A C   1 
ATOM   128 O O   . TYR A 1 19 ? -4.440  0.119   -3.077  1.00 14.54 ? 204 TYR A O   1 
ATOM   129 C CB  . TYR A 1 19 ? -4.521  -2.849  -3.728  1.00 14.07 ? 204 TYR A CB  1 
ATOM   130 C CG  . TYR A 1 19 ? -4.156  -4.314  -3.664  1.00 15.18 ? 204 TYR A CG  1 
ATOM   131 C CD1 . TYR A 1 19 ? -4.257  -5.114  -4.794  1.00 15.39 ? 204 TYR A CD1 1 
ATOM   132 C CD2 . TYR A 1 19 ? -3.718  -4.907  -2.472  1.00 16.32 ? 204 TYR A CD2 1 
ATOM   133 C CE1 . TYR A 1 19 ? -3.927  -6.470  -4.759  1.00 17.67 ? 204 TYR A CE1 1 
ATOM   134 C CE2 . TYR A 1 19 ? -3.379  -6.262  -2.425  1.00 18.54 ? 204 TYR A CE2 1 
ATOM   135 C CZ  . TYR A 1 19 ? -3.492  -7.035  -3.576  1.00 18.81 ? 204 TYR A CZ  1 
ATOM   136 O OH  . TYR A 1 19 ? -3.153  -8.370  -3.541  1.00 23.68 ? 204 TYR A OH  1 
ATOM   137 N N   . GLY A 1 20 ? -3.553  0.144   -5.120  1.00 13.92 ? 205 GLY A N   1 
ATOM   138 C CA  . GLY A 1 20 ? -3.933  1.539   -5.287  1.00 14.95 ? 205 GLY A CA  1 
ATOM   139 C C   . GLY A 1 20 ? -4.040  1.957   -6.734  1.00 15.54 ? 205 GLY A C   1 
ATOM   140 O O   . GLY A 1 20 ? -4.031  1.118   -7.627  1.00 15.69 ? 205 GLY A O   1 
ATOM   141 N N   . ALA A 1 21 ? -4.157  3.260   -6.947  1.00 16.14 ? 206 ALA A N   1 
ATOM   142 C CA  . ALA A 1 21 ? -4.153  3.832   -8.284  1.00 17.00 ? 206 ALA A CA  1 
ATOM   143 C C   . ALA A 1 21 ? -3.166  4.988   -8.327  1.00 17.92 ? 206 ALA A C   1 
ATOM   144 O O   . ALA A 1 21 ? -3.159  5.835   -7.432  1.00 18.23 ? 206 ALA A O   1 
ATOM   145 C CB  . ALA A 1 21 ? -5.542  4.293   -8.653  1.00 17.12 ? 206 ALA A CB  1 
ATOM   146 N N   . TYR A 1 22 ? -2.337  5.034   -9.364  1.00 18.51 ? 207 TYR A N   1 
ATOM   147 C CA  . TYR A 1 22 ? -1.275  6.025   -9.428  1.00 19.74 ? 207 TYR A CA  1 
ATOM   148 C C   . TYR A 1 22 ? -1.804  7.466   -9.336  1.00 19.91 ? 207 TYR A C   1 
ATOM   149 O O   . TYR A 1 22 ? -1.129  8.339   -8.792  1.00 20.45 ? 207 TYR A O   1 
ATOM   150 C CB  . TYR A 1 22 ? -0.393  5.826   -10.664 1.00 20.38 ? 207 TYR A CB  1 
ATOM   151 C CG  . TYR A 1 22 ? -1.033  6.198   -11.976 1.00 21.69 ? 207 TYR A CG  1 
ATOM   152 C CD1 . TYR A 1 22 ? -0.871  7.475   -12.514 1.00 23.88 ? 207 TYR A CD1 1 
ATOM   153 C CD2 . TYR A 1 22 ? -1.791  5.274   -12.694 1.00 22.81 ? 207 TYR A CD2 1 
ATOM   154 C CE1 . TYR A 1 22 ? -1.455  7.824   -13.735 1.00 25.36 ? 207 TYR A CE1 1 
ATOM   155 C CE2 . TYR A 1 22 ? -2.374  5.612   -13.915 1.00 24.35 ? 207 TYR A CE2 1 
ATOM   156 C CZ  . TYR A 1 22 ? -2.206  6.889   -14.426 1.00 25.46 ? 207 TYR A CZ  1 
ATOM   157 O OH  . TYR A 1 22 ? -2.790  7.212   -15.633 1.00 26.01 ? 207 TYR A OH  1 
ATOM   158 N N   . TRP A 1 23 ? -3.027  7.678   -9.817  1.00 19.98 ? 208 TRP A N   1 
ATOM   159 C CA  . TRP A 1 23 ? -3.664  9.006   -9.880  1.00 20.23 ? 208 TRP A CA  1 
ATOM   160 C C   . TRP A 1 23 ? -4.502  9.374   -8.651  1.00 21.04 ? 208 TRP A C   1 
ATOM   161 O O   . TRP A 1 23 ? -5.034  10.485  -8.560  1.00 20.99 ? 208 TRP A O   1 
ATOM   162 C CB  . TRP A 1 23 ? -4.554  9.100   -11.137 1.00 20.40 ? 208 TRP A CB  1 
ATOM   163 C CG  . TRP A 1 23 ? -5.492  7.938   -11.265 1.00 19.02 ? 208 TRP A CG  1 
ATOM   164 C CD1 . TRP A 1 23 ? -5.297  6.828   -12.028 1.00 18.83 ? 208 TRP A CD1 1 
ATOM   165 C CD2 . TRP A 1 23 ? -6.743  7.744   -10.585 1.00 19.59 ? 208 TRP A CD2 1 
ATOM   166 N NE1 . TRP A 1 23 ? -6.347  5.967   -11.886 1.00 18.99 ? 208 TRP A NE1 1 
ATOM   167 C CE2 . TRP A 1 23 ? -7.249  6.496   -11.004 1.00 19.32 ? 208 TRP A CE2 1 
ATOM   168 C CE3 . TRP A 1 23 ? -7.493  8.505   -9.680  1.00 20.44 ? 208 TRP A CE3 1 
ATOM   169 C CZ2 . TRP A 1 23 ? -8.468  5.984   -10.543 1.00 21.03 ? 208 TRP A CZ2 1 
ATOM   170 C CZ3 . TRP A 1 23 ? -8.707  7.991   -9.216  1.00 21.13 ? 208 TRP A CZ3 1 
ATOM   171 C CH2 . TRP A 1 23 ? -9.176  6.742   -9.650  1.00 21.65 ? 208 TRP A CH2 1 
ATOM   172 N N   . CYS A 1 24 ? -4.631  8.448   -7.708  1.00 21.41 ? 209 CYS A N   1 
ATOM   173 C CA  . CYS A 1 24 ? -5.517  8.648   -6.572  1.00 21.83 ? 209 CYS A CA  1 
ATOM   174 C C   . CYS A 1 24 ? -4.815  9.488   -5.493  1.00 21.53 ? 209 CYS A C   1 
ATOM   175 O O   . CYS A 1 24 ? -3.717  9.138   -5.066  1.00 20.81 ? 209 CYS A O   1 
ATOM   176 C CB  . CYS A 1 24 ? -5.983  7.298   -6.037  1.00 22.27 ? 209 CYS A CB  1 
ATOM   177 S SG  . CYS A 1 24 ? -6.868  7.401   -4.490  1.00 27.03 ? 209 CYS A SG  1 
ATOM   178 N N   . PRO A 1 25 ? -5.429  10.619  -5.080  1.00 21.32 ? 210 PRO A N   1 
ATOM   179 C CA  . PRO A 1 25 ? -4.777  11.498  -4.098  1.00 21.62 ? 210 PRO A CA  1 
ATOM   180 C C   . PRO A 1 25 ? -4.382  10.806  -2.801  1.00 21.35 ? 210 PRO A C   1 
ATOM   181 O O   . PRO A 1 25 ? -3.289  11.070  -2.288  1.00 21.77 ? 210 PRO A O   1 
ATOM   182 C CB  . PRO A 1 25 ? -5.837  12.562  -3.824  1.00 21.94 ? 210 PRO A CB  1 
ATOM   183 C CG  . PRO A 1 25 ? -6.601  12.633  -5.080  1.00 21.94 ? 210 PRO A CG  1 
ATOM   184 C CD  . PRO A 1 25 ? -6.661  11.230  -5.615  1.00 21.86 ? 210 PRO A CD  1 
ATOM   185 N N   . HIS A 1 26 ? -5.248  9.940   -2.277  1.00 21.33 ? 211 HIS A N   1 
ATOM   186 C CA  . HIS A 1 26 ? -4.928  9.213   -1.049  1.00 21.52 ? 211 HIS A CA  1 
ATOM   187 C C   . HIS A 1 26 ? -3.760  8.268   -1.241  1.00 20.46 ? 211 HIS A C   1 
ATOM   188 O O   . HIS A 1 26 ? -2.930  8.112   -0.349  1.00 19.50 ? 211 HIS A O   1 
ATOM   189 C CB  . HIS A 1 26 ? -6.125  8.420   -0.533  1.00 22.54 ? 211 HIS A CB  1 
ATOM   190 C CG  . HIS A 1 26 ? -7.182  9.267   0.095   1.00 25.45 ? 211 HIS A CG  1 
ATOM   191 N ND1 . HIS A 1 26 ? -6.886  10.368  0.866   1.00 28.33 ? 211 HIS A ND1 1 
ATOM   192 C CD2 . HIS A 1 26 ? -8.531  9.172   0.069   1.00 27.25 ? 211 HIS A CD2 1 
ATOM   193 C CE1 . HIS A 1 26 ? -8.011  10.918  1.287   1.00 29.15 ? 211 HIS A CE1 1 
ATOM   194 N NE2 . HIS A 1 26 ? -9.024  10.214  0.812   1.00 29.11 ? 211 HIS A NE2 1 
ATOM   195 N N   . CYS A 1 27 ? -3.705  7.623   -2.407  1.00 19.33 ? 212 CYS A N   1 
ATOM   196 C CA  . CYS A 1 27 ? -2.577  6.747   -2.716  1.00 18.86 ? 212 CYS A CA  1 
ATOM   197 C C   . CYS A 1 27 ? -1.279  7.546   -2.791  1.00 18.01 ? 212 CYS A C   1 
ATOM   198 O O   . CYS A 1 27 ? -0.243  7.108   -2.300  1.00 16.84 ? 212 CYS A O   1 
ATOM   199 C CB  . CYS A 1 27 ? -2.840  5.980   -4.009  1.00 19.20 ? 212 CYS A CB  1 
ATOM   200 S SG  . CYS A 1 27 ? -4.248  4.875   -3.835  1.00 23.46 ? 212 CYS A SG  1 
ATOM   201 N N   . GLN A 1 28 ? -1.343  8.725   -3.403  1.00 17.44 ? 213 GLN A N   1 
ATOM   202 C CA  . GLN A 1 28 ? -0.188  9.610   -3.453  1.00 17.62 ? 213 GLN A CA  1 
ATOM   203 C C   . GLN A 1 28 ? 0.233   10.052  -2.044  1.00 17.32 ? 213 GLN A C   1 
ATOM   204 O O   . GLN A 1 28 ? 1.420   10.073  -1.730  1.00 17.16 ? 213 GLN A O   1 
ATOM   205 C CB  . GLN A 1 28 ? -0.480  10.810  -4.361  1.00 18.36 ? 213 GLN A CB  1 
ATOM   206 C CG  . GLN A 1 28 ? -0.610  10.393  -5.822  1.00 21.39 ? 213 GLN A CG  1 
ATOM   207 C CD  . GLN A 1 28 ? -0.977  11.549  -6.753  1.00 26.17 ? 213 GLN A CD  1 
ATOM   208 O OE1 . GLN A 1 28 ? -0.676  12.716  -6.473  1.00 28.54 ? 213 GLN A OE1 1 
ATOM   209 N NE2 . GLN A 1 28 ? -1.620  11.223  -7.878  1.00 27.22 ? 213 GLN A NE2 1 
ATOM   210 N N   . ASP A 1 29 ? -0.748  10.367  -1.198  1.00 17.03 ? 214 ASP A N   1 
ATOM   211 C CA  . ASP A 1 29 ? -0.466  10.745  0.190   1.00 17.19 ? 214 ASP A CA  1 
ATOM   212 C C   . ASP A 1 29 ? 0.222   9.611   0.930   1.00 16.36 ? 214 ASP A C   1 
ATOM   213 O O   . ASP A 1 29 ? 1.178   9.842   1.679   1.00 16.64 ? 214 ASP A O   1 
ATOM   214 C CB  . ASP A 1 29 ? -1.748  11.128  0.932   1.00 18.14 ? 214 ASP A CB  1 
ATOM   215 C CG  . ASP A 1 29 ? -2.366  12.422  0.416   1.00 20.92 ? 214 ASP A CG  1 
ATOM   216 O OD1 . ASP A 1 29 ? -1.677  13.214  -0.267  1.00 23.12 ? 214 ASP A OD1 1 
ATOM   217 O OD2 . ASP A 1 29 ? -3.558  12.650  0.715   1.00 24.84 ? 214 ASP A OD2 1 
ATOM   218 N N   . GLN A 1 30 ? -0.261  8.392   0.699   1.00 15.46 ? 215 GLN A N   1 
ATOM   219 C CA  . GLN A 1 30 ? 0.303   7.201   1.327   1.00 14.89 ? 215 GLN A CA  1 
ATOM   220 C C   . GLN A 1 30 ? 1.760   7.009   0.936   1.00 15.05 ? 215 GLN A C   1 
ATOM   221 O O   . GLN A 1 30 ? 2.612   6.761   1.798   1.00 15.06 ? 215 GLN A O   1 
ATOM   222 C CB  . GLN A 1 30 ? -0.506  5.955   0.962   1.00 15.07 ? 215 GLN A CB  1 
ATOM   223 C CG  . GLN A 1 30 ? 0.084   4.679   1.549   1.00 14.74 ? 215 GLN A CG  1 
ATOM   224 C CD  . GLN A 1 30 ? -0.057  4.639   3.046   1.00 14.79 ? 215 GLN A CD  1 
ATOM   225 O OE1 . GLN A 1 30 ? 0.833   5.080   3.796   1.00 17.26 ? 215 GLN A OE1 1 
ATOM   226 N NE2 . GLN A 1 30 ? -1.184  4.148   3.497   1.00 12.39 ? 215 GLN A NE2 1 
ATOM   227 N N   . LYS A 1 31 ? 2.044   7.123   -0.363  1.00 14.81 ? 216 LYS A N   1 
ATOM   228 C CA  . LYS A 1 31 ? 3.410   6.965   -0.858  1.00 15.55 ? 216 LYS A CA  1 
ATOM   229 C C   . LYS A 1 31 ? 4.311   8.053   -0.294  1.00 15.57 ? 216 LYS A C   1 
ATOM   230 O O   . LYS A 1 31 ? 5.457   7.792   0.060   1.00 15.84 ? 216 LYS A O   1 
ATOM   231 C CB  . LYS A 1 31 ? 3.436   6.953   -2.385  1.00 15.65 ? 216 LYS A CB  1 
ATOM   232 C CG  . LYS A 1 31 ? 2.678   5.764   -2.958  1.00 18.31 ? 216 LYS A CG  1 
ATOM   233 C CD  . LYS A 1 31 ? 2.697   5.750   -4.479  1.00 20.19 ? 216 LYS A CD  1 
ATOM   234 C CE  . LYS A 1 31 ? 1.730   4.706   -5.019  1.00 22.63 ? 216 LYS A CE  1 
ATOM   235 N NZ  . LYS A 1 31 ? 1.461   4.913   -6.460  1.00 25.74 ? 216 LYS A NZ  1 
ATOM   236 N N   . GLU A 1 32 ? 3.774   9.265   -0.172  1.00 16.01 ? 217 GLU A N   1 
ATOM   237 C CA  . GLU A 1 32 ? 4.550   10.397  0.327   1.00 16.93 ? 217 GLU A CA  1 
ATOM   238 C C   . GLU A 1 32 ? 5.031   10.244  1.773   1.00 16.50 ? 217 GLU A C   1 
ATOM   239 O O   . GLU A 1 32 ? 6.069   10.805  2.142   1.00 16.52 ? 217 GLU A O   1 
ATOM   240 C CB  . GLU A 1 32 ? 3.786   11.716  0.133   1.00 17.89 ? 217 GLU A CB  1 
ATOM   241 C CG  . GLU A 1 32 ? 3.865   12.262  -1.286  1.00 23.63 ? 217 GLU A CG  1 
ATOM   242 C CD  . GLU A 1 32 ? 2.860   13.384  -1.559  1.00 29.21 ? 217 GLU A CD  1 
ATOM   243 O OE1 . GLU A 1 32 ? 2.446   14.079  -0.601  1.00 32.35 ? 217 GLU A OE1 1 
ATOM   244 O OE2 . GLU A 1 32 ? 2.486   13.576  -2.741  1.00 32.81 ? 217 GLU A OE2 1 
ATOM   245 N N   . LEU A 1 33 ? 4.310   9.471   2.579   1.00 15.76 ? 218 LEU A N   1 
ATOM   246 C CA  . LEU A 1 33 ? 4.761   9.198   3.958   1.00 15.71 ? 218 LEU A CA  1 
ATOM   247 C C   . LEU A 1 33 ? 6.078   8.433   3.955   1.00 15.67 ? 218 LEU A C   1 
ATOM   248 O O   . LEU A 1 33 ? 6.923   8.605   4.854   1.00 15.99 ? 218 LEU A O   1 
ATOM   249 C CB  . LEU A 1 33 ? 3.709   8.428   4.756   1.00 16.05 ? 218 LEU A CB  1 
ATOM   250 C CG  . LEU A 1 33 ? 2.460   9.217   5.137   1.00 16.50 ? 218 LEU A CG  1 
ATOM   251 C CD1 . LEU A 1 33 ? 1.343   8.287   5.554   1.00 17.76 ? 218 LEU A CD1 1 
ATOM   252 C CD2 . LEU A 1 33 ? 2.774   10.217  6.247   1.00 18.31 ? 218 LEU A CD2 1 
ATOM   253 N N   . PHE A 1 34 ? 6.249   7.586   2.942   1.00 15.19 ? 219 PHE A N   1 
ATOM   254 C CA  . PHE A 1 34 ? 7.459   6.780   2.806   1.00 15.04 ? 219 PHE A CA  1 
ATOM   255 C C   . PHE A 1 34 ? 8.538   7.549   2.080   1.00 15.66 ? 219 PHE A C   1 
ATOM   256 O O   . PHE A 1 34 ? 9.723   7.319   2.318   1.00 16.30 ? 219 PHE A O   1 
ATOM   257 C CB  . PHE A 1 34 ? 7.173   5.498   2.024   1.00 14.32 ? 219 PHE A CB  1 
ATOM   258 C CG  . PHE A 1 34 ? 6.517   4.401   2.837   1.00 13.42 ? 219 PHE A CG  1 
ATOM   259 C CD1 . PHE A 1 34 ? 7.299   3.465   3.519   1.00 12.96 ? 219 PHE A CD1 1 
ATOM   260 C CD2 . PHE A 1 34 ? 5.130   4.284   2.894   1.00 12.78 ? 219 PHE A CD2 1 
ATOM   261 C CE1 . PHE A 1 34 ? 6.713   2.432   4.255   1.00 12.18 ? 219 PHE A CE1 1 
ATOM   262 C CE2 . PHE A 1 34 ? 4.525   3.246   3.633   1.00 12.87 ? 219 PHE A CE2 1 
ATOM   263 C CZ  . PHE A 1 34 ? 5.327   2.311   4.313   1.00 12.27 ? 219 PHE A CZ  1 
ATOM   264 N N   . GLY A 1 35 ? 8.128   8.468   1.205   1.00 16.01 ? 220 GLY A N   1 
ATOM   265 C CA  . GLY A 1 35 ? 9.062   9.133   0.304   1.00 16.65 ? 220 GLY A CA  1 
ATOM   266 C C   . GLY A 1 35 ? 9.712   8.114   -0.607  1.00 16.91 ? 220 GLY A C   1 
ATOM   267 O O   . GLY A 1 35 ? 9.065   7.169   -1.062  1.00 17.35 ? 220 GLY A O   1 
ATOM   268 N N   . ALA A 1 36 ? 11.009  8.287   -0.854  1.00 17.38 ? 221 ALA A N   1 
ATOM   269 C CA  . ALA A 1 36 ? 11.743  7.369   -1.722  1.00 17.37 ? 221 ALA A CA  1 
ATOM   270 C C   . ALA A 1 36 ? 11.746  5.931   -1.206  1.00 16.85 ? 221 ALA A C   1 
ATOM   271 O O   . ALA A 1 36 ? 11.918  4.995   -1.987  1.00 17.13 ? 221 ALA A O   1 
ATOM   272 C CB  . ALA A 1 36 ? 13.173  7.863   -1.940  1.00 18.37 ? 221 ALA A CB  1 
ATOM   273 N N   . ALA A 1 37 ? 11.535  5.756   0.102   1.00 16.37 ? 222 ALA A N   1 
ATOM   274 C CA  . ALA A 1 37 ? 11.522  4.428   0.708   1.00 15.60 ? 222 ALA A CA  1 
ATOM   275 C C   . ALA A 1 37 ? 10.378  3.584   0.174   1.00 15.16 ? 222 ALA A C   1 
ATOM   276 O O   . ALA A 1 37 ? 10.394  2.358   0.311   1.00 15.48 ? 222 ALA A O   1 
ATOM   277 C CB  . ALA A 1 37 ? 11.449  4.516   2.232   1.00 15.75 ? 222 ALA A CB  1 
ATOM   278 N N   . PHE A 1 38 ? 9.400   4.225   -0.465  1.00 14.46 ? 223 PHE A N   1 
ATOM   279 C CA  . PHE A 1 38 ? 8.273   3.474   -1.011  1.00 14.41 ? 223 PHE A CA  1 
ATOM   280 C C   . PHE A 1 38 ? 8.712   2.452   -2.064  1.00 14.49 ? 223 PHE A C   1 
ATOM   281 O O   . PHE A 1 38 ? 8.005   1.499   -2.345  1.00 14.33 ? 223 PHE A O   1 
ATOM   282 C CB  . PHE A 1 38 ? 7.195   4.402   -1.585  1.00 14.08 ? 223 PHE A CB  1 
ATOM   283 C CG  . PHE A 1 38 ? 5.903   3.694   -1.855  1.00 14.56 ? 223 PHE A CG  1 
ATOM   284 C CD1 . PHE A 1 38 ? 5.060   3.338   -0.799  1.00 14.73 ? 223 PHE A CD1 1 
ATOM   285 C CD2 . PHE A 1 38 ? 5.561   3.308   -3.151  1.00 15.79 ? 223 PHE A CD2 1 
ATOM   286 C CE1 . PHE A 1 38 ? 3.872   2.641   -1.032  1.00 16.02 ? 223 PHE A CE1 1 
ATOM   287 C CE2 . PHE A 1 38 ? 4.385   2.613   -3.405  1.00 16.44 ? 223 PHE A CE2 1 
ATOM   288 C CZ  . PHE A 1 38 ? 3.529   2.276   -2.339  1.00 16.46 ? 223 PHE A CZ  1 
ATOM   289 N N   . ASP A 1 39 ? 9.899   2.650   -2.624  1.00 14.52 ? 224 ASP A N   1 
ATOM   290 C CA  . ASP A 1 39 ? 10.401  1.765   -3.665  1.00 14.81 ? 224 ASP A CA  1 
ATOM   291 C C   . ASP A 1 39 ? 10.391  0.297   -3.243  1.00 13.95 ? 224 ASP A C   1 
ATOM   292 O O   . ASP A 1 39 ? 10.184  -0.564  -4.087  1.00 14.44 ? 224 ASP A O   1 
ATOM   293 C CB  . ASP A 1 39 ? 11.813  2.178   -4.103  1.00 15.52 ? 224 ASP A CB  1 
ATOM   294 C CG  . ASP A 1 39 ? 11.829  3.472   -4.902  1.00 17.64 ? 224 ASP A CG  1 
ATOM   295 O OD1 . ASP A 1 39 ? 10.753  3.975   -5.305  1.00 19.18 ? 224 ASP A OD1 1 
ATOM   296 O OD2 . ASP A 1 39 ? 12.942  3.994   -5.135  1.00 20.70 ? 224 ASP A OD2 1 
ATOM   297 N N   . GLN A 1 40 ? 10.579  0.002   -1.950  1.00 12.96 ? 225 GLN A N   1 
ATOM   298 C CA  . GLN A 1 40 ? 10.575  -1.395  -1.499  1.00 12.56 ? 225 GLN A CA  1 
ATOM   299 C C   . GLN A 1 40 ? 9.176   -1.956  -1.238  1.00 12.09 ? 225 GLN A C   1 
ATOM   300 O O   . GLN A 1 40 ? 9.004   -3.169  -1.158  1.00 11.90 ? 225 GLN A O   1 
ATOM   301 C CB  . GLN A 1 40 ? 11.398  -1.582  -0.224  1.00 12.68 ? 225 GLN A CB  1 
ATOM   302 C CG  . GLN A 1 40 ? 12.883  -1.484  -0.421  1.00 13.80 ? 225 GLN A CG  1 
ATOM   303 C CD  . GLN A 1 40 ? 13.635  -1.984  0.792   1.00 14.46 ? 225 GLN A CD  1 
ATOM   304 O OE1 . GLN A 1 40 ? 14.100  -3.120  0.814   1.00 16.22 ? 225 GLN A OE1 1 
ATOM   305 N NE2 . GLN A 1 40 ? 13.753  -1.135  1.813   1.00 14.29 ? 225 GLN A NE2 1 
ATOM   306 N N   . VAL A 1 41 ? 8.183   -1.080  -1.068  1.00 12.66 ? 226 VAL A N   1 
ATOM   307 C CA  . VAL A 1 41 ? 6.848   -1.532  -0.667  1.00 12.63 ? 226 VAL A CA  1 
ATOM   308 C C   . VAL A 1 41 ? 6.163   -2.247  -1.837  1.00 12.59 ? 226 VAL A C   1 
ATOM   309 O O   . VAL A 1 41 ? 6.016   -1.660  -2.902  1.00 12.83 ? 226 VAL A O   1 
ATOM   310 C CB  . VAL A 1 41 ? 5.956   -0.353  -0.217  1.00 12.35 ? 226 VAL A CB  1 
ATOM   311 C CG1 . VAL A 1 41 ? 4.541   -0.840  0.108   1.00 13.70 ? 226 VAL A CG1 1 
ATOM   312 C CG2 . VAL A 1 41 ? 6.572   0.363   0.997   1.00 13.38 ? 226 VAL A CG2 1 
ATOM   313 N N   . PRO A 1 42 ? 5.732   -3.510  -1.643  1.00 13.12 ? 227 PRO A N   1 
ATOM   314 C CA  . PRO A 1 42 ? 4.975   -4.185  -2.701  1.00 13.38 ? 227 PRO A CA  1 
ATOM   315 C C   . PRO A 1 42 ? 3.709   -3.405  -3.047  1.00 13.13 ? 227 PRO A C   1 
ATOM   316 O O   . PRO A 1 42 ? 2.923   -3.028  -2.158  1.00 13.92 ? 227 PRO A O   1 
ATOM   317 C CB  . PRO A 1 42 ? 4.618   -5.533  -2.074  1.00 13.47 ? 227 PRO A CB  1 
ATOM   318 C CG  . PRO A 1 42 ? 5.692   -5.750  -1.027  1.00 14.19 ? 227 PRO A CG  1 
ATOM   319 C CD  . PRO A 1 42 ? 5.938   -4.386  -0.472  1.00 13.16 ? 227 PRO A CD  1 
ATOM   320 N N   . TYR A 1 43 ? 3.531   -3.148  -4.335  1.00 12.77 ? 228 TYR A N   1 
ATOM   321 C CA  . TYR A 1 43 ? 2.461   -2.285  -4.800  1.00 12.51 ? 228 TYR A CA  1 
ATOM   322 C C   . TYR A 1 43 ? 1.820   -2.838  -6.067  1.00 12.60 ? 228 TYR A C   1 
ATOM   323 O O   . TYR A 1 43 ? 2.513   -3.144  -7.045  1.00 13.02 ? 228 TYR A O   1 
ATOM   324 C CB  . TYR A 1 43 ? 2.979   -0.864  -5.037  1.00 12.76 ? 228 TYR A CB  1 
ATOM   325 C CG  . TYR A 1 43 ? 1.983   0.047   -5.710  1.00 12.32 ? 228 TYR A CG  1 
ATOM   326 C CD1 . TYR A 1 43 ? 0.921   0.602   -4.999  1.00 12.85 ? 228 TYR A CD1 1 
ATOM   327 C CD2 . TYR A 1 43 ? 2.088   0.341   -7.073  1.00 13.50 ? 228 TYR A CD2 1 
ATOM   328 C CE1 . TYR A 1 43 ? -0.012  1.442   -5.632  1.00 13.92 ? 228 TYR A CE1 1 
ATOM   329 C CE2 . TYR A 1 43 ? 1.170   1.182   -7.703  1.00 13.37 ? 228 TYR A CE2 1 
ATOM   330 C CZ  . TYR A 1 43 ? 0.127   1.730   -6.976  1.00 14.08 ? 228 TYR A CZ  1 
ATOM   331 O OH  . TYR A 1 43 ? -0.791  2.561   -7.602  1.00 15.57 ? 228 TYR A OH  1 
ATOM   332 N N   . VAL A 1 44 ? 0.490   -2.941  -6.034  1.00 12.37 ? 229 VAL A N   1 
ATOM   333 C CA  . VAL A 1 44 ? -0.314  -3.377  -7.180  1.00 12.12 ? 229 VAL A CA  1 
ATOM   334 C C   . VAL A 1 44 ? -1.056  -2.170  -7.748  1.00 11.94 ? 229 VAL A C   1 
ATOM   335 O O   . VAL A 1 44 ? -1.820  -1.491  -7.031  1.00 12.14 ? 229 VAL A O   1 
ATOM   336 C CB  . VAL A 1 44 ? -1.330  -4.473  -6.763  1.00 12.26 ? 229 VAL A CB  1 
ATOM   337 C CG1 . VAL A 1 44 ? -2.251  -4.842  -7.935  1.00 12.12 ? 229 VAL A CG1 1 
ATOM   338 C CG2 . VAL A 1 44 ? -0.598  -5.695  -6.231  1.00 13.68 ? 229 VAL A CG2 1 
ATOM   339 N N   . GLU A 1 45 ? -0.819  -1.890  -9.027  1.00 12.08 ? 230 GLU A N   1 
ATOM   340 C CA  . GLU A 1 45 ? -1.519  -0.815  -9.724  1.00 12.28 ? 230 GLU A CA  1 
ATOM   341 C C   . GLU A 1 45 ? -2.883  -1.305  -10.218 1.00 13.20 ? 230 GLU A C   1 
ATOM   342 O O   . GLU A 1 45 ? -2.960  -2.145  -11.123 1.00 14.08 ? 230 GLU A O   1 
ATOM   343 C CB  . GLU A 1 45 ? -0.689  -0.321  -10.912 1.00 12.95 ? 230 GLU A CB  1 
ATOM   344 C CG  . GLU A 1 45 ? -1.370  0.767   -11.727 1.00 12.86 ? 230 GLU A CG  1 
ATOM   345 C CD  . GLU A 1 45 ? -1.720  1.952   -10.886 1.00 13.99 ? 230 GLU A CD  1 
ATOM   346 O OE1 . GLU A 1 45 ? -0.798  2.503   -10.225 1.00 14.74 ? 230 GLU A OE1 1 
ATOM   347 O OE2 . GLU A 1 45 ? -2.917  2.326   -10.866 1.00 14.69 ? 230 GLU A OE2 1 
ATOM   348 N N   . CYS A 1 46 ? -3.944  -0.763  -9.625  1.00 13.30 ? 231 CYS A N   1 
ATOM   349 C CA  . CYS A 1 46 ? -5.294  -1.210  -9.935  1.00 13.96 ? 231 CYS A CA  1 
ATOM   350 C C   . CYS A 1 46 ? -5.910  -0.436  -11.084 1.00 14.56 ? 231 CYS A C   1 
ATOM   351 O O   . CYS A 1 46 ? -6.915  -0.865  -11.644 1.00 14.86 ? 231 CYS A O   1 
ATOM   352 C CB  . CYS A 1 46 ? -6.194  -1.085  -8.699  1.00 14.29 ? 231 CYS A CB  1 
ATOM   353 S SG  . CYS A 1 46 ? -5.771  -2.240  -7.376  1.00 16.48 ? 231 CYS A SG  1 
ATOM   354 N N   . SER A 1 47 ? -5.332  0.710   -11.424 1.00 15.10 ? 232 SER A N   1 
ATOM   355 C CA  . SER A 1 47 ? -5.936  1.558   -12.454 1.00 15.93 ? 232 SER A CA  1 
ATOM   356 C C   . SER A 1 47 ? -4.913  2.013   -13.504 1.00 16.73 ? 232 SER A C   1 
ATOM   357 O O   . SER A 1 47 ? -4.662  3.220   -13.659 1.00 16.64 ? 232 SER A O   1 
ATOM   358 C CB  . SER A 1 47 ? -6.664  2.741   -11.801 1.00 16.68 ? 232 SER A CB  1 
ATOM   359 O OG  . SER A 1 47 ? -7.403  3.488   -12.754 1.00 18.61 ? 232 SER A OG  1 
ATOM   360 N N   . PRO A 1 48 ? -4.325  1.050   -14.238 1.00 17.41 ? 233 PRO A N   1 
ATOM   361 C CA  . PRO A 1 48 ? -3.317  1.449   -15.226 1.00 18.29 ? 233 PRO A CA  1 
ATOM   362 C C   . PRO A 1 48 ? -3.921  2.301   -16.340 1.00 19.07 ? 233 PRO A C   1 
ATOM   363 O O   . PRO A 1 48 ? -3.219  3.114   -16.955 1.00 19.64 ? 233 PRO A O   1 
ATOM   364 C CB  . PRO A 1 48 ? -2.813  0.114   -15.782 1.00 18.12 ? 233 PRO A CB  1 
ATOM   365 C CG  . PRO A 1 48 ? -3.846  -0.886  -15.433 1.00 17.95 ? 233 PRO A CG  1 
ATOM   366 C CD  . PRO A 1 48 ? -4.459  -0.418  -14.157 1.00 17.09 ? 233 PRO A CD  1 
ATOM   367 N N   . ASN A 1 49 ? -5.220  2.130   -16.576 1.00 19.52 ? 234 ASN A N   1 
ATOM   368 C CA  . ASN A 1 49 ? -5.910  2.893   -17.617 1.00 20.29 ? 234 ASN A CA  1 
ATOM   369 C C   . ASN A 1 49 ? -6.581  4.187   -17.142 1.00 20.85 ? 234 ASN A C   1 
ATOM   370 O O   . ASN A 1 49 ? -7.195  4.902   -17.941 1.00 21.44 ? 234 ASN A O   1 
ATOM   371 C CB  . ASN A 1 49 ? -6.889  1.982   -18.371 1.00 20.54 ? 234 ASN A CB  1 
ATOM   372 C CG  . ASN A 1 49 ? -6.212  0.750   -18.931 1.00 20.84 ? 234 ASN A CG  1 
ATOM   373 O OD1 . ASN A 1 49 ? -6.660  -0.378  -18.712 1.00 23.30 ? 234 ASN A OD1 1 
ATOM   374 N ND2 . ASN A 1 49 ? -5.104  0.952   -19.632 1.00 21.65 ? 234 ASN A ND2 1 
ATOM   375 N N   . GLY A 1 50 ? -6.447  4.502   -15.856 1.00 20.55 ? 235 GLY A N   1 
ATOM   376 C CA  . GLY A 1 50 ? -6.899  5.788   -15.334 1.00 21.36 ? 235 GLY A CA  1 
ATOM   377 C C   . GLY A 1 50 ? -8.330  5.823   -14.837 1.00 21.20 ? 235 GLY A C   1 
ATOM   378 O O   . GLY A 1 50 ? -9.053  4.820   -14.957 1.00 21.57 ? 235 GLY A O   1 
ATOM   379 N N   . PRO A 1 51 ? -8.756  6.975   -14.285 1.00 21.41 ? 236 PRO A N   1 
ATOM   380 C CA  . PRO A 1 51 ? -10.061 7.175   -13.671 1.00 22.02 ? 236 PRO A CA  1 
ATOM   381 C C   . PRO A 1 51 ? -11.207 6.756   -14.581 1.00 22.64 ? 236 PRO A C   1 
ATOM   382 O O   . PRO A 1 51 ? -11.126 6.930   -15.798 1.00 22.70 ? 236 PRO A O   1 
ATOM   383 C CB  . PRO A 1 51 ? -10.110 8.692   -13.439 1.00 22.03 ? 236 PRO A CB  1 
ATOM   384 C CG  . PRO A 1 51 ? -8.724  9.105   -13.340 1.00 21.79 ? 236 PRO A CG  1 
ATOM   385 C CD  . PRO A 1 51 ? -7.968  8.225   -14.285 1.00 21.31 ? 236 PRO A CD  1 
ATOM   386 N N   . GLY A 1 52 ? -12.239 6.169   -13.980 1.00 23.41 ? 237 GLY A N   1 
ATOM   387 C CA  . GLY A 1 52 ? -13.443 5.765   -14.698 1.00 23.46 ? 237 GLY A CA  1 
ATOM   388 C C   . GLY A 1 52 ? -13.404 4.436   -15.435 1.00 23.38 ? 237 GLY A C   1 
ATOM   389 O O   . GLY A 1 52 ? -14.446 3.969   -15.902 1.00 24.34 ? 237 GLY A O   1 
ATOM   390 N N   . THR A 1 53 ? -12.221 3.825   -15.551 1.00 22.21 ? 238 THR A N   1 
ATOM   391 C CA  . THR A 1 53 ? -12.052 2.597   -16.340 1.00 20.49 ? 238 THR A CA  1 
ATOM   392 C C   . THR A 1 53 ? -12.200 1.404   -15.408 1.00 18.76 ? 238 THR A C   1 
ATOM   393 O O   . THR A 1 53 ? -11.996 1.548   -14.204 1.00 18.74 ? 238 THR A O   1 
ATOM   394 C CB  . THR A 1 53 ? -10.671 2.515   -17.025 1.00 20.84 ? 238 THR A CB  1 
ATOM   395 O OG1 . THR A 1 53 ? -9.643  2.408   -16.034 1.00 20.84 ? 238 THR A OG1 1 
ATOM   396 C CG2 . THR A 1 53 ? -10.414 3.736   -17.875 1.00 21.78 ? 238 THR A CG2 1 
ATOM   397 N N   . PRO A 1 54 ? -12.567 0.217   -15.950 1.00 17.43 ? 239 PRO A N   1 
ATOM   398 C CA  . PRO A 1 54 ? -12.595 -0.950  -15.069 1.00 16.10 ? 239 PRO A CA  1 
ATOM   399 C C   . PRO A 1 54 ? -11.206 -1.225  -14.494 1.00 15.42 ? 239 PRO A C   1 
ATOM   400 O O   . PRO A 1 54 ? -10.191 -1.142  -15.209 1.00 15.41 ? 239 PRO A O   1 
ATOM   401 C CB  . PRO A 1 54 ? -13.033 -2.087  -16.003 1.00 16.23 ? 239 PRO A CB  1 
ATOM   402 C CG  . PRO A 1 54 ? -13.830 -1.390  -17.076 1.00 16.34 ? 239 PRO A CG  1 
ATOM   403 C CD  . PRO A 1 54 ? -13.044 -0.111  -17.305 1.00 17.32 ? 239 PRO A CD  1 
ATOM   404 N N   . GLN A 1 55 ? -11.153 -1.539  -13.205 1.00 15.01 ? 240 GLN A N   1 
ATOM   405 C CA  . GLN A 1 55 ? -9.861  -1.747  -12.571 1.00 14.86 ? 240 GLN A CA  1 
ATOM   406 C C   . GLN A 1 55 ? -9.234  -3.070  -13.011 1.00 15.44 ? 240 GLN A C   1 
ATOM   407 O O   . GLN A 1 55 ? -9.879  -3.900  -13.663 1.00 15.54 ? 240 GLN A O   1 
ATOM   408 C CB  . GLN A 1 55 ? -9.963  -1.657  -11.047 1.00 14.43 ? 240 GLN A CB  1 
ATOM   409 C CG  . GLN A 1 55 ? -10.685 -2.815  -10.362 1.00 15.27 ? 240 GLN A CG  1 
ATOM   410 C CD  . GLN A 1 55 ? -10.596 -2.722  -8.856  1.00 17.28 ? 240 GLN A CD  1 
ATOM   411 O OE1 . GLN A 1 55 ? -9.766  -1.987  -8.318  1.00 17.69 ? 240 GLN A OE1 1 
ATOM   412 N NE2 . GLN A 1 55 ? -11.456 -3.462  -8.163  1.00 17.36 ? 240 GLN A NE2 1 
ATOM   413 N N   . ALA A 1 56 ? -7.965  -3.245  -12.643 1.00 15.49 ? 241 ALA A N   1 
ATOM   414 C CA  . ALA A 1 56 ? -7.196  -4.419  -13.008 1.00 16.22 ? 241 ALA A CA  1 
ATOM   415 C C   . ALA A 1 56 ? -7.878  -5.698  -12.529 1.00 16.59 ? 241 ALA A C   1 
ATOM   416 O O   . ALA A 1 56 ? -8.426  -5.737  -11.429 1.00 16.10 ? 241 ALA A O   1 
ATOM   417 C CB  . ALA A 1 56 ? -5.821  -4.313  -12.412 1.00 16.33 ? 241 ALA A CB  1 
ATOM   418 N N   . GLN A 1 57 ? -7.849  -6.734  -13.363 1.00 17.54 ? 242 GLN A N   1 
ATOM   419 C CA  . GLN A 1 57 ? -8.433  -8.027  -12.991 1.00 18.94 ? 242 GLN A CA  1 
ATOM   420 C C   . GLN A 1 57 ? -7.938  -8.516  -11.629 1.00 18.85 ? 242 GLN A C   1 
ATOM   421 O O   . GLN A 1 57 ? -8.740  -8.965  -10.810 1.00 18.95 ? 242 GLN A O   1 
ATOM   422 C CB  . GLN A 1 57 ? -8.179  -9.079  -14.075 1.00 19.53 ? 242 GLN A CB  1 
ATOM   423 C CG  . GLN A 1 57 ? -8.737  -10.455 -13.741 1.00 22.71 ? 242 GLN A CG  1 
ATOM   424 C CD  . GLN A 1 57 ? -8.597  -11.437 -14.889 1.00 27.37 ? 242 GLN A CD  1 
ATOM   425 O OE1 . GLN A 1 57 ? -9.453  -11.504 -15.770 1.00 30.87 ? 242 GLN A OE1 1 
ATOM   426 N NE2 . GLN A 1 57 ? -7.528  -12.228 -14.866 1.00 30.59 ? 242 GLN A NE2 1 
ATOM   427 N N   . GLU A 1 58 ? -6.629  -8.407  -11.372 1.00 19.21 ? 243 GLU A N   1 
ATOM   428 C CA  . GLU A 1 58 ? -6.076  -8.849  -10.083 1.00 19.61 ? 243 GLU A CA  1 
ATOM   429 C C   . GLU A 1 58 ? -6.699  -8.130  -8.891  1.00 18.67 ? 243 GLU A C   1 
ATOM   430 O O   . GLU A 1 58 ? -6.830  -8.716  -7.811  1.00 18.18 ? 243 GLU A O   1 
ATOM   431 C CB  . GLU A 1 58 ? -4.560  -8.667  -9.990  1.00 20.66 ? 243 GLU A CB  1 
ATOM   432 C CG  . GLU A 1 58 ? -3.840  -8.365  -11.251 1.00 23.89 ? 243 GLU A CG  1 
ATOM   433 C CD  . GLU A 1 58 ? -2.423  -7.908  -10.975 1.00 24.94 ? 243 GLU A CD  1 
ATOM   434 O OE1 . GLU A 1 58 ? -2.031  -6.842  -11.496 1.00 27.08 ? 243 GLU A OE1 1 
ATOM   435 O OE2 . GLU A 1 58 ? -1.725  -8.609  -10.218 1.00 25.83 ? 243 GLU A OE2 1 
ATOM   436 N N   . CYS A 1 59 ? -7.059  -6.856  -9.078  1.00 18.00 ? 244 CYS A N   1 
ATOM   437 C CA  . CYS A 1 59 ? -7.683  -6.074  -8.009  1.00 17.27 ? 244 CYS A CA  1 
ATOM   438 C C   . CYS A 1 59 ? -9.133  -6.483  -7.776  1.00 17.66 ? 244 CYS A C   1 
ATOM   439 O O   . CYS A 1 59 ? -9.564  -6.623  -6.629  1.00 17.72 ? 244 CYS A O   1 
ATOM   440 C CB  . CYS A 1 59 ? -7.565  -4.577  -8.289  1.00 16.89 ? 244 CYS A CB  1 
ATOM   441 S SG  . CYS A 1 59 ? -5.818  -4.090  -8.289  1.00 15.79 ? 244 CYS A SG  1 
ATOM   442 N N   . THR A 1 60 ? -9.877  -6.675  -8.863  1.00 17.83 ? 245 THR A N   1 
ATOM   443 C CA  . THR A 1 60 ? -11.244 -7.201  -8.759  1.00 18.26 ? 245 THR A CA  1 
ATOM   444 C C   . THR A 1 60 ? -11.258 -8.566  -8.065  1.00 19.55 ? 245 THR A C   1 
ATOM   445 O O   . THR A 1 60 ? -12.099 -8.824  -7.183  1.00 20.04 ? 245 THR A O   1 
ATOM   446 C CB  . THR A 1 60 ? -11.896 -7.312  -10.142 1.00 17.91 ? 245 THR A CB  1 
ATOM   447 O OG1 . THR A 1 60 ? -12.061 -6.001  -10.681 1.00 17.09 ? 245 THR A OG1 1 
ATOM   448 C CG2 . THR A 1 60 ? -13.268 -7.998  -10.048 1.00 17.96 ? 245 THR A CG2 1 
ATOM   449 N N   . GLU A 1 61 ? -10.332 -9.433  -8.466  1.00 20.91 ? 246 GLU A N   1 
ATOM   450 C CA  . GLU A 1 61 ? -10.240 -10.783 -7.894  1.00 22.69 ? 246 GLU A CA  1 
ATOM   451 C C   . GLU A 1 61 ? -9.785  -10.814 -6.426  1.00 22.84 ? 246 GLU A C   1 
ATOM   452 O O   . GLU A 1 61 ? -10.149 -11.733 -5.680  1.00 23.81 ? 246 GLU A O   1 
ATOM   453 C CB  . GLU A 1 61 ? -9.383  -11.694 -8.784  1.00 23.31 ? 246 GLU A CB  1 
ATOM   454 C CG  . GLU A 1 61 ? -10.037 -12.003 -10.149 1.00 26.36 ? 246 GLU A CG  1 
ATOM   455 C CD  . GLU A 1 61 ? -11.509 -12.464 -10.045 1.00 30.35 ? 246 GLU A CD  1 
ATOM   456 O OE1 . GLU A 1 61 ? -11.812 -13.382 -9.242  1.00 31.79 ? 246 GLU A OE1 1 
ATOM   457 O OE2 . GLU A 1 61 ? -12.371 -11.907 -10.774 1.00 31.70 ? 246 GLU A OE2 1 
ATOM   458 N N   . ALA A 1 62 ? -9.027  -9.800  -6.012  1.00 22.51 ? 247 ALA A N   1 
ATOM   459 C CA  . ALA A 1 62 ? -8.633  -9.609  -4.614  1.00 22.21 ? 247 ALA A CA  1 
ATOM   460 C C   . ALA A 1 62 ? -9.726  -8.900  -3.807  1.00 22.11 ? 247 ALA A C   1 
ATOM   461 O O   . ALA A 1 62 ? -9.615  -8.751  -2.585  1.00 22.58 ? 247 ALA A O   1 
ATOM   462 C CB  . ALA A 1 62 ? -7.315  -8.832  -4.532  1.00 22.26 ? 247 ALA A CB  1 
ATOM   463 N N   . GLY A 1 63 ? -10.784 -8.473  -4.492  1.00 21.33 ? 248 GLY A N   1 
ATOM   464 C CA  . GLY A 1 63 ? -11.908 -7.808  -3.841  1.00 21.09 ? 248 GLY A CA  1 
ATOM   465 C C   . GLY A 1 63 ? -11.636 -6.387  -3.406  1.00 20.71 ? 248 GLY A C   1 
ATOM   466 O O   . GLY A 1 63 ? -12.239 -5.899  -2.446  1.00 21.27 ? 248 GLY A O   1 
ATOM   467 N N   . ILE A 1 64 ? -10.734 -5.710  -4.120  1.00 20.06 ? 249 ILE A N   1 
ATOM   468 C CA  . ILE A 1 64 ? -10.408 -4.317  -3.817  1.00 19.14 ? 249 ILE A CA  1 
ATOM   469 C C   . ILE A 1 64 ? -11.581 -3.414  -4.173  1.00 19.64 ? 249 ILE A C   1 
ATOM   470 O O   . ILE A 1 64 ? -12.049 -3.377  -5.324  1.00 19.06 ? 249 ILE A O   1 
ATOM   471 C CB  . ILE A 1 64 ? -9.109  -3.828  -4.545  1.00 19.14 ? 249 ILE A CB  1 
ATOM   472 C CG1 . ILE A 1 64 ? -7.923  -4.763  -4.265  1.00 18.71 ? 249 ILE A CG1 1 
ATOM   473 C CG2 . ILE A 1 64 ? -8.781  -2.375  -4.171  1.00 18.66 ? 249 ILE A CG2 1 
ATOM   474 C CD1 . ILE A 1 64 ? -7.627  -5.010  -2.758  1.00 18.75 ? 249 ILE A CD1 1 
ATOM   475 N N   . THR A 1 65 ? -12.068 -2.688  -3.176  1.00 20.15 ? 250 THR A N   1 
ATOM   476 C CA  . THR A 1 65 ? -13.190 -1.788  -3.396  1.00 20.83 ? 250 THR A CA  1 
ATOM   477 C C   . THR A 1 65 ? -12.894 -0.356  -2.945  1.00 21.04 ? 250 THR A C   1 
ATOM   478 O O   . THR A 1 65 ? -13.749 0.516   -3.064  1.00 22.08 ? 250 THR A O   1 
ATOM   479 C CB  . THR A 1 65 ? -14.511 -2.340  -2.761  1.00 20.75 ? 250 THR A CB  1 
ATOM   480 O OG1 . THR A 1 65 ? -14.300 -2.628  -1.372  1.00 21.07 ? 250 THR A OG1 1 
ATOM   481 C CG2 . THR A 1 65 ? -14.946 -3.630  -3.461  1.00 21.93 ? 250 THR A CG2 1 
ATOM   482 N N   . SER A 1 66 ? -11.689 -0.114  -2.424  1.00 20.89 ? 251 SER A N   1 
ATOM   483 C CA  . SER A 1 66 ? -11.209 1.262   -2.212  1.00 20.95 ? 251 SER A CA  1 
ATOM   484 C C   . SER A 1 66 ? -9.681  1.385   -2.295  1.00 20.29 ? 251 SER A C   1 
ATOM   485 O O   . SER A 1 66 ? -8.972  0.387   -2.170  1.00 19.76 ? 251 SER A O   1 
ATOM   486 C CB  . SER A 1 66 ? -11.779 1.897   -0.922  1.00 21.73 ? 251 SER A CB  1 
ATOM   487 O OG  . SER A 1 66 ? -11.727 1.014   0.179   1.00 23.85 ? 251 SER A OG  1 
ATOM   488 N N   . TYR A 1 67 ? -9.208  2.601   -2.556  1.00 19.28 ? 252 TYR A N   1 
ATOM   489 C CA  . TYR A 1 67 ? -7.775  2.879   -2.708  1.00 19.02 ? 252 TYR A CA  1 
ATOM   490 C C   . TYR A 1 67 ? -7.299  3.914   -1.676  1.00 19.02 ? 252 TYR A C   1 
ATOM   491 O O   . TYR A 1 67 ? -7.964  4.935   -1.474  1.00 20.33 ? 252 TYR A O   1 
ATOM   492 C CB  . TYR A 1 67 ? -7.454  3.441   -4.091  1.00 18.68 ? 252 TYR A CB  1 
ATOM   493 C CG  . TYR A 1 67 ? -7.955  2.676   -5.312  1.00 17.87 ? 252 TYR A CG  1 
ATOM   494 C CD1 . TYR A 1 67 ? -7.989  1.284   -5.345  1.00 16.86 ? 252 TYR A CD1 1 
ATOM   495 C CD2 . TYR A 1 67 ? -8.348  3.376   -6.458  1.00 18.93 ? 252 TYR A CD2 1 
ATOM   496 C CE1 . TYR A 1 67 ? -8.430  0.607   -6.479  1.00 17.04 ? 252 TYR A CE1 1 
ATOM   497 C CE2 . TYR A 1 67 ? -8.783  2.705   -7.597  1.00 18.83 ? 252 TYR A CE2 1 
ATOM   498 C CZ  . TYR A 1 67 ? -8.821  1.325   -7.601  1.00 18.30 ? 252 TYR A CZ  1 
ATOM   499 O OH  . TYR A 1 67 ? -9.267  0.674   -8.740  1.00 18.69 ? 252 TYR A OH  1 
ATOM   500 N N   . PRO A 1 68 ? -6.150  3.665   -1.031  1.00 18.66 ? 253 PRO A N   1 
ATOM   501 C CA  . PRO A 1 68 ? -5.388  2.422   -1.106  1.00 18.41 ? 253 PRO A CA  1 
ATOM   502 C C   . PRO A 1 68 ? -6.033  1.346   -0.233  1.00 17.98 ? 253 PRO A C   1 
ATOM   503 O O   . PRO A 1 68 ? -6.791  1.671   0.689   1.00 18.64 ? 253 PRO A O   1 
ATOM   504 C CB  . PRO A 1 68 ? -4.027  2.822   -0.540  1.00 18.47 ? 253 PRO A CB  1 
ATOM   505 C CG  . PRO A 1 68 ? -4.337  3.909   0.422   1.00 18.72 ? 253 PRO A CG  1 
ATOM   506 C CD  . PRO A 1 68 ? -5.479  4.672   -0.184  1.00 18.72 ? 253 PRO A CD  1 
ATOM   507 N N   . THR A 1 69 ? -5.767  0.087   -0.545  1.00 17.88 ? 254 THR A N   1 
ATOM   508 C CA  . THR A 1 69 ? -6.069  -1.009  0.362   1.00 17.53 ? 254 THR A CA  1 
ATOM   509 C C   . THR A 1 69 ? -4.777  -1.750  0.632   1.00 17.42 ? 254 THR A C   1 
ATOM   510 O O   . THR A 1 69 ? -4.051  -2.107  -0.298  1.00 17.32 ? 254 THR A O   1 
ATOM   511 C CB  . THR A 1 69 ? -7.111  -1.988  -0.219  1.00 17.94 ? 254 THR A CB  1 
ATOM   512 O OG1 . THR A 1 69 ? -8.388  -1.351  -0.259  1.00 19.02 ? 254 THR A OG1 1 
ATOM   513 C CG2 . THR A 1 69 ? -7.219  -3.247  0.637   1.00 18.14 ? 254 THR A CG2 1 
ATOM   514 N N   . TRP A 1 70 ? -4.491  -1.964  1.911   1.00 16.31 ? 255 TRP A N   1 
ATOM   515 C CA  . TRP A 1 70 ? -3.363  -2.772  2.322   1.00 16.65 ? 255 TRP A CA  1 
ATOM   516 C C   . TRP A 1 70 ? -3.837  -4.164  2.684   1.00 17.25 ? 255 TRP A C   1 
ATOM   517 O O   . TRP A 1 70 ? -4.867  -4.316  3.352   1.00 18.22 ? 255 TRP A O   1 
ATOM   518 C CB  . TRP A 1 70 ? -2.720  -2.161  3.558   1.00 15.74 ? 255 TRP A CB  1 
ATOM   519 C CG  . TRP A 1 70 ? -1.998  -0.882  3.305   1.00 14.83 ? 255 TRP A CG  1 
ATOM   520 C CD1 . TRP A 1 70 ? -2.511  0.369   3.385   1.00 13.89 ? 255 TRP A CD1 1 
ATOM   521 C CD2 . TRP A 1 70 ? -0.612  -0.733  2.961   1.00 13.75 ? 255 TRP A CD2 1 
ATOM   522 N NE1 . TRP A 1 70 ? -1.537  1.303   3.104   1.00 14.08 ? 255 TRP A NE1 1 
ATOM   523 C CE2 . TRP A 1 70 ? -0.361  0.651   2.844   1.00 13.44 ? 255 TRP A CE2 1 
ATOM   524 C CE3 . TRP A 1 70 ? 0.443   -1.639  2.737   1.00 12.12 ? 255 TRP A CE3 1 
ATOM   525 C CZ2 . TRP A 1 70 ? 0.902   1.163   2.514   1.00 12.52 ? 255 TRP A CZ2 1 
ATOM   526 C CZ3 . TRP A 1 70 ? 1.698   -1.133  2.421   1.00 12.31 ? 255 TRP A CZ3 1 
ATOM   527 C CH2 . TRP A 1 70 ? 1.917   0.259   2.313   1.00 11.74 ? 255 TRP A CH2 1 
ATOM   528 N N   . ILE A 1 71 ? -3.094  -5.167  2.238   1.00 17.93 ? 256 ILE A N   1 
ATOM   529 C CA  . ILE A 1 71 ? -3.256  -6.523  2.745   1.00 18.88 ? 256 ILE A CA  1 
ATOM   530 C C   . ILE A 1 71 ? -1.947  -6.944  3.397   1.00 19.50 ? 256 ILE A C   1 
ATOM   531 O O   . ILE A 1 71 ? -0.922  -7.103  2.726   1.00 19.20 ? 256 ILE A O   1 
ATOM   532 C CB  . ILE A 1 71 ? -3.718  -7.527  1.663   1.00 18.93 ? 256 ILE A CB  1 
ATOM   533 C CG1 . ILE A 1 71 ? -5.008  -7.019  1.009   1.00 19.97 ? 256 ILE A CG1 1 
ATOM   534 C CG2 . ILE A 1 71 ? -3.962  -8.896  2.318   1.00 19.33 ? 256 ILE A CG2 1 
ATOM   535 C CD1 . ILE A 1 71 ? -5.590  -7.902  -0.099  1.00 20.49 ? 256 ILE A CD1 1 
ATOM   536 N N   . ILE A 1 72 ? -1.987  -7.072  4.720   1.00 20.79 ? 257 ILE A N   1 
ATOM   537 C CA  . ILE A 1 72 ? -0.796  -7.336  5.531   1.00 21.74 ? 257 ILE A CA  1 
ATOM   538 C C   . ILE A 1 72 ? -1.102  -8.511  6.448   1.00 23.59 ? 257 ILE A C   1 
ATOM   539 O O   . ILE A 1 72 ? -2.057  -8.456  7.221   1.00 24.12 ? 257 ILE A O   1 
ATOM   540 C CB  . ILE A 1 72 ? -0.404  -6.092  6.385   1.00 21.30 ? 257 ILE A CB  1 
ATOM   541 C CG1 . ILE A 1 72 ? -0.125  -4.888  5.471   1.00 19.63 ? 257 ILE A CG1 1 
ATOM   542 C CG2 . ILE A 1 72 ? 0.808   -6.388  7.279   1.00 21.39 ? 257 ILE A CG2 1 
ATOM   543 C CD1 . ILE A 1 72 ? -0.078  -3.536  6.178   1.00 18.23 ? 257 ILE A CD1 1 
ATOM   544 N N   . ASN A 1 73 ? -0.284  -9.555  6.362   1.00 25.67 ? 258 ASN A N   1 
ATOM   545 C CA  . ASN A 1 73 ? -0.522  -10.797 7.107   1.00 27.78 ? 258 ASN A CA  1 
ATOM   546 C C   . ASN A 1 73 ? -1.940  -11.334 6.858   1.00 28.75 ? 258 ASN A C   1 
ATOM   547 O O   . ASN A 1 73 ? -2.633  -11.759 7.787   1.00 30.12 ? 258 ASN A O   1 
ATOM   548 C CB  . ASN A 1 73 ? -0.257  -10.582 8.607   1.00 28.28 ? 258 ASN A CB  1 
ATOM   549 C CG  . ASN A 1 73 ? 1.191   -10.218 8.906   1.00 29.49 ? 258 ASN A CG  1 
ATOM   550 O OD1 . ASN A 1 73 ? 1.465   -9.355  9.742   1.00 31.60 ? 258 ASN A OD1 1 
ATOM   551 N ND2 . ASN A 1 73 ? 2.122   -10.878 8.228   1.00 30.00 ? 258 ASN A ND2 1 
ATOM   552 N N   . GLY A 1 74 ? -2.370  -11.294 5.598   1.00 29.36 ? 259 GLY A N   1 
ATOM   553 C CA  . GLY A 1 74 ? -3.722  -11.708 5.218   1.00 29.67 ? 259 GLY A CA  1 
ATOM   554 C C   . GLY A 1 74 ? -4.863  -10.812 5.687   1.00 29.79 ? 259 GLY A C   1 
ATOM   555 O O   . GLY A 1 74 ? -6.021  -11.062 5.340   1.00 30.40 ? 259 GLY A O   1 
ATOM   556 N N   . ARG A 1 75 ? -4.537  -9.777  6.466   1.00 29.56 ? 260 ARG A N   1 
ATOM   557 C CA  . ARG A 1 75 ? -5.519  -8.832  7.029   1.00 29.11 ? 260 ARG A CA  1 
ATOM   558 C C   . ARG A 1 75 ? -5.681  -7.614  6.132   1.00 27.91 ? 260 ARG A C   1 
ATOM   559 O O   . ARG A 1 75 ? -4.710  -7.133  5.551   1.00 27.17 ? 260 ARG A O   1 
ATOM   560 C CB  . ARG A 1 75 ? -5.062  -8.316  8.393   1.00 29.89 ? 260 ARG A CB  1 
ATOM   561 C CG  . ARG A 1 75 ? -4.990  -9.318  9.540   1.00 32.85 ? 260 ARG A CG  1 
ATOM   562 C CD  . ARG A 1 75 ? -4.863  -8.549  10.870  1.00 37.26 ? 260 ARG A CD  1 
ATOM   563 N NE  . ARG A 1 75 ? -5.868  -7.475  10.984  1.00 40.71 ? 260 ARG A NE  1 
ATOM   564 C CZ  . ARG A 1 75 ? -6.207  -6.842  12.112  1.00 42.40 ? 260 ARG A CZ  1 
ATOM   565 N NH1 . ARG A 1 75 ? -5.636  -7.158  13.276  1.00 42.57 ? 260 ARG A NH1 1 
ATOM   566 N NH2 . ARG A 1 75 ? -7.135  -5.887  12.079  1.00 43.06 ? 260 ARG A NH2 1 
ATOM   567 N N   . THR A 1 76 ? -6.902  -7.094  6.062   1.00 26.67 ? 261 THR A N   1 
ATOM   568 C CA  . THR A 1 76 ? -7.227  -5.990  5.162   1.00 25.59 ? 261 THR A CA  1 
ATOM   569 C C   . THR A 1 76 ? -7.364  -4.661  5.899   1.00 24.64 ? 261 THR A C   1 
ATOM   570 O O   . THR A 1 76 ? -8.100  -4.552  6.885   1.00 24.45 ? 261 THR A O   1 
ATOM   571 C CB  . THR A 1 76 ? -8.501  -6.315  4.355   1.00 25.80 ? 261 THR A CB  1 
ATOM   572 O OG1 . THR A 1 76 ? -8.256  -7.494  3.575   1.00 27.05 ? 261 THR A OG1 1 
ATOM   573 C CG2 . THR A 1 76 ? -8.886  -5.165  3.431   1.00 26.02 ? 261 THR A CG2 1 
ATOM   574 N N   . TYR A 1 77 ? -6.623  -3.664  5.416   1.00 23.11 ? 262 TYR A N   1 
ATOM   575 C CA  . TYR A 1 77 ? -6.617  -2.321  5.979   1.00 22.40 ? 262 TYR A CA  1 
ATOM   576 C C   . TYR A 1 77 ? -6.873  -1.322  4.874   1.00 22.25 ? 262 TYR A C   1 
ATOM   577 O O   . TYR A 1 77 ? -5.991  -1.062  4.058   1.00 22.46 ? 262 TYR A O   1 
ATOM   578 C CB  . TYR A 1 77 ? -5.247  -1.990  6.567   1.00 22.29 ? 262 TYR A CB  1 
ATOM   579 C CG  . TYR A 1 77 ? -4.828  -2.826  7.733   1.00 22.30 ? 262 TYR A CG  1 
ATOM   580 C CD1 . TYR A 1 77 ? -5.053  -2.382  9.035   1.00 23.76 ? 262 TYR A CD1 1 
ATOM   581 C CD2 . TYR A 1 77 ? -4.187  -4.049  7.546   1.00 23.60 ? 262 TYR A CD2 1 
ATOM   582 C CE1 . TYR A 1 77 ? -4.666  -3.135  10.120  1.00 25.09 ? 262 TYR A CE1 1 
ATOM   583 C CE2 . TYR A 1 77 ? -3.795  -4.823  8.638   1.00 25.29 ? 262 TYR A CE2 1 
ATOM   584 C CZ  . TYR A 1 77 ? -4.045  -4.349  9.925   1.00 25.53 ? 262 TYR A CZ  1 
ATOM   585 O OH  . TYR A 1 77 ? -3.662  -5.078  11.024  1.00 28.35 ? 262 TYR A OH  1 
ATOM   586 N N   . THR A 1 78 ? -8.062  -0.737  4.857   1.00 21.96 ? 263 THR A N   1 
ATOM   587 C CA  . THR A 1 78 ? -8.404  0.212   3.804   1.00 21.80 ? 263 THR A CA  1 
ATOM   588 C C   . THR A 1 78 ? -8.092  1.656   4.193   1.00 21.21 ? 263 THR A C   1 
ATOM   589 O O   . THR A 1 78 ? -8.168  2.028   5.378   1.00 21.55 ? 263 THR A O   1 
ATOM   590 C CB  . THR A 1 78 ? -9.879  0.072   3.385   1.00 22.07 ? 263 THR A CB  1 
ATOM   591 O OG1 . THR A 1 78 ? -10.723 0.386   4.498   1.00 24.16 ? 263 THR A OG1 1 
ATOM   592 C CG2 . THR A 1 78 ? -10.169 -1.343  2.921   1.00 22.57 ? 263 THR A CG2 1 
ATOM   593 N N   . GLY A 1 79 ? -7.738  2.458   3.190   1.00 20.48 ? 264 GLY A N   1 
ATOM   594 C CA  . GLY A 1 79 ? -7.390  3.867   3.368   1.00 19.95 ? 264 GLY A CA  1 
ATOM   595 C C   . GLY A 1 79 ? -5.929  4.102   3.737   1.00 19.44 ? 264 GLY A C   1 
ATOM   596 O O   . GLY A 1 79 ? -5.169  3.151   3.960   1.00 19.89 ? 264 GLY A O   1 
ATOM   597 N N   . VAL A 1 80 ? -5.551  5.376   3.799   1.00 19.00 ? 265 VAL A N   1 
ATOM   598 C CA  . VAL A 1 80 ? -4.190  5.788   4.144   1.00 18.79 ? 265 VAL A CA  1 
ATOM   599 C C   . VAL A 1 80 ? -3.876  5.361   5.570   1.00 18.31 ? 265 VAL A C   1 
ATOM   600 O O   . VAL A 1 80 ? -4.729  5.485   6.458   1.00 19.50 ? 265 VAL A O   1 
ATOM   601 C CB  . VAL A 1 80 ? -4.016  7.323   4.039   1.00 18.96 ? 265 VAL A CB  1 
ATOM   602 C CG1 . VAL A 1 80 ? -2.626  7.762   4.515   1.00 19.33 ? 265 VAL A CG1 1 
ATOM   603 C CG2 . VAL A 1 80 ? -4.260  7.800   2.620   1.00 19.28 ? 265 VAL A CG2 1 
ATOM   604 N N   . ARG A 1 81 ? -2.656  4.879   5.797   1.00 17.45 ? 266 ARG A N   1 
ATOM   605 C CA  . ARG A 1 81 ? -2.210  4.532   7.142   1.00 16.56 ? 266 ARG A CA  1 
ATOM   606 C C   . ARG A 1 81 ? -0.863  5.183   7.410   1.00 15.72 ? 266 ARG A C   1 
ATOM   607 O O   . ARG A 1 81 ? 0.013   5.174   6.547   1.00 14.81 ? 266 ARG A O   1 
ATOM   608 C CB  . ARG A 1 81 ? -2.088  3.012   7.301   1.00 17.15 ? 266 ARG A CB  1 
ATOM   609 C CG  . ARG A 1 81 ? -3.376  2.245   7.042   1.00 19.45 ? 266 ARG A CG  1 
ATOM   610 C CD  . ARG A 1 81 ? -4.443  2.658   8.048   1.00 22.09 ? 266 ARG A CD  1 
ATOM   611 N NE  . ARG A 1 81 ? -5.772  2.175   7.652   1.00 24.76 ? 266 ARG A NE  1 
ATOM   612 C CZ  . ARG A 1 81 ? -6.503  1.368   8.405   1.00 25.04 ? 266 ARG A CZ  1 
ATOM   613 N NH1 . ARG A 1 81 ? -6.053  0.996   9.591   1.00 26.83 ? 266 ARG A NH1 1 
ATOM   614 N NH2 . ARG A 1 81 ? -7.681  0.946   7.989   1.00 25.07 ? 266 ARG A NH2 1 
ATOM   615 N N   . SER A 1 82 ? -0.698  5.747   8.607   1.00 14.85 ? 267 SER A N   1 
ATOM   616 C CA  . SER A 1 82 ? 0.574   6.349   8.985   1.00 14.35 ? 267 SER A CA  1 
ATOM   617 C C   . SER A 1 82 ? 1.656   5.274   9.040   1.00 14.04 ? 267 SER A C   1 
ATOM   618 O O   . SER A 1 82 ? 1.348   4.062   9.081   1.00 14.15 ? 267 SER A O   1 
ATOM   619 C CB  . SER A 1 82 ? 0.458   7.018   10.354  1.00 14.72 ? 267 SER A CB  1 
ATOM   620 O OG  . SER A 1 82 ? 0.176   6.045   11.367  1.00 14.73 ? 267 SER A OG  1 
ATOM   621 N N   . LEU A 1 83 ? 2.915   5.698   9.030   1.00 13.43 ? 268 LEU A N   1 
ATOM   622 C CA  . LEU A 1 83 ? 4.013   4.741   9.198   1.00 13.81 ? 268 LEU A CA  1 
ATOM   623 C C   . LEU A 1 83 ? 3.860   4.000   10.523  1.00 13.86 ? 268 LEU A C   1 
ATOM   624 O O   . LEU A 1 83 ? 4.094   2.793   10.588  1.00 13.59 ? 268 LEU A O   1 
ATOM   625 C CB  . LEU A 1 83 ? 5.375   5.419   9.117   1.00 13.42 ? 268 LEU A CB  1 
ATOM   626 C CG  . LEU A 1 83 ? 5.725   6.125   7.802   1.00 15.00 ? 268 LEU A CG  1 
ATOM   627 C CD1 . LEU A 1 83 ? 7.154   6.668   7.873   1.00 16.57 ? 268 LEU A CD1 1 
ATOM   628 C CD2 . LEU A 1 83 ? 5.576   5.186   6.599   1.00 16.79 ? 268 LEU A CD2 1 
ATOM   629 N N   . GLU A 1 84 ? 3.437   4.713   11.564  1.00 14.15 ? 269 GLU A N   1 
ATOM   630 C CA  . GLU A 1 84 ? 3.219   4.071   12.858  1.00 14.51 ? 269 GLU A CA  1 
ATOM   631 C C   . GLU A 1 84 ? 2.153   2.977   12.787  1.00 14.36 ? 269 GLU A C   1 
ATOM   632 O O   . GLU A 1 84 ? 2.346   1.868   13.321  1.00 14.90 ? 269 GLU A O   1 
ATOM   633 C CB  . GLU A 1 84 ? 2.879   5.108   13.931  1.00 14.87 ? 269 GLU A CB  1 
ATOM   634 C CG  . GLU A 1 84 ? 4.056   6.016   14.276  1.00 16.27 ? 269 GLU A CG  1 
ATOM   635 C CD  . GLU A 1 84 ? 4.156   7.276   13.410  1.00 17.51 ? 269 GLU A CD  1 
ATOM   636 O OE1 . GLU A 1 84 ? 3.366   7.446   12.448  1.00 17.79 ? 269 GLU A OE1 1 
ATOM   637 O OE2 . GLU A 1 84 ? 5.038   8.108   13.711  1.00 19.30 ? 269 GLU A OE2 1 
ATOM   638 N N   . ALA A 1 85 ? 1.045   3.281   12.115  1.00 13.79 ? 270 ALA A N   1 
ATOM   639 C CA  . ALA A 1 85 ? -0.058  2.341   11.955  1.00 13.82 ? 270 ALA A CA  1 
ATOM   640 C C   . ALA A 1 85 ? 0.382   1.105   11.161  1.00 13.51 ? 270 ALA A C   1 
ATOM   641 O O   . ALA A 1 85 ? 0.004   -0.018  11.490  1.00 13.96 ? 270 ALA A O   1 
ATOM   642 C CB  . ALA A 1 85 ? -1.236  3.014   11.288  1.00 13.76 ? 270 ALA A CB  1 
ATOM   643 N N   . LEU A 1 86 ? 1.187   1.323   10.121  1.00 13.14 ? 271 LEU A N   1 
ATOM   644 C CA  . LEU A 1 86 ? 1.696   0.220   9.298   1.00 12.68 ? 271 LEU A CA  1 
ATOM   645 C C   . LEU A 1 86 ? 2.707   -0.648  10.052  1.00 13.25 ? 271 LEU A C   1 
ATOM   646 O O   . LEU A 1 86 ? 2.775   -1.859  9.837   1.00 13.50 ? 271 LEU A O   1 
ATOM   647 C CB  . LEU A 1 86 ? 2.295   0.750   7.983   1.00 12.53 ? 271 LEU A CB  1 
ATOM   648 C CG  . LEU A 1 86 ? 1.269   1.346   7.007   1.00 11.69 ? 271 LEU A CG  1 
ATOM   649 C CD1 . LEU A 1 86 ? 1.961   2.113   5.874   1.00 12.36 ? 271 LEU A CD1 1 
ATOM   650 C CD2 . LEU A 1 86 ? 0.337   0.253   6.446   1.00 14.05 ? 271 LEU A CD2 1 
ATOM   651 N N   . ALA A 1 87 ? 3.501   -0.016  10.910  1.00 13.50 ? 272 ALA A N   1 
ATOM   652 C CA  . ALA A 1 87 ? 4.412   -0.745  11.792  1.00 13.97 ? 272 ALA A CA  1 
ATOM   653 C C   . ALA A 1 87 ? 3.613   -1.652  12.734  1.00 14.75 ? 272 ALA A C   1 
ATOM   654 O O   . ALA A 1 87 ? 3.922   -2.830  12.872  1.00 15.22 ? 272 ALA A O   1 
ATOM   655 C CB  . ALA A 1 87 ? 5.289   0.232   12.569  1.00 14.17 ? 272 ALA A CB  1 
ATOM   656 N N   . VAL A 1 88 ? 2.569   -1.110  13.358  1.00 15.25 ? 273 VAL A N   1 
ATOM   657 C CA  . VAL A 1 88 ? 1.714   -1.909  14.248  1.00 15.55 ? 273 VAL A CA  1 
ATOM   658 C C   . VAL A 1 88 ? 1.053   -3.077  13.504  1.00 16.15 ? 273 VAL A C   1 
ATOM   659 O O   . VAL A 1 88 ? 1.071   -4.214  13.982  1.00 16.88 ? 273 VAL A O   1 
ATOM   660 C CB  . VAL A 1 88 ? 0.662   -1.018  14.967  1.00 15.31 ? 273 VAL A CB  1 
ATOM   661 C CG1 . VAL A 1 88 ? -0.406  -1.859  15.671  1.00 16.36 ? 273 VAL A CG1 1 
ATOM   662 C CG2 . VAL A 1 88 ? 1.354   -0.082  15.940  1.00 15.79 ? 273 VAL A CG2 1 
ATOM   663 N N   . ALA A 1 89 ? 0.498   -2.805  12.322  1.00 16.42 ? 274 ALA A N   1 
ATOM   664 C CA  . ALA A 1 89 ? -0.168  -3.836  11.518  1.00 17.17 ? 274 ALA A CA  1 
ATOM   665 C C   . ALA A 1 89 ? 0.780   -4.961  11.104  1.00 17.75 ? 274 ALA A C   1 
ATOM   666 O O   . ALA A 1 89 ? 0.384   -6.137  11.033  1.00 18.86 ? 274 ALA A O   1 
ATOM   667 C CB  . ALA A 1 89 ? -0.804  -3.202  10.289  1.00 17.01 ? 274 ALA A CB  1 
ATOM   668 N N   . SER A 1 90 ? 2.031   -4.604  10.830  1.00 18.08 ? 275 SER A N   1 
ATOM   669 C CA  . SER A 1 90 ? 3.008   -5.564  10.317  1.00 18.56 ? 275 SER A CA  1 
ATOM   670 C C   . SER A 1 90 ? 3.914   -6.165  11.393  1.00 19.41 ? 275 SER A C   1 
ATOM   671 O O   . SER A 1 90 ? 4.723   -7.053  11.103  1.00 19.73 ? 275 SER A O   1 
ATOM   672 C CB  . SER A 1 90 ? 3.853   -4.927  9.201   1.00 18.19 ? 275 SER A CB  1 
ATOM   673 O OG  . SER A 1 90 ? 4.694   -3.901  9.705   1.00 17.43 ? 275 SER A OG  1 
ATOM   674 N N   . GLY A 1 91 ? 3.775   -5.696  12.633  1.00 20.39 ? 276 GLY A N   1 
ATOM   675 C CA  . GLY A 1 91 ? 4.621   -6.164  13.727  1.00 21.43 ? 276 GLY A CA  1 
ATOM   676 C C   . GLY A 1 91 ? 6.045   -5.634  13.667  1.00 22.32 ? 276 GLY A C   1 
ATOM   677 O O   . GLY A 1 91 ? 6.988   -6.303  14.109  1.00 22.96 ? 276 GLY A O   1 
ATOM   678 N N   . TYR A 1 92 ? 6.202   -4.426  13.130  1.00 22.94 ? 277 TYR A N   1 
ATOM   679 C CA  . TYR A 1 92 ? 7.492   -3.756  13.081  1.00 23.69 ? 277 TYR A CA  1 
ATOM   680 C C   . TYR A 1 92 ? 7.632   -2.850  14.311  1.00 25.23 ? 277 TYR A C   1 
ATOM   681 O O   . TYR A 1 92 ? 6.729   -2.074  14.603  1.00 25.04 ? 277 TYR A O   1 
ATOM   682 C CB  . TYR A 1 92 ? 7.624   -2.940  11.783  1.00 23.13 ? 277 TYR A CB  1 
ATOM   683 C CG  . TYR A 1 92 ? 9.000   -2.354  11.575  1.00 21.85 ? 277 TYR A CG  1 
ATOM   684 C CD1 . TYR A 1 92 ? 10.020  -3.117  11.013  1.00 21.25 ? 277 TYR A CD1 1 
ATOM   685 C CD2 . TYR A 1 92 ? 9.288   -1.046  11.954  1.00 22.02 ? 277 TYR A CD2 1 
ATOM   686 C CE1 . TYR A 1 92 ? 11.293  -2.596  10.828  1.00 22.11 ? 277 TYR A CE1 1 
ATOM   687 C CE2 . TYR A 1 92 ? 10.563  -0.513  11.771  1.00 22.24 ? 277 TYR A CE2 1 
ATOM   688 C CZ  . TYR A 1 92 ? 11.556  -1.300  11.199  1.00 22.49 ? 277 TYR A CZ  1 
ATOM   689 O OH  . TYR A 1 92 ? 12.813  -0.791  11.019  1.00 23.81 ? 277 TYR A OH  1 
ATOM   690 N N   . PRO A 1 93 ? 8.763   -2.956  15.039  1.00 27.10 ? 278 PRO A N   1 
ATOM   691 C CA  . PRO A 1 93 ? 8.956   -2.244  16.312  1.00 28.91 ? 278 PRO A CA  1 
ATOM   692 C C   . PRO A 1 93 ? 9.040   -0.721  16.237  1.00 30.49 ? 278 PRO A C   1 
ATOM   693 O O   . PRO A 1 93 ? 9.702   -0.176  15.345  1.00 31.19 ? 278 PRO A O   1 
ATOM   694 C CB  . PRO A 1 93 ? 10.290  -2.801  16.828  1.00 28.85 ? 278 PRO A CB  1 
ATOM   695 C CG  . PRO A 1 93 ? 10.445  -4.117  16.148  1.00 28.56 ? 278 PRO A CG  1 
ATOM   696 C CD  . PRO A 1 93 ? 9.855   -3.915  14.785  1.00 27.53 ? 278 PRO A CD  1 
ATOM   697 N N   . LEU A 1 94 ? 8.365   -0.071  17.190  1.00 32.14 ? 279 LEU A N   1 
ATOM   698 C CA  . LEU A 1 94 ? 8.469   1.372   17.478  1.00 33.46 ? 279 LEU A CA  1 
ATOM   699 C C   . LEU A 1 94 ? 7.792   2.222   16.403  1.00 33.91 ? 279 LEU A C   1 
ATOM   700 O O   . LEU A 1 94 ? 6.629   1.988   16.046  1.00 34.27 ? 279 LEU A O   1 
ATOM   701 C CB  . LEU A 1 94 ? 9.940   1.788   17.698  1.00 34.13 ? 279 LEU A CB  1 
ATOM   702 C CG  . LEU A 1 94 ? 10.429  2.733   18.818  1.00 35.56 ? 279 LEU A CG  1 
ATOM   703 C CD1 . LEU A 1 94 ? 9.661   4.074   18.898  1.00 36.99 ? 279 LEU A CD1 1 
ATOM   704 C CD2 . LEU A 1 94 ? 10.482  2.043   20.192  1.00 36.53 ? 279 LEU A CD2 1 
HETATM 705 O O   . HOH B 2 .  ? 8.843   -0.610  -6.337  1.00 10.47 ? 1   HOH A O   1 
HETATM 706 O O   . HOH B 2 .  ? -7.431  0.597   -15.336 1.00 16.85 ? 2   HOH A O   1 
HETATM 707 O O   . HOH B 2 .  ? 1.094   8.999   12.936  1.00 20.50 ? 3   HOH A O   1 
HETATM 708 O O   . HOH B 2 .  ? 5.711   -4.452  -6.143  1.00 15.03 ? 4   HOH A O   1 
HETATM 709 O O   . HOH B 2 .  ? 13.001  1.572   1.130   1.00 16.53 ? 5   HOH A O   1 
HETATM 710 O O   . HOH B 2 .  ? 5.981   -7.199  -5.304  1.00 18.41 ? 6   HOH A O   1 
HETATM 711 O O   . HOH B 2 .  ? -3.106  5.871   10.261  1.00 24.34 ? 7   HOH A O   1 
HETATM 712 O O   . HOH B 2 .  ? 14.947  2.256   -0.725  1.00 18.93 ? 8   HOH A O   1 
HETATM 713 O O   . HOH B 2 .  ? -4.457  1.025   11.685  1.00 24.66 ? 9   HOH A O   1 
HETATM 714 O O   . HOH B 2 .  ? 13.881  -3.774  7.968   1.00 20.13 ? 10  HOH A O   1 
HETATM 715 O O   . HOH B 2 .  ? -4.722  -7.980  -13.716 1.00 27.65 ? 11  HOH A O   1 
HETATM 716 O O   . HOH B 2 .  ? -9.532  -0.818  -17.834 1.00 20.80 ? 12  HOH A O   1 
HETATM 717 O O   . HOH B 2 .  ? -2.462  -0.669  12.501  1.00 18.55 ? 13  HOH A O   1 
HETATM 718 O O   . HOH B 2 .  ? -13.823 -5.321  -6.426  1.00 22.40 ? 14  HOH A O   1 
HETATM 719 O O   . HOH B 2 .  ? 3.561   8.386   9.812   1.00 18.56 ? 15  HOH A O   1 
HETATM 720 O O   . HOH B 2 .  ? -10.760 -2.812  -0.522  1.00 18.47 ? 16  HOH A O   1 
HETATM 721 O O   . HOH B 2 .  ? 16.069  -1.858  3.627   1.00 21.62 ? 17  HOH A O   1 
HETATM 722 O O   . HOH B 2 .  ? -6.653  -6.501  -16.047 1.00 26.43 ? 18  HOH A O   1 
HETATM 723 O O   . HOH B 2 .  ? 7.675   -2.817  -5.088  0.50 13.92 ? 19  HOH A O   1 
HETATM 724 O O   . HOH B 2 .  ? -3.300  -3.176  13.326  1.00 23.85 ? 20  HOH A O   1 
HETATM 725 O O   . HOH B 2 .  ? 1.399   12.296  3.020   1.00 23.35 ? 21  HOH A O   1 
HETATM 726 O O   . HOH B 2 .  ? 16.234  8.849   5.513   1.00 39.46 ? 22  HOH A O   1 
HETATM 727 O O   . HOH B 2 .  ? 7.312   -8.934  -1.424  1.00 25.90 ? 23  HOH A O   1 
HETATM 728 O O   . HOH B 2 .  ? -5.652  -10.830 -6.955  1.00 30.82 ? 24  HOH A O   1 
HETATM 729 O O   . HOH B 2 .  ? 16.167  -2.350  6.461   1.00 24.50 ? 25  HOH A O   1 
HETATM 730 O O   . HOH B 2 .  ? -10.000 -3.332  -18.566 1.00 26.66 ? 26  HOH A O   1 
HETATM 731 O O   . HOH B 2 .  ? -1.302  9.386   -17.103 1.00 30.85 ? 27  HOH A O   1 
HETATM 732 O O   . HOH B 2 .  ? 15.010  -2.694  10.251  1.00 31.90 ? 28  HOH A O   1 
HETATM 733 O O   . HOH B 2 .  ? 11.999  -9.564  -1.393  1.00 24.29 ? 29  HOH A O   1 
HETATM 734 O O   . HOH B 2 .  ? 3.154   10.570  -4.013  1.00 35.13 ? 30  HOH A O   1 
HETATM 735 O O   . HOH B 2 .  ? -7.788  7.269   3.190   1.00 32.47 ? 31  HOH A O   1 
HETATM 736 O O   . HOH B 2 .  ? 14.593  4.209   -2.687  1.00 23.33 ? 32  HOH A O   1 
HETATM 737 O O   . HOH B 2 .  ? -12.344 -10.648 -13.035 1.00 41.90 ? 33  HOH A O   1 
HETATM 738 O O   . HOH B 2 .  ? -13.013 -1.343  0.579   1.00 25.19 ? 34  HOH A O   1 
HETATM 739 O O   . HOH B 2 .  ? -12.395 -3.120  -19.898 1.00 31.92 ? 35  HOH A O   1 
HETATM 740 O O   . HOH B 2 .  ? -7.988  -1.332  10.182  1.00 32.02 ? 36  HOH A O   1 
HETATM 741 O O   . HOH B 2 .  ? 11.126  -8.908  8.285   1.00 29.75 ? 37  HOH A O   1 
HETATM 742 O O   . HOH B 2 .  ? 13.013  7.299   11.583  1.00 31.13 ? 38  HOH A O   1 
HETATM 743 O O   . HOH B 2 .  ? -2.083  -4.195  -12.601 1.00 23.22 ? 39  HOH A O   1 
HETATM 744 O O   . HOH B 2 .  ? -5.435  -4.128  -16.434 1.00 29.35 ? 40  HOH A O   1 
HETATM 745 O O   . HOH B 2 .  ? -9.082  -8.387  7.502   1.00 40.71 ? 41  HOH A O   1 
HETATM 746 O O   . HOH B 2 .  ? 4.942   -10.116 -2.061  1.00 37.48 ? 42  HOH A O   1 
HETATM 747 O O   . HOH B 2 .  ? 4.805   -2.796  16.437  1.00 38.18 ? 43  HOH A O   1 
HETATM 748 O O   . HOH B 2 .  ? 12.886  -6.271  8.354   1.00 46.34 ? 45  HOH A O   1 
HETATM 749 O O   . HOH B 2 .  ? -9.561  2.012   -13.015 1.00 32.32 ? 46  HOH A O   1 
HETATM 750 O O   . HOH B 2 .  ? 10.171  -11.727 7.976   1.00 41.77 ? 47  HOH A O   1 
HETATM 751 O O   . HOH B 2 .  ? 2.600   -4.646  16.233  1.00 35.02 ? 48  HOH A O   1 
HETATM 752 O O   . HOH B 2 .  ? -0.704  14.214  -2.556  1.00 45.49 ? 49  HOH A O   1 
HETATM 753 O O   . HOH B 2 .  ? -16.331 4.730   -17.727 0.50 28.78 ? 50  HOH A O   1 
HETATM 754 O O   . HOH B 2 .  ? -11.043 -5.479  0.387   1.00 36.29 ? 52  HOH A O   1 
HETATM 755 O O   . HOH B 2 .  ? -2.941  -9.573  -5.975  1.00 38.38 ? 53  HOH A O   1 
HETATM 756 O O   . HOH B 2 .  ? 4.493   11.019  9.988   1.00 19.46 ? 54  HOH A O   1 
HETATM 757 O O   . HOH B 2 .  ? 6.308   11.481  7.878   1.00 35.22 ? 55  HOH A O   1 
# 
loop_
_atom_site_anisotrop.id 
_atom_site_anisotrop.type_symbol 
_atom_site_anisotrop.pdbx_label_atom_id 
_atom_site_anisotrop.pdbx_label_alt_id 
_atom_site_anisotrop.pdbx_label_comp_id 
_atom_site_anisotrop.pdbx_label_asym_id 
_atom_site_anisotrop.pdbx_label_seq_id 
_atom_site_anisotrop.pdbx_PDB_ins_code 
_atom_site_anisotrop.U[1][1] 
_atom_site_anisotrop.U[2][2] 
_atom_site_anisotrop.U[3][3] 
_atom_site_anisotrop.U[1][2] 
_atom_site_anisotrop.U[1][3] 
_atom_site_anisotrop.U[2][3] 
_atom_site_anisotrop.pdbx_auth_seq_id 
_atom_site_anisotrop.pdbx_auth_comp_id 
_atom_site_anisotrop.pdbx_auth_asym_id 
_atom_site_anisotrop.pdbx_auth_atom_id 
1   N N   . SER A 1  ? 0.3413 0.3272 0.3318 -0.0006 -0.0047 -0.0055 186 SER A N   
2   C CA  . SER A 1  ? 0.3305 0.3226 0.3257 0.0011  -0.0046 -0.0063 186 SER A CA  
3   C C   . SER A 1  ? 0.3230 0.3198 0.3191 0.0028  -0.0069 -0.0062 186 SER A C   
4   O O   . SER A 1  ? 0.3206 0.3196 0.3233 0.0021  -0.0091 -0.0084 186 SER A O   
5   C CB  . SER A 1  ? 0.3309 0.3272 0.3305 0.0016  -0.0042 -0.0040 186 SER A CB  
6   O OG  . SER A 1  ? 0.3411 0.3271 0.3273 0.0036  -0.0087 -0.0040 186 SER A OG  
7   N N   . PRO A 2  ? 0.3131 0.3114 0.3132 0.0005  -0.0080 -0.0091 187 PRO A N   
8   C CA  . PRO A 2  ? 0.2999 0.3020 0.3002 0.0028  -0.0084 -0.0084 187 PRO A CA  
9   C C   . PRO A 2  ? 0.2857 0.2882 0.2837 0.0067  -0.0080 -0.0089 187 PRO A C   
10  O O   . PRO A 2  ? 0.2823 0.2889 0.2816 0.0090  -0.0094 -0.0160 187 PRO A O   
11  C CB  . PRO A 2  ? 0.3105 0.3077 0.3032 0.0045  -0.0082 -0.0089 187 PRO A CB  
12  C CG  . PRO A 2  ? 0.3122 0.3105 0.3144 -0.0068 -0.0083 -0.0026 187 PRO A CG  
13  C CD  . PRO A 2  ? 0.3161 0.3145 0.3202 0.0001  -0.0092 -0.0093 187 PRO A CD  
14  N N   . LEU A 3  ? 0.2638 0.2710 0.2592 0.0057  -0.0070 -0.0091 188 LEU A N   
15  C CA  . LEU A 3  ? 0.2538 0.2591 0.2457 0.0081  -0.0066 -0.0100 188 LEU A CA  
16  C C   . LEU A 3  ? 0.2355 0.2451 0.2283 0.0078  -0.0061 -0.0074 188 LEU A C   
17  O O   . LEU A 3  ? 0.2265 0.2439 0.2293 0.0126  -0.0062 -0.0125 188 LEU A O   
18  C CB  . LEU A 3  ? 0.2528 0.2631 0.2427 0.0089  -0.0077 -0.0063 188 LEU A CB  
19  C CG  . LEU A 3  ? 0.2538 0.2503 0.2460 0.0058  0.0025  0.0013  188 LEU A CG  
20  C CD1 . LEU A 3  ? 0.2589 0.2494 0.2455 -0.0006 0.0017  -0.0026 188 LEU A CD1 
21  C CD2 . LEU A 3  ? 0.2719 0.2636 0.2491 0.0074  0.0011  -0.0153 188 LEU A CD2 
22  N N   . ALA A 4  ? 0.2276 0.2335 0.2309 0.0093  -0.0050 -0.0106 189 ALA A N   
23  C CA  . ALA A 4  ? 0.2195 0.2206 0.2114 0.0088  -0.0015 -0.0058 189 ALA A CA  
24  C C   . ALA A 4  ? 0.2113 0.2136 0.2130 0.0084  -0.0007 -0.0055 189 ALA A C   
25  O O   . ALA A 4  ? 0.2168 0.2169 0.2024 0.0114  -0.0034 -0.0083 189 ALA A O   
26  C CB  . ALA A 4  ? 0.2219 0.2173 0.2203 0.0083  0.0013  -0.0021 189 ALA A CB  
27  N N   . VAL A 5  ? 0.2135 0.2160 0.2120 0.0089  -0.0027 -0.0073 190 VAL A N   
28  C CA  . VAL A 5  ? 0.2056 0.2143 0.2167 0.0076  0.0007  -0.0015 190 VAL A CA  
29  C C   . VAL A 5  ? 0.2019 0.2084 0.2090 0.0086  -0.0040 -0.0029 190 VAL A C   
30  O O   . VAL A 5  ? 0.2059 0.2096 0.2228 0.0013  -0.0040 0.0025  190 VAL A O   
31  C CB  . VAL A 5  ? 0.2088 0.2106 0.2262 0.0045  0.0029  -0.0038 190 VAL A CB  
32  C CG1 . VAL A 5  ? 0.2187 0.2303 0.2432 0.0080  0.0078  -0.0078 190 VAL A CG1 
33  C CG2 . VAL A 5  ? 0.2165 0.2352 0.2231 0.0064  0.0061  0.0076  190 VAL A CG2 
34  N N   . GLY A 6  ? 0.2000 0.2054 0.2052 0.0102  -0.0037 -0.0017 191 GLY A N   
35  C CA  . GLY A 6  ? 0.1960 0.1961 0.1967 0.0069  -0.0078 -0.0003 191 GLY A CA  
36  C C   . GLY A 6  ? 0.1910 0.1871 0.1874 0.0110  -0.0068 -0.0038 191 GLY A C   
37  O O   . GLY A 6  ? 0.1935 0.1848 0.1808 0.0058  -0.0121 -0.0050 191 GLY A O   
38  N N   . LEU A 7  ? 0.1801 0.1837 0.1690 0.0131  -0.0088 -0.0048 192 LEU A N   
39  C CA  . LEU A 7  ? 0.1750 0.1706 0.1661 0.0125  -0.0008 -0.0034 192 LEU A CA  
40  C C   . LEU A 7  ? 0.1744 0.1751 0.1599 0.0093  0.0009  -0.0007 192 LEU A C   
41  O O   . LEU A 7  ? 0.1776 0.1721 0.1563 0.0183  0.0009  -0.0079 192 LEU A O   
42  C CB  . LEU A 7  ? 0.1728 0.1738 0.1690 0.0140  0.0022  -0.0066 192 LEU A CB  
43  C CG  . LEU A 7  ? 0.1787 0.1695 0.1739 0.0078  0.0097  -0.0017 192 LEU A CG  
44  C CD1 . LEU A 7  ? 0.1853 0.1789 0.1847 0.0110  0.0134  0.0056  192 LEU A CD1 
45  C CD2 . LEU A 7  ? 0.1860 0.1536 0.1607 0.0078  0.0093  -0.0017 192 LEU A CD2 
46  N N   . ALA A 8  ? 0.1707 0.1790 0.1638 0.0092  -0.0001 -0.0016 193 ALA A N   
47  C CA  . ALA A 8  ? 0.1662 0.1749 0.1549 0.0065  0.0016  0.0012  193 ALA A CA  
48  C C   . ALA A 8  ? 0.1688 0.1759 0.1586 0.0073  -0.0004 0.0019  193 ALA A C   
49  O O   . ALA A 8  ? 0.1707 0.1867 0.1677 0.0070  -0.0012 0.0029  193 ALA A O   
50  C CB  . ALA A 8  ? 0.1644 0.1665 0.1540 0.0093  0.0014  0.0032  193 ALA A CB  
51  N N   . ALA A 9  ? 0.1690 0.1809 0.1628 0.0105  0.0015  -0.0017 194 ALA A N   
52  C CA  . ALA A 9  ? 0.1695 0.1758 0.1614 0.0110  -0.0020 -0.0038 194 ALA A CA  
53  C C   . ALA A 9  ? 0.1766 0.1794 0.1620 0.0138  -0.0009 -0.0026 194 ALA A C   
54  O O   . ALA A 9  ? 0.1853 0.1842 0.1595 0.0101  -0.0005 -0.0004 194 ALA A O   
55  C CB  . ALA A 9  ? 0.1675 0.1811 0.1624 0.0177  -0.0046 -0.0075 194 ALA A CB  
56  N N   . HIS A 10 ? 0.1866 0.1816 0.1608 0.0128  0.0010  -0.0003 195 HIS A N   
57  C CA  . HIS A 10 ? 0.1932 0.1838 0.1707 0.0092  -0.0003 0.0007  195 HIS A CA  
58  C C   . HIS A 10 ? 0.1934 0.1790 0.1688 0.0112  0.0021  0.0032  195 HIS A C   
59  O O   . HIS A 10 ? 0.1957 0.1694 0.1692 0.0106  -0.0010 0.0071  195 HIS A O   
60  C CB  . HIS A 10 ? 0.1992 0.1957 0.1719 0.0109  0.0028  0.0001  195 HIS A CB  
61  C CG  . HIS A 10 ? 0.2140 0.1976 0.1997 0.0075  0.0033  0.0097  195 HIS A CG  
62  N ND1 . HIS A 10 ? 0.2491 0.2263 0.2348 0.0128  0.0104  0.0116  195 HIS A ND1 
63  C CD2 . HIS A 10 ? 0.2185 0.2160 0.2067 0.0072  0.0084  0.0085  195 HIS A CD2 
64  C CE1 . HIS A 10 ? 0.2338 0.2254 0.2472 0.0083  0.0117  0.0111  195 HIS A CE1 
65  N NE2 . HIS A 10 ? 0.2418 0.2211 0.2308 0.0114  0.0094  0.0073  195 HIS A NE2 
66  N N   . LEU A 11 ? 0.1880 0.1748 0.1644 0.0134  -0.0005 0.0044  196 LEU A N   
67  C CA  . LEU A 11 ? 0.1818 0.1690 0.1695 0.0084  0.0013  0.0054  196 LEU A CA  
68  C C   . LEU A 11 ? 0.1801 0.1733 0.1708 0.0085  -0.0004 0.0060  196 LEU A C   
69  O O   . LEU A 11 ? 0.1856 0.1649 0.1789 0.0113  -0.0009 0.0079  196 LEU A O   
70  C CB  . LEU A 11 ? 0.1788 0.1649 0.1641 0.0073  0.0011  0.0024  196 LEU A CB  
71  C CG  . LEU A 11 ? 0.1655 0.1634 0.1708 -0.0027 0.0128  0.0019  196 LEU A CG  
72  C CD1 . LEU A 11 ? 0.1805 0.1770 0.1718 0.0067  0.0071  0.0074  196 LEU A CD1 
73  C CD2 . LEU A 11 ? 0.1684 0.1820 0.1764 -0.0108 0.0189  0.0112  196 LEU A CD2 
74  N N   . ARG A 12 ? 0.1766 0.1710 0.1713 0.0099  0.0025  0.0058  197 ARG A N   
75  C CA  . ARG A 12 ? 0.1869 0.1823 0.1787 0.0063  0.0043  0.0045  197 ARG A CA  
76  C C   . ARG A 12 ? 0.1977 0.1854 0.1922 0.0066  0.0025  -0.0026 197 ARG A C   
77  O O   . ARG A 12 ? 0.2076 0.1941 0.1965 0.0062  0.0017  -0.0019 197 ARG A O   
78  C CB  . ARG A 12 ? 0.1855 0.1796 0.1789 0.0026  0.0094  -0.0020 197 ARG A CB  
79  C CG  . ARG A 12 ? 0.1874 0.1859 0.1760 0.0040  0.0179  0.0014  197 ARG A CG  
80  C CD  . ARG A 12 ? 0.1752 0.1924 0.1772 -0.0042 0.0099  0.0012  197 ARG A CD  
81  N NE  . ARG A 12 ? 0.1883 0.2069 0.1903 0.0008  0.0121  -0.0051 197 ARG A NE  
82  C CZ  . ARG A 12 ? 0.2015 0.2043 0.1966 0.0008  0.0008  -0.0046 197 ARG A CZ  
83  N NH1 . ARG A 12 ? 0.2160 0.2020 0.1962 0.0002  0.0202  0.0125  197 ARG A NH1 
84  N NH2 . ARG A 12 ? 0.2224 0.2398 0.2203 0.0012  -0.0019 -0.0142 197 ARG A NH2 
85  N N   . GLN A 13 ? 0.2121 0.1928 0.1959 0.0121  0.0014  0.0019  198 GLN A N   
86  C CA  . GLN A 13 ? 0.2283 0.2065 0.2197 0.0084  0.0002  0.0034  198 GLN A CA  
87  C C   . GLN A 13 ? 0.2385 0.2152 0.2316 0.0065  0.0000  0.0030  198 GLN A C   
88  O O   . GLN A 13 ? 0.2631 0.2221 0.2577 0.0082  -0.0005 0.0012  198 GLN A O   
89  C CB  . GLN A 13 ? 0.2274 0.2140 0.2176 0.0079  -0.0013 0.0086  198 GLN A CB  
90  C CG  . GLN A 13 ? 0.2286 0.2225 0.2338 0.0155  0.0040  0.0036  198 GLN A CG  
91  C CD  . GLN A 13 ? 0.2584 0.2621 0.2598 0.0093  -0.0024 0.0020  198 GLN A CD  
92  O OE1 . GLN A 13 ? 0.2792 0.2726 0.2695 0.0207  0.0000  0.0033  198 GLN A OE1 
93  N NE2 . GLN A 13 ? 0.2622 0.2750 0.2663 0.0103  0.0017  0.0043  198 GLN A NE2 
94  N N   . ILE A 14 ? 0.2365 0.2175 0.2355 0.0063  0.0018  0.0051  199 ILE A N   
95  C CA  . ILE A 14 ? 0.2395 0.2254 0.2332 0.0009  -0.0001 0.0066  199 ILE A CA  
96  C C   . ILE A 14 ? 0.2432 0.2366 0.2412 -0.0058 -0.0001 0.0058  199 ILE A C   
97  O O   . ILE A 14 ? 0.2564 0.2461 0.2500 -0.0110 -0.0005 0.0053  199 ILE A O   
98  C CB  . ILE A 14 ? 0.2361 0.2206 0.2340 0.0001  0.0007  0.0034  199 ILE A CB  
99  C CG1 . ILE A 14 ? 0.2351 0.2290 0.2252 0.0023  0.0077  0.0039  199 ILE A CG1 
100 C CG2 . ILE A 14 ? 0.2442 0.2326 0.2354 0.0018  -0.0014 0.0093  199 ILE A CG2 
101 C CD1 . ILE A 14 ? 0.2450 0.2462 0.2309 0.0077  0.0113  -0.0016 199 ILE A CD1 
102 N N   . GLY A 15 ? 0.2453 0.2382 0.2349 -0.0075 -0.0015 0.0051  200 GLY A N   
103 C CA  . GLY A 15 ? 0.2438 0.2407 0.2381 -0.0057 -0.0019 0.0084  200 GLY A CA  
104 C C   . GLY A 15 ? 0.2438 0.2406 0.2351 -0.0063 -0.0047 0.0092  200 GLY A C   
105 O O   . GLY A 15 ? 0.2467 0.2448 0.2457 -0.0057 -0.0085 0.0114  200 GLY A O   
106 N N   . GLY A 16 ? 0.2415 0.2362 0.2251 -0.0039 -0.0016 0.0117  201 GLY A N   
107 C CA  . GLY A 16 ? 0.2299 0.2327 0.2172 -0.0064 -0.0068 0.0147  201 GLY A CA  
108 C C   . GLY A 16 ? 0.2254 0.2323 0.2161 -0.0089 -0.0088 0.0148  201 GLY A C   
109 O O   . GLY A 16 ? 0.2314 0.2435 0.2165 -0.0158 -0.0104 0.0242  201 GLY A O   
110 N N   . THR A 17 ? 0.2202 0.2205 0.2044 -0.0076 -0.0100 0.0098  202 THR A N   
111 C CA  . THR A 17 ? 0.2155 0.2068 0.1984 -0.0019 -0.0055 0.0073  202 THR A CA  
112 C C   . THR A 17 ? 0.2025 0.2003 0.1928 -0.0042 -0.0043 0.0049  202 THR A C   
113 O O   . THR A 17 ? 0.2064 0.1961 0.1889 -0.0070 -0.0018 0.0097  202 THR A O   
114 C CB  . THR A 17 ? 0.2197 0.2134 0.2018 0.0010  -0.0071 0.0056  202 THR A CB  
115 O OG1 . THR A 17 ? 0.2508 0.2265 0.2339 0.0085  0.0067  -0.0036 202 THR A OG1 
116 C CG2 . THR A 17 ? 0.2241 0.2229 0.1956 0.0013  0.0016  0.0057  202 THR A CG2 
117 N N   . MET A 18 ? 0.1848 0.1885 0.1744 -0.0039 -0.0051 0.0031  203 MET A N   
118 C CA  . MET A 18 ? 0.1768 0.1901 0.1725 -0.0033 -0.0070 -0.0019 203 MET A CA  
119 C C   . MET A 18 ? 0.1721 0.1942 0.1661 -0.0058 -0.0066 -0.0035 203 MET A C   
120 O O   . MET A 18 ? 0.1552 0.2007 0.1624 -0.0129 -0.0078 -0.0041 203 MET A O   
121 C CB  . MET A 18 ? 0.1836 0.1881 0.1784 -0.0030 -0.0084 -0.0044 203 MET A CB  
122 C CG  . MET A 18 ? 0.2038 0.1968 0.2120 0.0012  -0.0064 -0.0087 203 MET A CG  
123 S SD  . MET A 18 ? 0.2475 0.2145 0.2555 -0.0058 -0.0368 -0.0407 203 MET A SD  
124 C CE  . MET A 18 ? 0.2482 0.2326 0.2432 -0.0149 -0.0078 -0.0045 203 MET A CE  
125 N N   . TYR A 19 ? 0.1627 0.1902 0.1584 -0.0064 -0.0048 -0.0036 204 TYR A N   
126 C CA  . TYR A 19 ? 0.1747 0.1925 0.1674 -0.0066 -0.0046 0.0004  204 TYR A CA  
127 C C   . TYR A 19 ? 0.1777 0.1911 0.1650 -0.0068 -0.0055 -0.0008 204 TYR A C   
128 O O   . TYR A 19 ? 0.1919 0.1878 0.1727 -0.0022 0.0004  0.0003  204 TYR A O   
129 C CB  . TYR A 19 ? 0.1668 0.1955 0.1722 -0.0097 -0.0043 -0.0030 204 TYR A CB  
130 C CG  . TYR A 19 ? 0.1786 0.2093 0.1887 -0.0090 0.0026  0.0026  204 TYR A CG  
131 C CD1 . TYR A 19 ? 0.1808 0.2029 0.2006 -0.0084 0.0034  -0.0097 204 TYR A CD1 
132 C CD2 . TYR A 19 ? 0.1899 0.2184 0.2117 0.0016  0.0089  0.0065  204 TYR A CD2 
133 C CE1 . TYR A 19 ? 0.2114 0.2239 0.2362 -0.0061 -0.0002 -0.0011 204 TYR A CE1 
134 C CE2 . TYR A 19 ? 0.2286 0.2335 0.2423 -0.0087 0.0068  0.0065  204 TYR A CE2 
135 C CZ  . TYR A 19 ? 0.2391 0.2328 0.2425 -0.0005 0.0090  0.0057  204 TYR A CZ  
136 O OH  . TYR A 19 ? 0.3148 0.2715 0.3131 -0.0042 0.0115  0.0003  204 TYR A OH  
137 N N   . GLY A 20 ? 0.1785 0.1878 0.1627 -0.0047 -0.0077 0.0030  205 GLY A N   
138 C CA  . GLY A 20 ? 0.1994 0.1966 0.1718 0.0015  -0.0103 -0.0005 205 GLY A CA  
139 C C   . GLY A 20 ? 0.2089 0.2042 0.1774 0.0052  -0.0128 -0.0001 205 GLY A C   
140 O O   . GLY A 20 ? 0.2138 0.2104 0.1721 0.0027  -0.0099 -0.0015 205 GLY A O   
141 N N   . ALA A 21 ? 0.2195 0.2063 0.1871 0.0083  -0.0175 -0.0018 206 ALA A N   
142 C CA  . ALA A 21 ? 0.2313 0.2163 0.1981 0.0132  -0.0135 0.0001  206 ALA A CA  
143 C C   . ALA A 21 ? 0.2448 0.2239 0.2121 0.0154  -0.0169 -0.0004 206 ALA A C   
144 O O   . ALA A 21 ? 0.2605 0.2257 0.2061 0.0120  -0.0210 0.0001  206 ALA A O   
145 C CB  . ALA A 21 ? 0.2330 0.2172 0.2002 0.0133  -0.0190 -0.0016 206 ALA A CB  
146 N N   . TYR A 22 ? 0.2504 0.2297 0.2231 0.0166  -0.0148 0.0007  207 TYR A N   
147 C CA  . TYR A 22 ? 0.2632 0.2420 0.2446 0.0144  -0.0152 -0.0012 207 TYR A CA  
148 C C   . TYR A 22 ? 0.2648 0.2407 0.2510 0.0130  -0.0183 -0.0031 207 TYR A C   
149 O O   . TYR A 22 ? 0.2686 0.2469 0.2616 0.0110  -0.0309 -0.0040 207 TYR A O   
150 C CB  . TYR A 22 ? 0.2686 0.2479 0.2577 0.0113  -0.0082 0.0008  207 TYR A CB  
151 C CG  . TYR A 22 ? 0.2854 0.2714 0.2671 0.0081  -0.0092 0.0010  207 TYR A CG  
152 C CD1 . TYR A 22 ? 0.3194 0.2872 0.3005 -0.0008 -0.0048 0.0030  207 TYR A CD1 
153 C CD2 . TYR A 22 ? 0.2973 0.2783 0.2910 0.0058  -0.0098 -0.0013 207 TYR A CD2 
154 C CE1 . TYR A 22 ? 0.3371 0.3147 0.3118 0.0039  -0.0098 0.0078  207 TYR A CE1 
155 C CE2 . TYR A 22 ? 0.3191 0.3045 0.3014 0.0027  -0.0044 0.0074  207 TYR A CE2 
156 C CZ  . TYR A 22 ? 0.3337 0.3175 0.3159 0.0010  -0.0045 0.0054  207 TYR A CZ  
157 O OH  . TYR A 22 ? 0.3395 0.3296 0.3191 0.0156  0.0023  0.0154  207 TYR A OH  
158 N N   . TRP A 23 ? 0.2680 0.2473 0.2436 0.0114  -0.0277 -0.0045 208 TRP A N   
159 C CA  . TRP A 23 ? 0.2730 0.2510 0.2445 0.0129  -0.0288 -0.0035 208 TRP A CA  
160 C C   . TRP A 23 ? 0.2830 0.2600 0.2564 0.0125  -0.0255 -0.0042 208 TRP A C   
161 O O   . TRP A 23 ? 0.2871 0.2585 0.2517 0.0246  -0.0324 -0.0068 208 TRP A O   
162 C CB  . TRP A 23 ? 0.2738 0.2555 0.2458 0.0081  -0.0300 0.0004  208 TRP A CB  
163 C CG  . TRP A 23 ? 0.2514 0.2456 0.2255 0.0109  -0.0321 0.0015  208 TRP A CG  
164 C CD1 . TRP A 23 ? 0.2534 0.2525 0.2096 0.0050  -0.0331 0.0024  208 TRP A CD1 
165 C CD2 . TRP A 23 ? 0.2642 0.2553 0.2246 0.0092  -0.0295 0.0050  208 TRP A CD2 
166 N NE1 . TRP A 23 ? 0.2545 0.2553 0.2117 0.0012  -0.0300 0.0031  208 TRP A NE1 
167 C CE2 . TRP A 23 ? 0.2504 0.2559 0.2274 0.0056  -0.0325 0.0027  208 TRP A CE2 
168 C CE3 . TRP A 23 ? 0.2614 0.2728 0.2423 0.0039  -0.0210 -0.0007 208 TRP A CE3 
169 C CZ2 . TRP A 23 ? 0.2704 0.2817 0.2467 0.0088  -0.0198 0.0046  208 TRP A CZ2 
170 C CZ3 . TRP A 23 ? 0.2662 0.2783 0.2583 0.0025  -0.0268 0.0007  208 TRP A CZ3 
171 C CH2 . TRP A 23 ? 0.2713 0.2847 0.2664 0.0122  -0.0171 -0.0002 208 TRP A CH2 
172 N N   . CYS A 24 ? 0.2869 0.2690 0.2575 0.0150  -0.0254 -0.0053 209 CYS A N   
173 C CA  . CYS A 24 ? 0.2880 0.2765 0.2649 0.0138  -0.0201 -0.0090 209 CYS A CA  
174 C C   . CYS A 24 ? 0.2836 0.2686 0.2656 0.0176  -0.0191 -0.0125 209 CYS A C   
175 O O   . CYS A 24 ? 0.2734 0.2571 0.2600 0.0205  -0.0241 -0.0121 209 CYS A O   
176 C CB  . CYS A 24 ? 0.2949 0.2801 0.2709 0.0144  -0.0166 -0.0086 209 CYS A CB  
177 S SG  . CYS A 24 ? 0.3765 0.3434 0.3072 0.0016  -0.0018 -0.0179 209 CYS A SG  
178 N N   . PRO A 25 ? 0.2793 0.2649 0.2655 0.0194  -0.0204 -0.0119 210 PRO A N   
179 C CA  . PRO A 25 ? 0.2842 0.2651 0.2720 0.0206  -0.0146 -0.0128 210 PRO A CA  
180 C C   . PRO A 25 ? 0.2794 0.2640 0.2675 0.0207  -0.0095 -0.0146 210 PRO A C   
181 O O   . PRO A 25 ? 0.2848 0.2702 0.2720 0.0215  -0.0151 -0.0167 210 PRO A O   
182 C CB  . PRO A 25 ? 0.2884 0.2700 0.2751 0.0202  -0.0129 -0.0164 210 PRO A CB  
183 C CG  . PRO A 25 ? 0.2891 0.2662 0.2780 0.0206  -0.0165 -0.0056 210 PRO A CG  
184 C CD  . PRO A 25 ? 0.2863 0.2691 0.2752 0.0195  -0.0155 -0.0141 210 PRO A CD  
185 N N   . HIS A 26 ? 0.2783 0.2667 0.2652 0.0252  -0.0055 -0.0134 211 HIS A N   
186 C CA  . HIS A 26 ? 0.2800 0.2772 0.2601 0.0180  -0.0030 -0.0111 211 HIS A CA  
187 C C   . HIS A 26 ? 0.2642 0.2704 0.2428 0.0158  -0.0028 -0.0119 211 HIS A C   
188 O O   . HIS A 26 ? 0.2575 0.2665 0.2166 0.0202  -0.0049 -0.0117 211 HIS A O   
189 C CB  . HIS A 26 ? 0.2901 0.2885 0.2777 0.0137  -0.0003 -0.0064 211 HIS A CB  
190 C CG  . HIS A 26 ? 0.3259 0.3254 0.3155 0.0176  0.0030  -0.0058 211 HIS A CG  
191 N ND1 . HIS A 26 ? 0.3610 0.3605 0.3549 0.0085  -0.0011 -0.0092 211 HIS A ND1 
192 C CD2 . HIS A 26 ? 0.3417 0.3559 0.3377 0.0050  0.0036  -0.0003 211 HIS A CD2 
193 C CE1 . HIS A 26 ? 0.3642 0.3716 0.3715 0.0069  0.0048  -0.0047 211 HIS A CE1 
194 N NE2 . HIS A 26 ? 0.3699 0.3686 0.3676 0.0070  0.0001  -0.0043 211 HIS A NE2 
195 N N   . CYS A 27 ? 0.2532 0.2571 0.2238 0.0122  -0.0067 -0.0105 212 CYS A N   
196 C CA  . CYS A 27 ? 0.2464 0.2514 0.2188 0.0072  -0.0044 -0.0075 212 CYS A CA  
197 C C   . CYS A 27 ? 0.2412 0.2347 0.2084 0.0097  -0.0074 -0.0076 212 CYS A C   
198 O O   . CYS A 27 ? 0.2252 0.2241 0.1906 0.0127  -0.0117 -0.0076 212 CYS A O   
199 C CB  . CYS A 27 ? 0.2560 0.2534 0.2198 0.0022  -0.0026 -0.0079 212 CYS A CB  
200 S SG  . CYS A 27 ? 0.2971 0.3292 0.2649 -0.0163 -0.0007 -0.0088 212 CYS A SG  
201 N N   . GLN A 28 ? 0.2341 0.2260 0.2023 0.0109  -0.0074 -0.0041 213 GLN A N   
202 C CA  . GLN A 28 ? 0.2386 0.2258 0.2050 0.0090  -0.0088 -0.0031 213 GLN A CA  
203 C C   . GLN A 28 ? 0.2296 0.2247 0.2038 0.0102  -0.0090 -0.0018 213 GLN A C   
204 O O   . GLN A 28 ? 0.2276 0.2212 0.2031 0.0062  -0.0082 -0.0043 213 GLN A O   
205 C CB  . GLN A 28 ? 0.2466 0.2333 0.2175 0.0096  -0.0076 0.0027  213 GLN A CB  
206 C CG  . GLN A 28 ? 0.2928 0.2741 0.2457 0.0007  -0.0143 -0.0073 213 GLN A CG  
207 C CD  . GLN A 28 ? 0.3600 0.3208 0.3132 0.0035  -0.0214 0.0093  213 GLN A CD  
208 O OE1 . GLN A 28 ? 0.3974 0.3410 0.3458 -0.0045 -0.0160 0.0021  213 GLN A OE1 
209 N NE2 . GLN A 28 ? 0.3656 0.3402 0.3280 -0.0044 -0.0181 -0.0051 213 GLN A NE2 
210 N N   . ASP A 29 ? 0.2255 0.2212 0.2000 0.0118  -0.0096 -0.0006 214 ASP A N   
211 C CA  . ASP A 29 ? 0.2265 0.2246 0.2021 0.0138  -0.0089 -0.0031 214 ASP A CA  
212 C C   . ASP A 29 ? 0.2170 0.2125 0.1918 0.0093  -0.0081 -0.0021 214 ASP A C   
213 O O   . ASP A 29 ? 0.2188 0.2170 0.1963 0.0135  -0.0095 -0.0007 214 ASP A O   
214 C CB  . ASP A 29 ? 0.2338 0.2398 0.2157 0.0116  -0.0068 -0.0058 214 ASP A CB  
215 C CG  . ASP A 29 ? 0.2741 0.2639 0.2567 0.0133  -0.0040 0.0011  214 ASP A CG  
216 O OD1 . ASP A 29 ? 0.3024 0.2866 0.2893 0.0047  0.0093  0.0033  214 ASP A OD1 
217 O OD2 . ASP A 29 ? 0.3000 0.3228 0.3207 0.0227  -0.0089 -0.0033 214 ASP A OD2 
218 N N   . GLN A 30 ? 0.2049 0.2005 0.1817 0.0118  -0.0064 0.0026  215 GLN A N   
219 C CA  . GLN A 30 ? 0.1974 0.1919 0.1763 0.0092  -0.0071 -0.0006 215 GLN A CA  
220 C C   . GLN A 30 ? 0.1980 0.1946 0.1792 0.0074  -0.0067 -0.0002 215 GLN A C   
221 O O   . GLN A 30 ? 0.1959 0.1952 0.1808 0.0026  -0.0123 -0.0031 215 GLN A O   
222 C CB  . GLN A 30 ? 0.1997 0.1909 0.1816 0.0118  -0.0059 0.0013  215 GLN A CB  
223 C CG  . GLN A 30 ? 0.2030 0.1901 0.1668 0.0095  -0.0046 0.0014  215 GLN A CG  
224 C CD  . GLN A 30 ? 0.1973 0.1960 0.1684 -0.0047 -0.0044 0.0018  215 GLN A CD  
225 O OE1 . GLN A 30 ? 0.2204 0.2316 0.2035 0.0029  -0.0100 -0.0054 215 GLN A OE1 
226 N NE2 . GLN A 30 ? 0.1716 0.1714 0.1278 0.0057  -0.0073 -0.0069 215 GLN A NE2 
227 N N   . LYS A 31 ? 0.1926 0.1911 0.1790 0.0047  -0.0044 -0.0030 216 LYS A N   
228 C CA  . LYS A 31 ? 0.2015 0.2017 0.1874 0.0066  -0.0019 -0.0011 216 LYS A CA  
229 C C   . LYS A 31 ? 0.2003 0.2023 0.1890 0.0070  -0.0013 -0.0011 216 LYS A C   
230 O O   . LYS A 31 ? 0.2061 0.2091 0.1866 0.0151  -0.0048 0.0037  216 LYS A O   
231 C CB  . LYS A 31 ? 0.2036 0.2032 0.1875 0.0054  -0.0013 -0.0044 216 LYS A CB  
232 C CG  . LYS A 31 ? 0.2354 0.2373 0.2227 -0.0064 -0.0019 -0.0021 216 LYS A CG  
233 C CD  . LYS A 31 ? 0.2628 0.2736 0.2306 -0.0037 0.0037  -0.0057 216 LYS A CD  
234 C CE  . LYS A 31 ? 0.2939 0.2872 0.2785 -0.0111 0.0005  -0.0069 216 LYS A CE  
235 N NZ  . LYS A 31 ? 0.3360 0.3349 0.3068 -0.0048 -0.0109 0.0087  216 LYS A NZ  
236 N N   . GLU A 32 ? 0.2085 0.2034 0.1962 0.0089  -0.0031 0.0017  217 GLU A N   
237 C CA  . GLU A 32 ? 0.2218 0.2125 0.2089 0.0059  -0.0076 -0.0041 217 GLU A CA  
238 C C   . GLU A 32 ? 0.2154 0.2035 0.2079 0.0054  -0.0048 -0.0035 217 GLU A C   
239 O O   . GLU A 32 ? 0.2092 0.2075 0.2107 -0.0003 -0.0086 -0.0036 217 GLU A O   
240 C CB  . GLU A 32 ? 0.2355 0.2202 0.2239 0.0096  -0.0085 -0.0039 217 GLU A CB  
241 C CG  . GLU A 32 ? 0.3151 0.3011 0.2813 -0.0010 -0.0013 0.0002  217 GLU A CG  
242 C CD  . GLU A 32 ? 0.3756 0.3644 0.3696 0.0174  -0.0081 0.0039  217 GLU A CD  
243 O OE1 . GLU A 32 ? 0.4171 0.3988 0.4133 0.0169  0.0016  -0.0101 217 GLU A OE1 
244 O OE2 . GLU A 32 ? 0.4306 0.4226 0.3933 -0.0004 -0.0139 0.0071  217 GLU A OE2 
245 N N   . LEU A 33 ? 0.2053 0.1948 0.1985 0.0046  -0.0052 -0.0065 218 LEU A N   
246 C CA  . LEU A 33 ? 0.2051 0.1946 0.1971 0.0038  -0.0054 -0.0038 218 LEU A CA  
247 C C   . LEU A 33 ? 0.2026 0.1955 0.1973 0.0040  -0.0077 -0.0046 218 LEU A C   
248 O O   . LEU A 33 ? 0.2097 0.2001 0.1976 0.0046  -0.0140 -0.0107 218 LEU A O   
249 C CB  . LEU A 33 ? 0.2048 0.2006 0.2041 0.0021  -0.0050 -0.0032 218 LEU A CB  
250 C CG  . LEU A 33 ? 0.2137 0.2092 0.2040 0.0002  -0.0020 -0.0052 218 LEU A CG  
251 C CD1 . LEU A 33 ? 0.2296 0.2151 0.2302 -0.0095 0.0021  -0.0007 218 LEU A CD1 
252 C CD2 . LEU A 33 ? 0.2469 0.2211 0.2277 -0.0056 0.0005  -0.0150 218 LEU A CD2 
253 N N   . PHE A 34 ? 0.1964 0.1944 0.1862 0.0045  -0.0033 -0.0006 219 PHE A N   
254 C CA  . PHE A 34 ? 0.1888 0.1910 0.1915 0.0012  0.0008  0.0015  219 PHE A CA  
255 C C   . PHE A 34 ? 0.1944 0.1977 0.2028 -0.0001 0.0007  0.0034  219 PHE A C   
256 O O   . PHE A 34 ? 0.1979 0.2039 0.2173 0.0027  0.0019  0.0013  219 PHE A O   
257 C CB  . PHE A 34 ? 0.1829 0.1833 0.1779 -0.0021 0.0009  -0.0002 219 PHE A CB  
258 C CG  . PHE A 34 ? 0.1716 0.1726 0.1656 0.0052  -0.0043 0.0015  219 PHE A CG  
259 C CD1 . PHE A 34 ? 0.1860 0.1586 0.1478 0.0100  -0.0040 -0.0045 219 PHE A CD1 
260 C CD2 . PHE A 34 ? 0.1705 0.1678 0.1474 -0.0020 0.0038  -0.0054 219 PHE A CD2 
261 C CE1 . PHE A 34 ? 0.1591 0.1509 0.1524 0.0067  0.0094  -0.0101 219 PHE A CE1 
262 C CE2 . PHE A 34 ? 0.1738 0.1565 0.1586 0.0136  0.0000  0.0009  219 PHE A CE2 
263 C CZ  . PHE A 34 ? 0.1576 0.1530 0.1555 0.0175  -0.0043 -0.0128 219 PHE A CZ  
264 N N   . GLY A 35 ? 0.1971 0.2015 0.2096 0.0002  0.0076  0.0063  220 GLY A N   
265 C CA  . GLY A 35 ? 0.2043 0.2102 0.2179 -0.0018 0.0106  0.0095  220 GLY A CA  
266 C C   . GLY A 35 ? 0.2051 0.2176 0.2196 -0.0040 0.0086  0.0093  220 GLY A C   
267 O O   . GLY A 35 ? 0.2123 0.2197 0.2270 0.0023  0.0122  0.0115  220 GLY A O   
268 N N   . ALA A 36 ? 0.2071 0.2264 0.2266 -0.0036 0.0118  0.0108  221 ALA A N   
269 C CA  . ALA A 36 ? 0.2067 0.2294 0.2237 -0.0077 0.0099  0.0058  221 ALA A CA  
270 C C   . ALA A 36 ? 0.2009 0.2243 0.2150 -0.0068 0.0067  0.0040  221 ALA A C   
271 O O   . ALA A 36 ? 0.2014 0.2311 0.2180 -0.0075 0.0118  0.0049  221 ALA A O   
272 C CB  . ALA A 36 ? 0.2128 0.2439 0.2410 -0.0111 0.0131  0.0073  221 ALA A CB  
273 N N   . ALA A 37 ? 0.1959 0.2183 0.2076 -0.0077 0.0064  0.0055  222 ALA A N   
274 C CA  . ALA A 37 ? 0.1887 0.2077 0.1961 -0.0023 0.0038  0.0010  222 ALA A CA  
275 C C   . ALA A 37 ? 0.1833 0.2027 0.1900 0.0016  0.0016  0.0020  222 ALA A C   
276 O O   . ALA A 37 ? 0.1809 0.2078 0.1991 -0.0016 -0.0031 0.0003  222 ALA A O   
277 C CB  . ALA A 37 ? 0.1989 0.2034 0.1959 -0.0016 0.0013  0.0044  222 ALA A CB  
278 N N   . PHE A 38 ? 0.1724 0.1946 0.1822 0.0074  0.0057  0.0000  223 PHE A N   
279 C CA  . PHE A 38 ? 0.1747 0.1903 0.1824 0.0102  0.0045  -0.0016 223 PHE A CA  
280 C C   . PHE A 38 ? 0.1745 0.1917 0.1844 0.0081  0.0045  -0.0004 223 PHE A C   
281 O O   . PHE A 38 ? 0.1695 0.1874 0.1874 0.0146  0.0068  -0.0029 223 PHE A O   
282 C CB  . PHE A 38 ? 0.1701 0.1861 0.1786 0.0125  0.0017  -0.0020 223 PHE A CB  
283 C CG  . PHE A 38 ? 0.1791 0.1907 0.1832 0.0037  0.0055  -0.0063 223 PHE A CG  
284 C CD1 . PHE A 38 ? 0.1743 0.2008 0.1844 0.0110  0.0095  -0.0078 223 PHE A CD1 
285 C CD2 . PHE A 38 ? 0.1882 0.2220 0.1896 0.0086  0.0004  -0.0005 223 PHE A CD2 
286 C CE1 . PHE A 38 ? 0.1921 0.2128 0.2035 0.0026  0.0025  -0.0103 223 PHE A CE1 
287 C CE2 . PHE A 38 ? 0.2028 0.2167 0.2050 -0.0035 0.0066  -0.0082 223 PHE A CE2 
288 C CZ  . PHE A 38 ? 0.1979 0.2258 0.2017 0.0051  0.0036  -0.0061 223 PHE A CZ  
289 N N   . ASP A 39 ? 0.1738 0.1956 0.1823 0.0084  0.0077  0.0011  224 ASP A N   
290 C CA  . ASP A 39 ? 0.1785 0.1959 0.1882 0.0044  0.0059  -0.0030 224 ASP A CA  
291 C C   . ASP A 39 ? 0.1671 0.1892 0.1735 0.0079  0.0041  -0.0023 224 ASP A C   
292 O O   . ASP A 39 ? 0.1740 0.1991 0.1752 0.0085  0.0006  -0.0064 224 ASP A O   
293 C CB  . ASP A 39 ? 0.1863 0.2081 0.1951 0.0016  0.0121  -0.0003 224 ASP A CB  
294 C CG  . ASP A 39 ? 0.2187 0.2270 0.2243 -0.0011 0.0028  0.0007  224 ASP A CG  
295 O OD1 . ASP A 39 ? 0.2196 0.2632 0.2458 -0.0045 0.0003  0.0113  224 ASP A OD1 
296 O OD2 . ASP A 39 ? 0.2402 0.2893 0.2568 -0.0172 0.0155  0.0064  224 ASP A OD2 
297 N N   . GLN A 40 ? 0.1524 0.1826 0.1573 0.0065  0.0072  -0.0048 225 GLN A N   
298 C CA  . GLN A 40 ? 0.1510 0.1760 0.1500 0.0073  0.0001  -0.0032 225 GLN A CA  
299 C C   . GLN A 40 ? 0.1482 0.1686 0.1424 0.0064  0.0047  -0.0036 225 GLN A C   
300 O O   . GLN A 40 ? 0.1394 0.1740 0.1385 0.0036  0.0113  -0.0057 225 GLN A O   
301 C CB  . GLN A 40 ? 0.1526 0.1798 0.1491 0.0078  0.0022  -0.0034 225 GLN A CB  
302 C CG  . GLN A 40 ? 0.1646 0.1938 0.1656 0.0109  -0.0021 -0.0033 225 GLN A CG  
303 C CD  . GLN A 40 ? 0.1880 0.1971 0.1642 0.0089  -0.0044 -0.0021 225 GLN A CD  
304 O OE1 . GLN A 40 ? 0.1947 0.2182 0.2030 0.0137  0.0006  -0.0023 225 GLN A OE1 
305 N NE2 . GLN A 40 ? 0.1660 0.2095 0.1673 -0.0002 0.0076  -0.0122 225 GLN A NE2 
306 N N   . VAL A 41 ? 0.1530 0.1777 0.1502 0.0043  -0.0009 -0.0050 226 VAL A N   
307 C CA  . VAL A 41 ? 0.1573 0.1703 0.1522 -0.0007 -0.0008 -0.0030 226 VAL A CA  
308 C C   . VAL A 41 ? 0.1588 0.1693 0.1500 -0.0007 -0.0022 -0.0010 226 VAL A C   
309 O O   . VAL A 41 ? 0.1648 0.1688 0.1538 0.0009  -0.0010 0.0031  226 VAL A O   
310 C CB  . VAL A 41 ? 0.1527 0.1711 0.1452 -0.0016 0.0006  -0.0078 226 VAL A CB  
311 C CG1 . VAL A 41 ? 0.1599 0.1919 0.1688 -0.0064 0.0019  -0.0082 226 VAL A CG1 
312 C CG2 . VAL A 41 ? 0.1733 0.1807 0.1542 -0.0035 -0.0076 -0.0112 226 VAL A CG2 
313 N N   . PRO A 42 ? 0.1661 0.1750 0.1574 0.0015  -0.0064 0.0017  227 PRO A N   
314 C CA  . PRO A 42 ? 0.1695 0.1770 0.1616 -0.0016 -0.0065 0.0017  227 PRO A CA  
315 C C   . PRO A 42 ? 0.1610 0.1798 0.1578 -0.0007 -0.0044 0.0030  227 PRO A C   
316 O O   . PRO A 42 ? 0.1799 0.1863 0.1624 0.0019  -0.0058 0.0016  227 PRO A O   
317 C CB  . PRO A 42 ? 0.1723 0.1748 0.1645 0.0007  -0.0080 0.0057  227 PRO A CB  
318 C CG  . PRO A 42 ? 0.1781 0.1896 0.1711 -0.0050 -0.0121 -0.0026 227 PRO A CG  
319 C CD  . PRO A 42 ? 0.1709 0.1718 0.1574 0.0019  -0.0048 0.0045  227 PRO A CD  
320 N N   . TYR A 43 ? 0.1529 0.1791 0.1529 -0.0040 -0.0066 0.0006  228 TYR A N   
321 C CA  . TYR A 43 ? 0.1500 0.1732 0.1519 -0.0023 -0.0045 -0.0017 228 TYR A CA  
322 C C   . TYR A 43 ? 0.1488 0.1786 0.1513 -0.0035 -0.0049 -0.0038 228 TYR A C   
323 O O   . TYR A 43 ? 0.1503 0.1918 0.1525 -0.0079 -0.0039 -0.0073 228 TYR A O   
324 C CB  . TYR A 43 ? 0.1512 0.1752 0.1583 -0.0011 -0.0047 0.0015  228 TYR A CB  
325 C CG  . TYR A 43 ? 0.1597 0.1620 0.1462 0.0010  -0.0028 0.0054  228 TYR A CG  
326 C CD1 . TYR A 43 ? 0.1570 0.1635 0.1676 -0.0020 -0.0024 0.0078  228 TYR A CD1 
327 C CD2 . TYR A 43 ? 0.1801 0.1771 0.1557 0.0030  -0.0021 0.0128  228 TYR A CD2 
328 C CE1 . TYR A 43 ? 0.1678 0.1854 0.1754 0.0084  -0.0041 0.0095  228 TYR A CE1 
329 C CE2 . TYR A 43 ? 0.1645 0.1699 0.1735 0.0096  -0.0042 0.0007  228 TYR A CE2 
330 C CZ  . TYR A 43 ? 0.1731 0.1846 0.1772 0.0014  0.0004  -0.0021 228 TYR A CZ  
331 O OH  . TYR A 43 ? 0.2008 0.2050 0.1856 0.0034  -0.0031 0.0018  228 TYR A OH  
332 N N   . VAL A 44 ? 0.1445 0.1765 0.1489 -0.0056 -0.0077 -0.0016 229 VAL A N   
333 C CA  . VAL A 44 ? 0.1460 0.1669 0.1473 -0.0095 -0.0061 -0.0011 229 VAL A CA  
334 C C   . VAL A 44 ? 0.1397 0.1686 0.1452 -0.0045 -0.0058 -0.0019 229 VAL A C   
335 O O   . VAL A 44 ? 0.1408 0.1703 0.1502 -0.0004 -0.0072 -0.0033 229 VAL A O   
336 C CB  . VAL A 44 ? 0.1475 0.1729 0.1454 -0.0080 -0.0041 -0.0004 229 VAL A CB  
337 C CG1 . VAL A 44 ? 0.1433 0.1706 0.1465 -0.0196 -0.0037 -0.0063 229 VAL A CG1 
338 C CG2 . VAL A 44 ? 0.1683 0.1767 0.1748 -0.0037 0.0040  0.0043  229 VAL A CG2 
339 N N   . GLU A 45 ? 0.1402 0.1704 0.1482 -0.0033 -0.0056 0.0012  230 GLU A N   
340 C CA  . GLU A 45 ? 0.1403 0.1732 0.1529 -0.0107 -0.0088 0.0070  230 GLU A CA  
341 C C   . GLU A 45 ? 0.1522 0.1848 0.1643 -0.0095 -0.0081 0.0015  230 GLU A C   
342 O O   . GLU A 45 ? 0.1613 0.1963 0.1771 -0.0072 -0.0105 -0.0012 230 GLU A O   
343 C CB  . GLU A 45 ? 0.1511 0.1827 0.1579 -0.0012 -0.0045 0.0068  230 GLU A CB  
344 C CG  . GLU A 45 ? 0.1462 0.1764 0.1657 -0.0073 -0.0098 0.0084  230 GLU A CG  
345 C CD  . GLU A 45 ? 0.1627 0.1958 0.1731 -0.0037 -0.0018 -0.0019 230 GLU A CD  
346 O OE1 . GLU A 45 ? 0.1652 0.1965 0.1983 -0.0077 -0.0061 -0.0034 230 GLU A OE1 
347 O OE2 . GLU A 45 ? 0.1548 0.2129 0.1902 -0.0152 -0.0036 0.0015  230 GLU A OE2 
348 N N   . CYS A 46 ? 0.1511 0.1880 0.1662 -0.0082 -0.0114 0.0052  231 CYS A N   
349 C CA  . CYS A 46 ? 0.1582 0.1976 0.1744 -0.0092 -0.0087 0.0058  231 CYS A CA  
350 C C   . CYS A 46 ? 0.1718 0.2018 0.1793 -0.0074 -0.0112 0.0044  231 CYS A C   
351 O O   . CYS A 46 ? 0.1729 0.2073 0.1844 -0.0067 -0.0158 -0.0017 231 CYS A O   
352 C CB  . CYS A 46 ? 0.1635 0.2022 0.1773 -0.0109 -0.0067 0.0037  231 CYS A CB  
353 S SG  . CYS A 46 ? 0.1789 0.2612 0.1858 -0.0201 -0.0042 0.0202  231 CYS A SG  
354 N N   . SER A 47 ? 0.1795 0.2068 0.1871 -0.0039 -0.0119 0.0093  232 SER A N   
355 C CA  . SER A 47 ? 0.1948 0.2165 0.1939 -0.0012 -0.0131 0.0107  232 SER A CA  
356 C C   . SER A 47 ? 0.2000 0.2287 0.2069 -0.0057 -0.0162 0.0109  232 SER A C   
357 O O   . SER A 47 ? 0.1958 0.2255 0.2109 -0.0060 -0.0183 0.0119  232 SER A O   
358 C CB  . SER A 47 ? 0.2079 0.2228 0.2029 0.0020  -0.0173 0.0096  232 SER A CB  
359 O OG  . SER A 47 ? 0.2371 0.2389 0.2308 0.0106  -0.0176 0.0122  232 SER A OG  
360 N N   . PRO A 48 ? 0.2095 0.2432 0.2085 -0.0103 -0.0114 0.0111  233 PRO A N   
361 C CA  . PRO A 48 ? 0.2201 0.2547 0.2202 -0.0137 -0.0088 0.0130  233 PRO A CA  
362 C C   . PRO A 48 ? 0.2332 0.2597 0.2314 -0.0146 -0.0100 0.0162  233 PRO A C   
363 O O   . PRO A 48 ? 0.2378 0.2665 0.2419 -0.0178 -0.0090 0.0194  233 PRO A O   
364 C CB  . PRO A 48 ? 0.2236 0.2493 0.2154 -0.0137 -0.0074 0.0131  233 PRO A CB  
365 C CG  . PRO A 48 ? 0.2132 0.2570 0.2115 -0.0138 -0.0126 0.0076  233 PRO A CG  
366 C CD  . PRO A 48 ? 0.2065 0.2368 0.2060 -0.0103 -0.0106 0.0052  233 PRO A CD  
367 N N   . ASN A 49 ? 0.2385 0.2655 0.2375 -0.0173 -0.0128 0.0146  234 ASN A N   
368 C CA  . ASN A 49 ? 0.2522 0.2706 0.2480 -0.0159 -0.0148 0.0133  234 ASN A CA  
369 C C   . ASN A 49 ? 0.2594 0.2765 0.2560 -0.0148 -0.0160 0.0126  234 ASN A C   
370 O O   . ASN A 49 ? 0.2667 0.2862 0.2616 -0.0119 -0.0257 0.0166  234 ASN A O   
371 C CB  . ASN A 49 ? 0.2571 0.2738 0.2494 -0.0194 -0.0124 0.0142  234 ASN A CB  
372 C CG  . ASN A 49 ? 0.2583 0.2809 0.2524 -0.0147 -0.0069 0.0044  234 ASN A CG  
373 O OD1 . ASN A 49 ? 0.2899 0.3041 0.2911 -0.0227 0.0064  0.0182  234 ASN A OD1 
374 N ND2 . ASN A 49 ? 0.2765 0.2995 0.2466 -0.0225 -0.0020 0.0140  234 ASN A ND2 
375 N N   . GLY A 50 ? 0.2559 0.2729 0.2520 -0.0139 -0.0185 0.0106  235 GLY A N   
376 C CA  . GLY A 50 ? 0.2710 0.2794 0.2613 -0.0135 -0.0205 0.0105  235 GLY A CA  
377 C C   . GLY A 50 ? 0.2715 0.2746 0.2591 -0.0097 -0.0211 0.0114  235 GLY A C   
378 O O   . GLY A 50 ? 0.2766 0.2728 0.2701 -0.0127 -0.0293 0.0166  235 GLY A O   
379 N N   . PRO A 51 ? 0.2768 0.2758 0.2609 -0.0099 -0.0179 0.0117  236 PRO A N   
380 C CA  . PRO A 51 ? 0.2821 0.2793 0.2751 -0.0036 -0.0170 0.0066  236 PRO A CA  
381 C C   . PRO A 51 ? 0.2876 0.2842 0.2881 -0.0030 -0.0143 0.0041  236 PRO A C   
382 O O   . PRO A 51 ? 0.2922 0.2853 0.2848 -0.0019 -0.0204 0.0005  236 PRO A O   
383 C CB  . PRO A 51 ? 0.2809 0.2812 0.2746 -0.0081 -0.0114 0.0056  236 PRO A CB  
384 C CG  . PRO A 51 ? 0.2787 0.2838 0.2653 -0.0069 -0.0124 0.0122  236 PRO A CG  
385 C CD  . PRO A 51 ? 0.2798 0.2692 0.2604 -0.0078 -0.0159 0.0074  236 PRO A CD  
386 N N   . GLY A 52 ? 0.2875 0.2943 0.3075 -0.0028 -0.0149 0.0008  237 GLY A N   
387 C CA  . GLY A 52 ? 0.2871 0.2943 0.3098 -0.0031 -0.0172 -0.0006 237 GLY A CA  
388 C C   . GLY A 52 ? 0.2818 0.2929 0.3137 -0.0050 -0.0125 0.0000  237 GLY A C   
389 O O   . GLY A 52 ? 0.2896 0.3116 0.3234 -0.0066 -0.0174 0.0022  237 GLY A O   
390 N N   . THR A 53 ? 0.2690 0.2739 0.3007 -0.0069 -0.0133 0.0030  238 THR A N   
391 C CA  . THR A 53 ? 0.2493 0.2571 0.2718 -0.0105 -0.0128 0.0070  238 THR A CA  
392 C C   . THR A 53 ? 0.2359 0.2319 0.2449 -0.0098 -0.0147 0.0031  238 THR A C   
393 O O   . THR A 53 ? 0.2307 0.2286 0.2525 -0.0116 -0.0148 -0.0045 238 THR A O   
394 C CB  . THR A 53 ? 0.2582 0.2639 0.2694 -0.0095 -0.0100 0.0113  238 THR A CB  
395 O OG1 . THR A 53 ? 0.2366 0.2633 0.2916 -0.0219 -0.0157 0.0184  238 THR A OG1 
396 C CG2 . THR A 53 ? 0.2679 0.2704 0.2893 -0.0146 -0.0084 0.0184  238 THR A CG2 
397 N N   . PRO A 54 ? 0.2183 0.2190 0.2247 -0.0124 -0.0163 0.0040  239 PRO A N   
398 C CA  . PRO A 54 ? 0.2006 0.2059 0.2051 -0.0099 -0.0179 0.0021  239 PRO A CA  
399 C C   . PRO A 54 ? 0.1885 0.2036 0.1937 -0.0103 -0.0143 0.0014  239 PRO A C   
400 O O   . PRO A 54 ? 0.1921 0.2080 0.1852 -0.0091 -0.0229 0.0002  239 PRO A O   
401 C CB  . PRO A 54 ? 0.2033 0.2051 0.2082 -0.0080 -0.0132 0.0011  239 PRO A CB  
402 C CG  . PRO A 54 ? 0.2082 0.2029 0.2095 -0.0173 -0.0216 0.0058  239 PRO A CG  
403 C CD  . PRO A 54 ? 0.2225 0.2140 0.2215 -0.0164 -0.0162 0.0064  239 PRO A CD  
404 N N   . GLN A 55 ? 0.1782 0.1955 0.1965 -0.0101 -0.0135 -0.0006 240 GLN A N   
405 C CA  . GLN A 55 ? 0.1785 0.1941 0.1920 -0.0048 -0.0114 0.0007  240 GLN A CA  
406 C C   . GLN A 55 ? 0.1850 0.2025 0.1991 -0.0042 -0.0083 -0.0039 240 GLN A C   
407 O O   . GLN A 55 ? 0.1906 0.1969 0.2029 -0.0039 -0.0104 -0.0010 240 GLN A O   
408 C CB  . GLN A 55 ? 0.1748 0.1870 0.1864 -0.0099 -0.0091 0.0006  240 GLN A CB  
409 C CG  . GLN A 55 ? 0.1839 0.2034 0.1930 -0.0132 -0.0050 0.0058  240 GLN A CG  
410 C CD  . GLN A 55 ? 0.2128 0.2357 0.2081 -0.0191 -0.0076 0.0056  240 GLN A CD  
411 O OE1 . GLN A 55 ? 0.2034 0.2434 0.2251 -0.0222 -0.0041 -0.0001 240 GLN A OE1 
412 N NE2 . GLN A 55 ? 0.2116 0.2427 0.2050 -0.0146 -0.0047 0.0169  240 GLN A NE2 
413 N N   . ALA A 56 ? 0.1776 0.2070 0.2039 -0.0026 -0.0098 -0.0024 241 ALA A N   
414 C CA  . ALA A 56 ? 0.1928 0.2083 0.2151 -0.0056 -0.0047 -0.0009 241 ALA A CA  
415 C C   . ALA A 56 ? 0.1982 0.2128 0.2193 -0.0058 -0.0026 0.0006  241 ALA A C   
416 O O   . ALA A 56 ? 0.1913 0.2074 0.2127 -0.0059 -0.0072 0.0010  241 ALA A O   
417 C CB  . ALA A 56 ? 0.1915 0.2119 0.2172 -0.0024 -0.0076 -0.0005 241 ALA A CB  
418 N N   . GLN A 57 ? 0.2118 0.2227 0.2319 -0.0072 0.0001  0.0009  242 GLN A N   
419 C CA  . GLN A 57 ? 0.2319 0.2380 0.2496 -0.0109 0.0026  0.0002  242 GLN A CA  
420 C C   . GLN A 57 ? 0.2294 0.2388 0.2479 -0.0127 0.0020  0.0003  242 GLN A C   
421 O O   . GLN A 57 ? 0.2247 0.2468 0.2482 -0.0163 0.0031  0.0011  242 GLN A O   
422 C CB  . GLN A 57 ? 0.2457 0.2457 0.2507 -0.0061 0.0047  -0.0045 242 GLN A CB  
423 C CG  . GLN A 57 ? 0.2854 0.2784 0.2988 -0.0075 0.0009  0.0032  242 GLN A CG  
424 C CD  . GLN A 57 ? 0.3543 0.3435 0.3419 0.0047  -0.0015 -0.0114 242 GLN A CD  
425 O OE1 . GLN A 57 ? 0.4015 0.3968 0.3746 0.0012  -0.0092 -0.0072 242 GLN A OE1 
426 N NE2 . GLN A 57 ? 0.3906 0.3771 0.3944 0.0167  -0.0022 -0.0103 242 GLN A NE2 
427 N N   . GLU A 58 ? 0.2303 0.2464 0.2530 -0.0116 0.0003  0.0025  243 GLU A N   
428 C CA  . GLU A 58 ? 0.2338 0.2536 0.2575 -0.0154 -0.0010 0.0067  243 GLU A CA  
429 C C   . GLU A 58 ? 0.2212 0.2409 0.2471 -0.0151 -0.0009 0.0077  243 GLU A C   
430 O O   . GLU A 58 ? 0.2117 0.2312 0.2477 -0.0216 -0.0045 0.0152  243 GLU A O   
431 C CB  . GLU A 58 ? 0.2395 0.2738 0.2717 -0.0104 0.0016  0.0047  243 GLU A CB  
432 C CG  . GLU A 58 ? 0.2898 0.3186 0.2994 -0.0174 0.0013  0.0068  243 GLU A CG  
433 C CD  . GLU A 58 ? 0.2963 0.3283 0.3229 -0.0165 -0.0031 -0.0008 243 GLU A CD  
434 O OE1 . GLU A 58 ? 0.3291 0.3603 0.3392 -0.0207 0.0090  0.0005  243 GLU A OE1 
435 O OE2 . GLU A 58 ? 0.3110 0.3354 0.3349 -0.0135 -0.0097 -0.0090 243 GLU A OE2 
436 N N   . CYS A 59 ? 0.2114 0.2343 0.2383 -0.0197 -0.0001 0.0108  244 CYS A N   
437 C CA  . CYS A 59 ? 0.1977 0.2321 0.2263 -0.0204 -0.0007 0.0109  244 CYS A CA  
438 C C   . CYS A 59 ? 0.2036 0.2407 0.2264 -0.0200 0.0029  0.0084  244 CYS A C   
439 O O   . CYS A 59 ? 0.2067 0.2406 0.2260 -0.0152 0.0027  0.0118  244 CYS A O   
440 C CB  . CYS A 59 ? 0.1918 0.2296 0.2202 -0.0197 0.0013  0.0094  244 CYS A CB  
441 S SG  . CYS A 59 ? 0.1736 0.2316 0.1947 -0.0337 0.0046  0.0268  244 CYS A SG  
442 N N   . THR A 60 ? 0.2049 0.2452 0.2271 -0.0207 0.0019  0.0070  245 THR A N   
443 C CA  . THR A 60 ? 0.2130 0.2481 0.2325 -0.0227 -0.0011 0.0036  245 THR A CA  
444 C C   . THR A 60 ? 0.2353 0.2602 0.2472 -0.0196 -0.0026 0.0061  245 THR A C   
445 O O   . THR A 60 ? 0.2403 0.2693 0.2516 -0.0227 -0.0024 0.0086  245 THR A O   
446 C CB  . THR A 60 ? 0.2065 0.2431 0.2306 -0.0196 -0.0024 0.0037  245 THR A CB  
447 O OG1 . THR A 60 ? 0.1970 0.2435 0.2088 -0.0270 -0.0062 0.0013  245 THR A OG1 
448 C CG2 . THR A 60 ? 0.2128 0.2364 0.2332 -0.0243 0.0016  0.0032  245 THR A CG2 
449 N N   . GLU A 61 ? 0.2581 0.2680 0.2681 -0.0180 -0.0040 0.0074  246 GLU A N   
450 C CA  . GLU A 61 ? 0.2896 0.2842 0.2883 -0.0155 -0.0011 0.0095  246 GLU A CA  
451 C C   . GLU A 61 ? 0.2907 0.2871 0.2899 -0.0174 -0.0004 0.0118  246 GLU A C   
452 O O   . GLU A 61 ? 0.3048 0.2968 0.3029 -0.0195 -0.0004 0.0191  246 GLU A O   
453 C CB  . GLU A 61 ? 0.2975 0.2889 0.2993 -0.0125 0.0013  0.0104  246 GLU A CB  
454 C CG  . GLU A 61 ? 0.3447 0.3314 0.3253 -0.0100 -0.0057 0.0027  246 GLU A CG  
455 C CD  . GLU A 61 ? 0.3776 0.3873 0.3881 -0.0067 0.0013  0.0076  246 GLU A CD  
456 O OE1 . GLU A 61 ? 0.4078 0.3901 0.4097 -0.0087 0.0013  0.0111  246 GLU A OE1 
457 O OE2 . GLU A 61 ? 0.3965 0.4049 0.4028 -0.0002 -0.0079 0.0046  246 GLU A OE2 
458 N N   . ALA A 62 ? 0.2863 0.2839 0.2848 -0.0181 0.0004  0.0099  247 ALA A N   
459 C CA  . ALA A 62 ? 0.2789 0.2813 0.2834 -0.0177 0.0006  0.0091  247 ALA A CA  
460 C C   . ALA A 62 ? 0.2790 0.2797 0.2812 -0.0180 -0.0004 0.0073  247 ALA A C   
461 O O   . ALA A 62 ? 0.2841 0.2893 0.2844 -0.0213 0.0008  0.0076  247 ALA A O   
462 C CB  . ALA A 62 ? 0.2793 0.2828 0.2835 -0.0179 -0.0021 0.0074  247 ALA A CB  
463 N N   . GLY A 63 ? 0.2653 0.2692 0.2759 -0.0192 0.0015  0.0065  248 GLY A N   
464 C CA  . GLY A 63 ? 0.2623 0.2716 0.2671 -0.0182 0.0046  0.0072  248 GLY A CA  
465 C C   . GLY A 63 ? 0.2559 0.2707 0.2602 -0.0140 0.0080  0.0071  248 GLY A C   
466 O O   . GLY A 63 ? 0.2609 0.2826 0.2645 -0.0159 0.0127  0.0097  248 GLY A O   
467 N N   . ILE A 64 ? 0.2447 0.2667 0.2506 -0.0143 0.0080  0.0097  249 ILE A N   
468 C CA  . ILE A 64 ? 0.2371 0.2557 0.2342 -0.0079 0.0065  0.0035  249 ILE A CA  
469 C C   . ILE A 64 ? 0.2408 0.2643 0.2410 -0.0053 0.0079  0.0015  249 ILE A C   
470 O O   . ILE A 64 ? 0.2270 0.2633 0.2339 -0.0019 0.0050  0.0002  249 ILE A O   
471 C CB  . ILE A 64 ? 0.2375 0.2510 0.2387 -0.0090 0.0074  0.0048  249 ILE A CB  
472 C CG1 . ILE A 64 ? 0.2299 0.2555 0.2252 -0.0125 -0.0042 0.0023  249 ILE A CG1 
473 C CG2 . ILE A 64 ? 0.2292 0.2512 0.2286 -0.0126 0.0079  0.0017  249 ILE A CG2 
474 C CD1 . ILE A 64 ? 0.2301 0.2583 0.2239 -0.0181 0.0113  0.0133  249 ILE A CD1 
475 N N   . THR A 65 ? 0.2527 0.2693 0.2437 -0.0024 0.0034  0.0004  250 THR A N   
476 C CA  . THR A 65 ? 0.2613 0.2770 0.2531 0.0012  0.0031  0.0011  250 THR A CA  
477 C C   . THR A 65 ? 0.2661 0.2789 0.2541 0.0011  0.0030  0.0017  250 THR A C   
478 O O   . THR A 65 ? 0.2802 0.2895 0.2688 0.0122  0.0007  0.0028  250 THR A O   
479 C CB  . THR A 65 ? 0.2599 0.2720 0.2562 -0.0023 0.0029  0.0015  250 THR A CB  
480 O OG1 . THR A 65 ? 0.2627 0.2848 0.2530 -0.0019 0.0014  -0.0091 250 THR A OG1 
481 C CG2 . THR A 65 ? 0.2735 0.2901 0.2694 -0.0037 -0.0041 -0.0040 250 THR A CG2 
482 N N   . SER A 66 ? 0.2643 0.2771 0.2520 0.0018  0.0021  -0.0005 251 SER A N   
483 C CA  . SER A 66 ? 0.2668 0.2787 0.2505 0.0010  0.0010  -0.0071 251 SER A CA  
484 C C   . SER A 66 ? 0.2611 0.2707 0.2389 0.0020  -0.0045 -0.0075 251 SER A C   
485 O O   . SER A 66 ? 0.2453 0.2740 0.2315 0.0039  -0.0037 -0.0102 251 SER A O   
486 C CB  . SER A 66 ? 0.2828 0.2848 0.2580 0.0001  0.0006  -0.0047 251 SER A CB  
487 O OG  . SER A 66 ? 0.3343 0.3008 0.2708 -0.0042 -0.0083 -0.0062 251 SER A OG  
488 N N   . TYR A 67 ? 0.2468 0.2618 0.2237 -0.0011 -0.0049 -0.0135 252 TYR A N   
489 C CA  . TYR A 67 ? 0.2449 0.2523 0.2253 0.0041  -0.0089 -0.0121 252 TYR A CA  
490 C C   . TYR A 67 ? 0.2461 0.2531 0.2235 0.0061  -0.0076 -0.0116 252 TYR A C   
491 O O   . TYR A 67 ? 0.2719 0.2702 0.2301 0.0146  -0.0119 -0.0166 252 TYR A O   
492 C CB  . TYR A 67 ? 0.2381 0.2481 0.2233 0.0055  -0.0089 -0.0123 252 TYR A CB  
493 C CG  . TYR A 67 ? 0.2347 0.2266 0.2176 0.0048  -0.0137 -0.0057 252 TYR A CG  
494 C CD1 . TYR A 67 ? 0.1983 0.2294 0.2126 -0.0086 0.0032  -0.0094 252 TYR A CD1 
495 C CD2 . TYR A 67 ? 0.2580 0.2469 0.2142 0.0030  -0.0168 -0.0086 252 TYR A CD2 
496 C CE1 . TYR A 67 ? 0.2015 0.2277 0.2179 -0.0184 -0.0070 -0.0061 252 TYR A CE1 
497 C CE2 . TYR A 67 ? 0.2479 0.2405 0.2268 -0.0079 -0.0155 -0.0063 252 TYR A CE2 
498 C CZ  . TYR A 67 ? 0.2310 0.2357 0.2284 -0.0017 -0.0082 -0.0061 252 TYR A CZ  
499 O OH  . TYR A 67 ? 0.2433 0.2438 0.2231 -0.0021 -0.0148 -0.0031 252 TYR A OH  
500 N N   . PRO A 68 ? 0.2414 0.2473 0.2203 0.0045  -0.0064 -0.0105 253 PRO A N   
501 C CA  . PRO A 68 ? 0.2281 0.2508 0.2204 0.0024  -0.0059 -0.0056 253 PRO A CA  
502 C C   . PRO A 68 ? 0.2225 0.2453 0.2152 0.0015  -0.0081 -0.0045 253 PRO A C   
503 O O   . PRO A 68 ? 0.2194 0.2655 0.2231 0.0019  -0.0013 -0.0044 253 PRO A O   
504 C CB  . PRO A 68 ? 0.2335 0.2456 0.2227 -0.0011 -0.0074 -0.0078 253 PRO A CB  
505 C CG  . PRO A 68 ? 0.2318 0.2495 0.2298 0.0074  -0.0028 -0.0077 253 PRO A CG  
506 C CD  . PRO A 68 ? 0.2390 0.2480 0.2243 0.0023  -0.0077 -0.0047 253 PRO A CD  
507 N N   . THR A 69 ? 0.2175 0.2475 0.2143 -0.0033 -0.0044 -0.0014 254 THR A N   
508 C CA  . THR A 69 ? 0.2166 0.2408 0.2084 -0.0038 -0.0041 -0.0004 254 THR A CA  
509 C C   . THR A 69 ? 0.2171 0.2388 0.2057 -0.0053 -0.0012 -0.0005 254 THR A C   
510 O O   . THR A 69 ? 0.2218 0.2446 0.1917 -0.0072 -0.0020 0.0017  254 THR A O   
511 C CB  . THR A 69 ? 0.2205 0.2402 0.2206 -0.0060 -0.0037 0.0012  254 THR A CB  
512 O OG1 . THR A 69 ? 0.2261 0.2669 0.2295 -0.0049 0.0057  -0.0017 254 THR A OG1 
513 C CG2 . THR A 69 ? 0.2175 0.2480 0.2237 -0.0102 -0.0123 0.0039  254 THR A CG2 
514 N N   . TRP A 70 ? 0.2044 0.2269 0.1883 -0.0106 -0.0028 0.0015  255 TRP A N   
515 C CA  . TRP A 70 ? 0.2121 0.2225 0.1977 -0.0151 0.0011  0.0018  255 TRP A CA  
516 C C   . TRP A 70 ? 0.2214 0.2267 0.2070 -0.0161 0.0011  0.0037  255 TRP A C   
517 O O   . TRP A 70 ? 0.2243 0.2457 0.2221 -0.0204 0.0050  0.0064  255 TRP A O   
518 C CB  . TRP A 70 ? 0.2002 0.2114 0.1860 -0.0164 -0.0024 0.0031  255 TRP A CB  
519 C CG  . TRP A 70 ? 0.1872 0.2012 0.1749 -0.0104 0.0012  0.0032  255 TRP A CG  
520 C CD1 . TRP A 70 ? 0.1777 0.1961 0.1537 -0.0071 0.0037  0.0049  255 TRP A CD1 
521 C CD2 . TRP A 70 ? 0.1710 0.1896 0.1615 -0.0026 -0.0065 0.0021  255 TRP A CD2 
522 N NE1 . TRP A 70 ? 0.1770 0.1975 0.1600 -0.0068 -0.0041 -0.0100 255 TRP A NE1 
523 C CE2 . TRP A 70 ? 0.1681 0.1870 0.1554 -0.0024 -0.0018 -0.0001 255 TRP A CE2 
524 C CE3 . TRP A 70 ? 0.1646 0.1747 0.1211 -0.0044 -0.0020 -0.0001 255 TRP A CE3 
525 C CZ2 . TRP A 70 ? 0.1633 0.1713 0.1409 -0.0017 0.0023  0.0010  255 TRP A CZ2 
526 C CZ3 . TRP A 70 ? 0.1687 0.1633 0.1353 -0.0057 -0.0068 0.0058  255 TRP A CZ3 
527 C CH2 . TRP A 70 ? 0.1624 0.1526 0.1310 -0.0011 -0.0007 -0.0017 255 TRP A CH2 
528 N N   . ILE A 71 ? 0.2337 0.2304 0.2171 -0.0176 0.0030  0.0060  256 ILE A N   
529 C CA  . ILE A 71 ? 0.2479 0.2342 0.2353 -0.0160 0.0022  0.0056  256 ILE A CA  
530 C C   . ILE A 71 ? 0.2526 0.2418 0.2464 -0.0134 0.0029  0.0074  256 ILE A C   
531 O O   . ILE A 71 ? 0.2536 0.2299 0.2458 -0.0117 0.0053  0.0107  256 ILE A O   
532 C CB  . ILE A 71 ? 0.2501 0.2341 0.2349 -0.0160 0.0042  0.0052  256 ILE A CB  
533 C CG1 . ILE A 71 ? 0.2646 0.2499 0.2443 -0.0126 -0.0024 0.0024  256 ILE A CG1 
534 C CG2 . ILE A 71 ? 0.2578 0.2300 0.2465 -0.0172 -0.0025 0.0017  256 ILE A CG2 
535 C CD1 . ILE A 71 ? 0.2693 0.2566 0.2527 -0.0223 0.0010  0.0016  256 ILE A CD1 
536 N N   . ILE A 72 ? 0.2681 0.2600 0.2617 -0.0158 0.0037  0.0101  257 ILE A N   
537 C CA  . ILE A 72 ? 0.2781 0.2700 0.2777 -0.0103 0.0029  0.0149  257 ILE A CA  
538 C C   . ILE A 72 ? 0.3028 0.2950 0.2985 -0.0106 0.0062  0.0154  257 ILE A C   
539 O O   . ILE A 72 ? 0.3056 0.3017 0.3090 -0.0148 0.0074  0.0229  257 ILE A O   
540 C CB  . ILE A 72 ? 0.2718 0.2680 0.2695 -0.0084 0.0026  0.0127  257 ILE A CB  
541 C CG1 . ILE A 72 ? 0.2511 0.2437 0.2508 -0.0086 0.0068  0.0090  257 ILE A CG1 
542 C CG2 . ILE A 72 ? 0.2722 0.2613 0.2788 -0.0086 0.0017  0.0153  257 ILE A CG2 
543 C CD1 . ILE A 72 ? 0.2323 0.2452 0.2152 -0.0148 0.0031  0.0035  257 ILE A CD1 
544 N N   . ASN A 73 ? 0.3309 0.3181 0.3261 -0.0067 0.0043  0.0153  258 ASN A N   
545 C CA  . ASN A 73 ? 0.3579 0.3449 0.3527 -0.0093 0.0047  0.0146  258 ASN A CA  
546 C C   . ASN A 73 ? 0.3675 0.3597 0.3650 -0.0092 0.0045  0.0112  258 ASN A C   
547 O O   . ASN A 73 ? 0.3868 0.3764 0.3812 -0.0098 0.0084  0.0124  258 ASN A O   
548 C CB  . ASN A 73 ? 0.3622 0.3539 0.3582 -0.0057 0.0046  0.0119  258 ASN A CB  
549 C CG  . ASN A 73 ? 0.3777 0.3682 0.3744 -0.0082 0.0028  0.0100  258 ASN A CG  
550 O OD1 . ASN A 73 ? 0.4134 0.3997 0.3876 -0.0073 0.0038  0.0039  258 ASN A OD1 
551 N ND2 . ASN A 73 ? 0.3745 0.3811 0.3840 -0.0009 0.0076  0.0094  258 ASN A ND2 
552 N N   . GLY A 74 ? 0.3730 0.3682 0.3742 -0.0093 0.0019  0.0091  259 GLY A N   
553 C CA  . GLY A 74 ? 0.3761 0.3724 0.3788 -0.0111 0.0022  0.0053  259 GLY A CA  
554 C C   . GLY A 74 ? 0.3751 0.3751 0.3815 -0.0093 0.0016  0.0048  259 GLY A C   
555 O O   . GLY A 74 ? 0.3818 0.3794 0.3937 -0.0152 0.0021  0.0035  259 GLY A O   
556 N N   . ARG A 75 ? 0.3750 0.3702 0.3776 -0.0106 0.0050  0.0043  260 ARG A N   
557 C CA  . ARG A 75 ? 0.3682 0.3664 0.3713 -0.0088 0.0036  0.0080  260 ARG A CA  
558 C C   . ARG A 75 ? 0.3516 0.3531 0.3555 -0.0071 0.0024  0.0030  260 ARG A C   
559 O O   . ARG A 75 ? 0.3440 0.3417 0.3462 -0.0110 0.0000  0.0056  260 ARG A O   
560 C CB  . ARG A 75 ? 0.3807 0.3777 0.3774 -0.0101 0.0043  0.0044  260 ARG A CB  
561 C CG  . ARG A 75 ? 0.4178 0.4114 0.4189 -0.0075 0.0065  0.0123  260 ARG A CG  
562 C CD  . ARG A 75 ? 0.4837 0.4757 0.4562 -0.0094 0.0012  -0.0037 260 ARG A CD  
563 N NE  . ARG A 75 ? 0.5153 0.5148 0.5166 0.0065  0.0009  -0.0009 260 ARG A NE  
564 C CZ  . ARG A 75 ? 0.5388 0.5370 0.5352 0.0025  0.0028  -0.0037 260 ARG A CZ  
565 N NH1 . ARG A 75 ? 0.5361 0.5446 0.5365 0.0027  -0.0008 -0.0003 260 ARG A NH1 
566 N NH2 . ARG A 75 ? 0.5417 0.5417 0.5526 0.0055  0.0013  0.0012  260 ARG A NH2 
567 N N   . THR A 76 ? 0.3379 0.3388 0.3364 -0.0077 0.0043  0.0024  261 THR A N   
568 C CA  . THR A 76 ? 0.3238 0.3275 0.3207 -0.0104 0.0059  -0.0006 261 THR A CA  
569 C C   . THR A 76 ? 0.3096 0.3192 0.3072 -0.0114 0.0074  -0.0005 261 THR A C   
570 O O   . THR A 76 ? 0.3025 0.3226 0.3038 -0.0176 0.0133  -0.0022 261 THR A O   
571 C CB  . THR A 76 ? 0.3295 0.3290 0.3217 -0.0080 0.0013  -0.0001 261 THR A CB  
572 O OG1 . THR A 76 ? 0.3469 0.3432 0.3376 -0.0118 0.0049  -0.0058 261 THR A OG1 
573 C CG2 . THR A 76 ? 0.3310 0.3325 0.3249 -0.0084 0.0014  0.0004  261 THR A CG2 
574 N N   . TYR A 77 ? 0.2894 0.3048 0.2835 -0.0112 0.0077  0.0012  262 TYR A N   
575 C CA  . TYR A 77 ? 0.2809 0.2962 0.2740 -0.0083 0.0046  -0.0008 262 TYR A CA  
576 C C   . TYR A 77 ? 0.2792 0.2954 0.2708 -0.0068 0.0018  -0.0052 262 TYR A C   
577 O O   . TYR A 77 ? 0.2852 0.2997 0.2682 -0.0083 0.0058  -0.0066 262 TYR A O   
578 C CB  . TYR A 77 ? 0.2798 0.2954 0.2717 -0.0105 0.0063  -0.0003 262 TYR A CB  
579 C CG  . TYR A 77 ? 0.2774 0.2914 0.2781 -0.0123 0.0015  0.0014  262 TYR A CG  
580 C CD1 . TYR A 77 ? 0.2982 0.3139 0.2903 -0.0077 0.0016  0.0010  262 TYR A CD1 
581 C CD2 . TYR A 77 ? 0.2892 0.3117 0.2957 -0.0116 -0.0003 0.0007  262 TYR A CD2 
582 C CE1 . TYR A 77 ? 0.3160 0.3307 0.3066 -0.0127 0.0043  0.0084  262 TYR A CE1 
583 C CE2 . TYR A 77 ? 0.3160 0.3282 0.3166 -0.0090 -0.0057 0.0077  262 TYR A CE2 
584 C CZ  . TYR A 77 ? 0.3148 0.3344 0.3207 -0.0093 0.0039  0.0032  262 TYR A CZ  
585 O OH  . TYR A 77 ? 0.3571 0.3606 0.3593 -0.0148 -0.0005 0.0159  262 TYR A OH  
586 N N   . THR A 78 ? 0.2779 0.2916 0.2646 -0.0030 -0.0007 -0.0095 263 THR A N   
587 C CA  . THR A 78 ? 0.2713 0.2925 0.2642 -0.0015 -0.0015 -0.0058 263 THR A CA  
588 C C   . THR A 78 ? 0.2603 0.2891 0.2563 0.0008  -0.0028 -0.0065 263 THR A C   
589 O O   . THR A 78 ? 0.2641 0.2996 0.2549 0.0004  -0.0053 -0.0083 263 THR A O   
590 C CB  . THR A 78 ? 0.2750 0.2961 0.2675 -0.0016 -0.0023 -0.0065 263 THR A CB  
591 O OG1 . THR A 78 ? 0.2925 0.3291 0.2962 -0.0037 0.0015  -0.0067 263 THR A OG1 
592 C CG2 . THR A 78 ? 0.2866 0.2923 0.2786 -0.0028 0.0004  0.0016  263 THR A CG2 
593 N N   . GLY A 79 ? 0.2478 0.2812 0.2490 0.0000  -0.0062 -0.0081 264 GLY A N   
594 C CA  . GLY A 79 ? 0.2375 0.2763 0.2440 0.0010  -0.0065 -0.0063 264 GLY A CA  
595 C C   . GLY A 79 ? 0.2343 0.2692 0.2349 0.0010  -0.0071 -0.0049 264 GLY A C   
596 O O   . GLY A 79 ? 0.2357 0.2789 0.2411 0.0009  -0.0123 -0.0116 264 GLY A O   
597 N N   . VAL A 80 ? 0.2264 0.2717 0.2236 -0.0003 -0.0070 -0.0093 265 VAL A N   
598 C CA  . VAL A 80 ? 0.2223 0.2670 0.2245 0.0009  -0.0053 -0.0051 265 VAL A CA  
599 C C   . VAL A 80 ? 0.2169 0.2593 0.2195 0.0024  -0.0058 -0.0050 265 VAL A C   
600 O O   . VAL A 80 ? 0.2245 0.2882 0.2283 0.0046  -0.0099 -0.0042 265 VAL A O   
601 C CB  . VAL A 80 ? 0.2273 0.2673 0.2257 0.0028  -0.0061 -0.0041 265 VAL A CB  
602 C CG1 . VAL A 80 ? 0.2319 0.2680 0.2342 0.0025  -0.0027 -0.0047 265 VAL A CG1 
603 C CG2 . VAL A 80 ? 0.2347 0.2717 0.2261 -0.0048 0.0004  -0.0014 265 VAL A CG2 
604 N N   . ARG A 81 ? 0.2140 0.2358 0.2130 0.0019  -0.0073 -0.0032 266 ARG A N   
605 C CA  . ARG A 81 ? 0.2025 0.2216 0.2051 -0.0003 -0.0057 -0.0064 266 ARG A CA  
606 C C   . ARG A 81 ? 0.1973 0.2091 0.1907 0.0002  -0.0070 -0.0068 266 ARG A C   
607 O O   . ARG A 81 ? 0.1775 0.2021 0.1831 -0.0007 -0.0118 -0.0093 266 ARG A O   
608 C CB  . ARG A 81 ? 0.2086 0.2243 0.2185 -0.0044 0.0001  -0.0040 266 ARG A CB  
609 C CG  . ARG A 81 ? 0.2297 0.2492 0.2601 -0.0128 -0.0067 -0.0128 266 ARG A CG  
610 C CD  . ARG A 81 ? 0.2679 0.2847 0.2865 -0.0086 0.0097  -0.0040 266 ARG A CD  
611 N NE  . ARG A 81 ? 0.3060 0.3170 0.3174 -0.0284 0.0028  -0.0091 266 ARG A NE  
612 C CZ  . ARG A 81 ? 0.3155 0.3209 0.3148 -0.0031 0.0073  -0.0024 266 ARG A CZ  
613 N NH1 . ARG A 81 ? 0.3499 0.3434 0.3260 0.0102  -0.0099 -0.0127 266 ARG A NH1 
614 N NH2 . ARG A 81 ? 0.3177 0.3302 0.3045 -0.0103 0.0036  -0.0091 266 ARG A NH2 
615 N N   . SER A 82 ? 0.1888 0.1967 0.1787 0.0071  -0.0050 -0.0085 267 SER A N   
616 C CA  . SER A 82 ? 0.1930 0.1831 0.1691 -0.0009 -0.0028 -0.0071 267 SER A CA  
617 C C   . SER A 82 ? 0.1856 0.1822 0.1656 0.0011  -0.0015 -0.0041 267 SER A C   
618 O O   . SER A 82 ? 0.1828 0.1823 0.1722 0.0001  -0.0034 -0.0001 267 SER A O   
619 C CB  . SER A 82 ? 0.2043 0.1896 0.1654 -0.0002 0.0006  -0.0086 267 SER A CB  
620 O OG  . SER A 82 ? 0.2121 0.1824 0.1650 -0.0090 -0.0029 -0.0071 267 SER A OG  
621 N N   . LEU A 83 ? 0.1800 0.1714 0.1589 0.0026  -0.0068 -0.0034 268 LEU A N   
622 C CA  . LEU A 83 ? 0.1848 0.1762 0.1636 0.0002  0.0021  0.0010  268 LEU A CA  
623 C C   . LEU A 83 ? 0.1899 0.1765 0.1602 0.0028  -0.0013 -0.0003 268 LEU A C   
624 O O   . LEU A 83 ? 0.1933 0.1669 0.1558 -0.0010 -0.0029 0.0052  268 LEU A O   
625 C CB  . LEU A 83 ? 0.1761 0.1708 0.1628 -0.0007 -0.0049 -0.0035 268 LEU A CB  
626 C CG  . LEU A 83 ? 0.1927 0.2007 0.1763 -0.0124 0.0007  0.0011  268 LEU A CG  
627 C CD1 . LEU A 83 ? 0.1901 0.2232 0.2162 0.0012  -0.0048 0.0005  268 LEU A CD1 
628 C CD2 . LEU A 83 ? 0.2242 0.2159 0.1975 -0.0090 0.0043  -0.0087 268 LEU A CD2 
629 N N   . GLU A 84 ? 0.1941 0.1769 0.1666 0.0026  0.0051  -0.0006 269 GLU A N   
630 C CA  . GLU A 84 ? 0.2033 0.1858 0.1623 0.0082  0.0012  -0.0026 269 GLU A CA  
631 C C   . GLU A 84 ? 0.2030 0.1820 0.1605 0.0097  0.0060  -0.0042 269 GLU A C   
632 O O   . GLU A 84 ? 0.2194 0.1854 0.1611 0.0077  0.0130  -0.0092 269 GLU A O   
633 C CB  . GLU A 84 ? 0.2124 0.1841 0.1685 0.0064  0.0005  -0.0031 269 GLU A CB  
634 C CG  . GLU A 84 ? 0.2215 0.2082 0.1882 -0.0039 -0.0104 0.0070  269 GLU A CG  
635 C CD  . GLU A 84 ? 0.2356 0.2143 0.2152 0.0001  -0.0097 0.0062  269 GLU A CD  
636 O OE1 . GLU A 84 ? 0.2530 0.2217 0.2012 -0.0046 -0.0076 0.0006  269 GLU A OE1 
637 O OE2 . GLU A 84 ? 0.2637 0.2321 0.2373 -0.0001 -0.0055 0.0074  269 GLU A OE2 
638 N N   . ALA A 85 ? 0.1931 0.1786 0.1522 0.0054  0.0092  -0.0064 270 ALA A N   
639 C CA  . ALA A 85 ? 0.1887 0.1810 0.1553 0.0060  0.0064  -0.0036 270 ALA A CA  
640 C C   . ALA A 85 ? 0.1795 0.1775 0.1561 0.0055  0.0093  -0.0029 270 ALA A C   
641 O O   . ALA A 85 ? 0.1837 0.1832 0.1634 0.0078  0.0127  -0.0001 270 ALA A O   
642 C CB  . ALA A 85 ? 0.1865 0.1783 0.1579 0.0091  0.0095  -0.0040 270 ALA A CB  
643 N N   . LEU A 86 ? 0.1741 0.1758 0.1490 -0.0015 0.0055  0.0007  271 LEU A N   
644 C CA  . LEU A 86 ? 0.1637 0.1726 0.1455 0.0013  0.0066  0.0046  271 LEU A CA  
645 C C   . LEU A 86 ? 0.1766 0.1770 0.1496 0.0015  0.0015  0.0039  271 LEU A C   
646 O O   . LEU A 86 ? 0.1798 0.1812 0.1519 -0.0018 0.0019  0.0101  271 LEU A O   
647 C CB  . LEU A 86 ? 0.1651 0.1735 0.1376 0.0006  0.0068  0.0047  271 LEU A CB  
648 C CG  . LEU A 86 ? 0.1434 0.1663 0.1343 -0.0087 0.0071  0.0050  271 LEU A CG  
649 C CD1 . LEU A 86 ? 0.1606 0.1701 0.1386 -0.0122 -0.0010 0.0130  271 LEU A CD1 
650 C CD2 . LEU A 86 ? 0.1785 0.1846 0.1705 -0.0106 0.0068  -0.0059 271 LEU A CD2 
651 N N   . ALA A 87 ? 0.1731 0.1859 0.1537 0.0026  -0.0004 0.0039  272 ALA A N   
652 C CA  . ALA A 87 ? 0.1846 0.1846 0.1614 0.0021  0.0008  0.0039  272 ALA A CA  
653 C C   . ALA A 87 ? 0.1923 0.2001 0.1679 0.0055  0.0033  0.0018  272 ALA A C   
654 O O   . ALA A 87 ? 0.2068 0.2030 0.1683 0.0038  0.0126  0.0046  272 ALA A O   
655 C CB  . ALA A 87 ? 0.1833 0.1973 0.1577 0.0026  -0.0034 0.0006  272 ALA A CB  
656 N N   . VAL A 88 ? 0.1971 0.2041 0.1781 0.0056  0.0043  -0.0023 273 VAL A N   
657 C CA  . VAL A 88 ? 0.2026 0.2045 0.1835 0.0066  0.0057  0.0000  273 VAL A CA  
658 C C   . VAL A 88 ? 0.2126 0.2076 0.1931 0.0048  0.0053  0.0022  273 VAL A C   
659 O O   . VAL A 88 ? 0.2298 0.2198 0.1915 0.0067  0.0098  0.0058  273 VAL A O   
660 C CB  . VAL A 88 ? 0.1969 0.1970 0.1879 0.0080  0.0034  0.0013  273 VAL A CB  
661 C CG1 . VAL A 88 ? 0.2069 0.2200 0.1944 0.0050  0.0066  0.0013  273 VAL A CG1 
662 C CG2 . VAL A 88 ? 0.2054 0.2076 0.1870 0.0158  0.0047  -0.0032 273 VAL A CG2 
663 N N   . ALA A 89 ? 0.2185 0.2129 0.1922 0.0003  0.0037  0.0005  274 ALA A N   
664 C CA  . ALA A 89 ? 0.2299 0.2191 0.2031 -0.0046 0.0018  0.0048  274 ALA A CA  
665 C C   . ALA A 89 ? 0.2397 0.2224 0.2121 -0.0044 0.0019  0.0041  274 ALA A C   
666 O O   . ALA A 89 ? 0.2553 0.2343 0.2269 -0.0104 0.0057  0.0030  274 ALA A O   
667 C CB  . ALA A 89 ? 0.2336 0.2109 0.2014 -0.0075 -0.0061 0.0035  274 ALA A CB  
668 N N   . SER A 90 ? 0.2384 0.2282 0.2200 -0.0004 0.0025  0.0034  275 SER A N   
669 C CA  . SER A 90 ? 0.2465 0.2326 0.2259 0.0035  0.0058  0.0002  275 SER A CA  
670 C C   . SER A 90 ? 0.2567 0.2436 0.2370 0.0058  0.0050  0.0017  275 SER A C   
671 O O   . SER A 90 ? 0.2636 0.2456 0.2402 0.0075  0.0074  0.0015  275 SER A O   
672 C CB  . SER A 90 ? 0.2390 0.2269 0.2250 -0.0001 0.0052  0.0028  275 SER A CB  
673 O OG  . SER A 90 ? 0.2371 0.2220 0.2031 0.0065  -0.0007 -0.0033 275 SER A OG  
674 N N   . GLY A 91 ? 0.2705 0.2548 0.2494 0.0042  0.0017  -0.0016 276 GLY A N   
675 C CA  . GLY A 91 ? 0.2818 0.2681 0.2640 0.0068  -0.0006 0.0021  276 GLY A CA  
676 C C   . GLY A 91 ? 0.2896 0.2842 0.2741 0.0079  -0.0014 0.0015  276 GLY A C   
677 O O   . GLY A 91 ? 0.2996 0.2893 0.2835 0.0121  0.0015  0.0059  276 GLY A O   
678 N N   . TYR A 92 ? 0.3004 0.2906 0.2805 0.0079  -0.0031 0.0032  277 TYR A N   
679 C CA  . TYR A 92 ? 0.3077 0.3024 0.2900 0.0065  -0.0052 0.0041  277 TYR A CA  
680 C C   . TYR A 92 ? 0.3293 0.3237 0.3057 0.0076  -0.0045 0.0027  277 TYR A C   
681 O O   . TYR A 92 ? 0.3272 0.3251 0.2989 0.0129  -0.0108 0.0064  277 TYR A O   
682 C CB  . TYR A 92 ? 0.3001 0.2962 0.2825 0.0068  -0.0053 0.0017  277 TYR A CB  
683 C CG  . TYR A 92 ? 0.2878 0.2820 0.2600 0.0084  -0.0116 0.0047  277 TYR A CG  
684 C CD1 . TYR A 92 ? 0.2756 0.2911 0.2404 0.0024  -0.0118 0.0001  277 TYR A CD1 
685 C CD2 . TYR A 92 ? 0.2841 0.2830 0.2695 0.0056  -0.0079 0.0069  277 TYR A CD2 
686 C CE1 . TYR A 92 ? 0.2907 0.2979 0.2513 -0.0022 0.0022  -0.0004 277 TYR A CE1 
687 C CE2 . TYR A 92 ? 0.2838 0.2817 0.2795 0.0045  -0.0024 0.0053  277 TYR A CE2 
688 C CZ  . TYR A 92 ? 0.2926 0.2962 0.2656 -0.0023 0.0013  0.0050  277 TYR A CZ  
689 O OH  . TYR A 92 ? 0.2995 0.3287 0.2761 -0.0036 0.0013  0.0055  277 TYR A OH  
690 N N   . PRO A 93 ? 0.3472 0.3487 0.3336 0.0075  -0.0074 0.0012  278 PRO A N   
691 C CA  . PRO A 93 ? 0.3714 0.3688 0.3582 0.0060  -0.0085 -0.0008 278 PRO A CA  
692 C C   . PRO A 93 ? 0.3915 0.3865 0.3804 0.0020  -0.0075 0.0010  278 PRO A C   
693 O O   . PRO A 93 ? 0.4021 0.3937 0.3891 -0.0003 -0.0067 0.0011  278 PRO A O   
694 C CB  . PRO A 93 ? 0.3673 0.3698 0.3587 0.0051  -0.0099 0.0000  278 PRO A CB  
695 C CG  . PRO A 93 ? 0.3666 0.3669 0.3514 0.0052  -0.0099 0.0009  278 PRO A CG  
696 C CD  . PRO A 93 ? 0.3531 0.3542 0.3386 0.0084  -0.0091 0.0007  278 PRO A CD  
697 N N   . LEU A 94 ? 0.4130 0.4050 0.4029 0.0047  -0.0066 -0.0026 279 LEU A N   
698 C CA  . LEU A 94 ? 0.4273 0.4197 0.4241 0.0008  -0.0052 -0.0017 279 LEU A CA  
699 C C   . LEU A 94 ? 0.4304 0.4258 0.4320 0.0015  -0.0050 -0.0026 279 LEU A C   
700 O O   . LEU A 94 ? 0.4321 0.4324 0.4373 0.0012  -0.0078 -0.0055 279 LEU A O   
701 C CB  . LEU A 94 ? 0.4341 0.4294 0.4334 0.0016  -0.0044 -0.0006 279 LEU A CB  
702 C CG  . LEU A 94 ? 0.4535 0.4505 0.4471 0.0016  -0.0029 -0.0023 279 LEU A CG  
703 C CD1 . LEU A 94 ? 0.4661 0.4679 0.4714 0.0107  -0.0005 0.0013  279 LEU A CD1 
704 C CD2 . LEU A 94 ? 0.4679 0.4647 0.4554 0.0031  -0.0024 0.0025  279 LEU A CD2 
705 O O   . HOH B .  ? 0.0903 0.2254 0.0821 0.0282  -0.0001 -0.0297 1   HOH A O   
706 O O   . HOH B .  ? 0.2056 0.2424 0.1919 -0.0267 -0.0238 0.0236  2   HOH A O   
707 O O   . HOH B .  ? 0.2959 0.2333 0.2496 -0.0035 0.0012  -0.0184 3   HOH A O   
708 O O   . HOH B .  ? 0.1699 0.2039 0.1974 -0.0134 -0.0063 0.0027  4   HOH A O   
709 O O   . HOH B .  ? 0.2033 0.2002 0.2242 0.0312  0.0196  0.0007  5   HOH A O   
710 O O   . HOH B .  ? 0.2591 0.2536 0.1864 -0.0320 -0.0189 0.0120  6   HOH A O   
711 O O   . HOH B .  ? 0.2901 0.3348 0.2996 0.0041  0.0193  -0.0105 7   HOH A O   
712 O O   . HOH B .  ? 0.2456 0.2343 0.2393 0.0129  -0.0115 -0.0081 8   HOH A O   
713 O O   . HOH B .  ? 0.3048 0.3360 0.2961 0.0113  0.0081  -0.0012 9   HOH A O   
714 O O   . HOH B .  ? 0.2663 0.2667 0.2318 0.0842  -0.0289 0.0091  10  HOH A O   
715 O O   . HOH B .  ? 0.3280 0.3592 0.3632 0.0077  0.0117  0.0132  11  HOH A O   
716 O O   . HOH B .  ? 0.2745 0.2574 0.2584 -0.0116 -0.0171 -0.0034 12  HOH A O   
717 O O   . HOH B .  ? 0.2455 0.2276 0.2317 0.0116  0.0010  -0.0001 13  HOH A O   
718 O O   . HOH B .  ? 0.2853 0.3049 0.2606 -0.0278 -0.0028 0.0168  14  HOH A O   
719 O O   . HOH B .  ? 0.2529 0.2177 0.2343 0.0190  -0.0095 -0.0123 15  HOH A O   
720 O O   . HOH B .  ? 0.2160 0.2670 0.2187 -0.0235 -0.0033 -0.0124 16  HOH A O   
721 O O   . HOH B .  ? 0.2569 0.2912 0.2734 -0.0290 -0.0120 0.0009  17  HOH A O   
722 O O   . HOH B .  ? 0.3605 0.3362 0.3074 -0.0229 0.0169  -0.0106 18  HOH A O   
723 O O   . HOH B .  ? 0.1787 0.1789 0.1712 -0.0027 -0.0175 0.0013  19  HOH A O   
724 O O   . HOH B .  ? 0.3240 0.3001 0.2818 -0.0306 -0.0002 0.0064  20  HOH A O   
725 O O   . HOH B .  ? 0.3002 0.2749 0.3118 0.0210  0.0048  -0.0111 21  HOH A O   
726 O O   . HOH B .  ? 0.5028 0.5001 0.4962 0.0006  0.0008  -0.0056 22  HOH A O   
727 O O   . HOH B .  ? 0.3590 0.3300 0.2951 0.0078  -0.0107 -0.0109 23  HOH A O   
728 O O   . HOH B .  ? 0.3966 0.3869 0.3877 -0.0011 -0.0022 0.0150  24  HOH A O   
729 O O   . HOH B .  ? 0.3093 0.3164 0.3050 0.0142  -0.0045 -0.0060 25  HOH A O   
730 O O   . HOH B .  ? 0.3484 0.3395 0.3251 0.0092  -0.0177 -0.0106 26  HOH A O   
731 O O   . HOH B .  ? 0.3896 0.3836 0.3987 0.0053  0.0036  0.0140  27  HOH A O   
732 O O   . HOH B .  ? 0.3948 0.4099 0.4071 0.0210  -0.0118 -0.0093 28  HOH A O   
733 O O   . HOH B .  ? 0.3164 0.2859 0.3202 0.0104  -0.0012 -0.0057 29  HOH A O   
734 O O   . HOH B .  ? 0.4444 0.4413 0.4491 0.0001  -0.0049 -0.0139 30  HOH A O   
735 O O   . HOH B .  ? 0.3933 0.3943 0.4461 0.0135  0.0000  0.0029  31  HOH A O   
736 O O   . HOH B .  ? 0.2877 0.3118 0.2865 0.0062  0.0026  0.0067  32  HOH A O   
737 O O   . HOH B .  ? 0.5297 0.5376 0.5247 -0.0130 -0.0026 0.0000  33  HOH A O   
738 O O   . HOH B .  ? 0.3053 0.3362 0.3153 -0.0128 0.0102  -0.0098 34  HOH A O   
739 O O   . HOH B .  ? 0.4135 0.3964 0.4029 -0.0081 -0.0059 0.0001  35  HOH A O   
740 O O   . HOH B .  ? 0.4126 0.4239 0.3799 -0.0366 0.0230  0.0000  36  HOH A O   
741 O O   . HOH B .  ? 0.3794 0.3897 0.3612 0.0280  -0.0104 0.0083  37  HOH A O   
742 O O   . HOH B .  ? 0.3814 0.3916 0.4096 -0.0071 -0.0010 -0.0095 38  HOH A O   
743 O O   . HOH B .  ? 0.2975 0.3041 0.2805 0.0207  0.0079  -0.0109 39  HOH A O   
744 O O   . HOH B .  ? 0.3602 0.3831 0.3719 0.0002  -0.0010 -0.0052 40  HOH A O   
745 O O   . HOH B .  ? 0.5069 0.5157 0.5239 -0.0080 0.0156  0.0106  41  HOH A O   
746 O O   . HOH B .  ? 0.4788 0.4779 0.4672 -0.0075 -0.0017 0.0041  42  HOH A O   
747 O O   . HOH B .  ? 0.4810 0.5122 0.4573 -0.0029 -0.0059 -0.0026 43  HOH A O   
748 O O   . HOH B .  ? 0.6002 0.5863 0.5741 0.0120  -0.0122 -0.0045 45  HOH A O   
749 O O   . HOH B .  ? 0.3959 0.4268 0.4054 -0.0208 -0.0239 0.0155  46  HOH A O   
750 O O   . HOH B .  ? 0.5316 0.5312 0.5242 0.0068  -0.0030 0.0040  47  HOH A O   
751 O O   . HOH B .  ? 0.4464 0.4233 0.4604 0.0150  -0.0046 0.0146  48  HOH A O   
752 O O   . HOH B .  ? 0.5824 0.5765 0.5691 -0.0078 0.0061  -0.0088 49  HOH A O   
753 O O   . HOH B .  ? 0.3579 0.3695 0.3662 -0.0114 0.0048  0.0029  50  HOH A O   
754 O O   . HOH B .  ? 0.4769 0.4630 0.4386 -0.0138 -0.0089 0.0032  52  HOH A O   
755 O O   . HOH B .  ? 0.4932 0.4743 0.4907 0.0088  -0.0095 -0.0084 53  HOH A O   
756 O O   . HOH B .  ? 0.2574 0.2170 0.2650 0.0225  -0.0032 -0.0166 54  HOH A O   
757 O O   . HOH B .  ? 0.4434 0.4636 0.4312 -0.0245 0.0132  -0.0031 55  HOH A O   
# 
